data_6QUB
#
_entry.id   6QUB
#
_cell.length_a   112.781
_cell.length_b   54.592
_cell.length_c   143.357
_cell.angle_alpha   90.00
_cell.angle_beta   107.72
_cell.angle_gamma   90.00
#
_symmetry.space_group_name_H-M   'P 1 21 1'
#
loop_
_entity.id
_entity.type
_entity.pdbx_description
1 polymer Beta-galactosidase
2 polymer Beta-galactosidase
3 non-polymer beta-D-galactopyranose
4 non-polymer 'CALCIUM ION'
5 water water
#
loop_
_entity_poly.entity_id
_entity_poly.type
_entity_poly.pdbx_seq_one_letter_code
_entity_poly.pdbx_strand_id
1 'polypeptide(L)'
;VEDATRSDSTTQMSSTPEVVYSSAVDSKQNRTSDFDANWKFMLSDSVQAQDPAFDDSAWQQVDLPHDYSITQKYSQSNEA
ESAYLPGGTGWYRKSFTIDRDLAGKRIAINFDGVYMNATVWFNGVKLGTHPYGYSPFSFDLTGNAKFGGENTIVVKVENR
LPSSRWYSGSGIYRDVTLTVTDGVHVGNNGVAIKTPSLATQNGGDVTMNLTTKVANDTEAAANITLKQTVFPKGGKTDAA
IGTVTTASKSIAAGASADVTSTITAASPKLWSIKNPNLYTVRTEVLNGGKVLDTYDTEYGFRWTGFDATSGFSLNGEKVK
LKGVSMHHDQGSLGAVANRRAIERQVEILQKMGVNSIRTTHNPAAKALIDVCNEKGVLVVEEVFDMWNRSKNGNTEDYGK
WFGQAIAGDNAVLGGDKDETWAKFDLTSTINRDRNAPSVIMWSLGNEMMEGISGSVSGFPATSAKLVAWTKAADSTRPMT
YGDNKIKANWNESNTMGDNLTANGGVVGTNYSDGANYDKIRTTHPSWAIYGSETASAINSRGIYNRTTGGAQSSDKQLTS
YDNSAVGWGAVASSAWYDVVQRDFVAGTYVWTGFDYLGEPTPWNGTGSGAVGSWPSPKNSYFGIVDTAGFPKDTYYFYQS
QWNDDVHTLHILPAWNENVVAKGSGNNVPVVVYTDAAKVKLYFTPKGSTEKRLIGEKSFTKKTTAAGYTYQVYEGSDKDS
TAHKNMYLTWNVPWAEGTISAEAYDENNRLIPEGSTEGNASVTTTGKAAKLKADADRKTITADGKDLSYIEVDVTDANGH
IVPDAANRVTFDVKGAGKLVGVDNGSSPDHDSYQADNRKAFSGKVLAIVQSTKEAGEITVTAKADGLQSSTVKIATTAVP
GTSTE
;
A
2 'polypeptide(L)'
;AVDSKQNRTSDFDANWKFMLSDSVQAQDPAFDDSAWQQVDLPHDYSITQKYSQSNEAESAYLPGGTGWYRKSFTIDRDLA
GKRIAINFDGVYMNATVWFNGVKLGTHPYGYSPFSFDLTGNAKFGGENTIVVKVENRLPSSRWYSGSGIYRDVTLTVTDG
VHVGNNGVAIKTPSLATQNGGDVTMNLTTKVANDTEAAANITLKQTVFPKGGKTDAAIGTVTTASKSIAAGASADVTSTI
TAASPKLWSIKNPNLYTVRTEVLNGGKVLDTYDTEYGFRWTGFDATSGFSLNGEKVKLKGVSMHHDQGSLGAVANRRAIE
RQVEILQKMGVNSIRTTHNPAAKALIDVCNEKGVLVVEEVFDMWNRSKNGNTEDYGKWFGQAIAGDNAVLGGDKDETWAK
FDLTSTINRDRNAPSVIMWSLGNEMMEGISGSVSGFPATSAKLVAWTKAADSTRPMTYGDNKIKANWNESNTMGDNLTAN
GGVVGTNYSDGANYDKIRTTHPSWAIYGSETASAINSRGIYNRTTGGAQSSDKQLTSYDNSAVGWGAVASSAWYDVVQRD
FVAGTYVWTGFDYLGEPTPWNGTGSGAVGSWPSPKNSYFGIVDTAGFPKDTYYFYQSQWNDDVHTLHILPAWNENVVAKG
SGNNVPVVVYTDAAKVKLYFTPKGSTEKRLIGEKSFTKKTTAAGYTYQVYEGSDKDSTAHKNMYLTWNVPWAEGTISAEA
YDENNRLIPEGSTEGNASVTTTGKAAKLKADADRKTITADGKDLSYIEVDVTDANGHIVPDAANRVTFDVKGAGKLVGVD
NGSSPDHDSYQADNRKAFSGKVLAIVQSTKEAGEITVTAKADGLQSSTVKIATTAVP
;
B
#
loop_
_chem_comp.id
_chem_comp.type
_chem_comp.name
_chem_comp.formula
CA non-polymer 'CALCIUM ION' 'Ca 2'
GAL D-saccharide, beta linking beta-D-galactopyranose 'C6 H12 O6'
#
# COMPACT_ATOMS: atom_id res chain seq x y z
N ALA A 24 4.57 0.48 6.57
CA ALA A 24 3.48 0.84 5.68
C ALA A 24 2.98 -0.37 4.89
N VAL A 25 1.98 -1.07 5.44
CA VAL A 25 1.51 -2.33 4.90
C VAL A 25 0.15 -2.11 4.26
N ASP A 26 0.04 -2.40 2.96
CA ASP A 26 -1.21 -2.19 2.21
C ASP A 26 -1.28 -3.20 1.07
N SER A 27 -2.20 -2.94 0.13
CA SER A 27 -2.49 -3.84 -0.98
C SER A 27 -1.54 -3.70 -2.16
N LYS A 28 -0.63 -2.72 -2.16
CA LYS A 28 0.41 -2.72 -3.18
C LYS A 28 1.40 -3.86 -2.97
N GLN A 29 1.49 -4.38 -1.75
CA GLN A 29 2.38 -5.50 -1.45
C GLN A 29 1.96 -6.76 -2.20
N ASN A 30 2.94 -7.59 -2.49
CA ASN A 30 2.66 -8.95 -2.93
C ASN A 30 2.08 -9.76 -1.78
N ARG A 31 1.41 -10.86 -2.12
CA ARG A 31 0.90 -11.80 -1.13
C ARG A 31 1.92 -12.10 -0.04
N THR A 32 3.16 -12.38 -0.42
CA THR A 32 4.27 -12.48 0.52
C THR A 32 5.29 -11.40 0.17
N SER A 33 5.62 -10.55 1.13
CA SER A 33 6.44 -9.38 0.86
C SER A 33 7.58 -9.28 1.86
N ASP A 34 8.68 -8.69 1.39
CA ASP A 34 9.86 -8.50 2.21
C ASP A 34 9.55 -7.59 3.39
N PHE A 35 9.91 -8.04 4.59
CA PHE A 35 9.66 -7.29 5.81
C PHE A 35 10.96 -6.99 6.56
N ASP A 36 12.10 -6.99 5.84
CA ASP A 36 13.40 -6.84 6.47
C ASP A 36 13.73 -5.41 6.89
N ALA A 37 13.16 -4.41 6.23
CA ALA A 37 13.66 -3.05 6.38
C ALA A 37 13.22 -2.42 7.69
N ASN A 38 14.09 -1.56 8.23
CA ASN A 38 13.71 -0.56 9.22
C ASN A 38 13.21 -1.13 10.54
N TRP A 39 14.02 -1.96 11.17
CA TRP A 39 13.78 -2.45 12.53
C TRP A 39 14.62 -1.65 13.52
N LYS A 40 14.17 -1.65 14.77
CA LYS A 40 14.96 -1.14 15.89
C LYS A 40 15.57 -2.30 16.64
N PHE A 41 16.81 -2.15 17.10
CA PHE A 41 17.49 -3.21 17.82
C PHE A 41 18.18 -2.69 19.07
N MET A 42 18.19 -3.51 20.11
CA MET A 42 18.88 -3.17 21.35
C MET A 42 19.33 -4.46 22.02
N LEU A 43 20.62 -4.53 22.34
CA LEU A 43 21.18 -5.61 23.13
C LEU A 43 21.01 -5.26 24.60
N SER A 44 20.31 -6.12 25.34
CA SER A 44 20.02 -5.88 26.76
C SER A 44 19.28 -7.06 27.38
N ASP A 45 19.79 -7.58 28.50
CA ASP A 45 19.08 -8.62 29.23
C ASP A 45 18.27 -8.07 30.40
N SER A 46 18.11 -6.75 30.47
CA SER A 46 17.29 -6.14 31.50
C SER A 46 16.06 -5.43 30.97
N VAL A 47 16.09 -4.93 29.73
CA VAL A 47 14.99 -4.16 29.19
C VAL A 47 13.77 -5.07 28.99
N GLN A 48 12.57 -4.50 29.14
CA GLN A 48 11.29 -5.18 28.91
C GLN A 48 10.50 -4.33 27.92
N ALA A 49 10.63 -4.65 26.62
CA ALA A 49 10.25 -3.74 25.55
C ALA A 49 9.09 -4.27 24.71
N GLN A 50 8.20 -5.04 25.30
CA GLN A 50 7.12 -5.62 24.50
C GLN A 50 5.98 -4.66 24.20
N ASP A 51 5.84 -3.57 24.96
CA ASP A 51 4.65 -2.74 24.79
C ASP A 51 4.82 -1.79 23.61
N PRO A 52 3.74 -1.55 22.84
CA PRO A 52 3.82 -0.59 21.74
C PRO A 52 4.35 0.77 22.15
N ALA A 53 3.94 1.28 23.31
CA ALA A 53 4.30 2.61 23.77
C ALA A 53 5.73 2.71 24.29
N PHE A 54 6.47 1.60 24.33
CA PHE A 54 7.86 1.65 24.74
C PHE A 54 8.66 2.60 23.85
N ASP A 55 9.51 3.40 24.48
CA ASP A 55 10.30 4.41 23.78
C ASP A 55 11.59 3.78 23.27
N ASP A 56 11.64 3.49 21.97
CA ASP A 56 12.83 2.95 21.33
C ASP A 56 13.56 3.99 20.48
N SER A 57 13.35 5.27 20.76
CA SER A 57 13.91 6.33 19.92
C SER A 57 15.43 6.36 19.94
N ALA A 58 16.06 5.75 20.96
CA ALA A 58 17.52 5.72 21.05
C ALA A 58 18.10 4.38 20.61
N TRP A 59 17.27 3.44 20.14
CA TRP A 59 17.75 2.14 19.73
C TRP A 59 18.46 2.20 18.38
N GLN A 60 19.25 1.17 18.10
CA GLN A 60 19.88 1.06 16.79
C GLN A 60 18.82 0.82 15.72
N GLN A 61 19.10 1.30 14.52
CA GLN A 61 18.23 1.12 13.37
C GLN A 61 18.92 0.17 12.40
N VAL A 62 18.30 -0.97 12.12
CA VAL A 62 18.92 -2.02 11.33
C VAL A 62 17.94 -2.57 10.31
N ASP A 63 18.48 -3.08 9.20
CA ASP A 63 17.76 -3.91 8.25
C ASP A 63 18.13 -5.36 8.50
N LEU A 64 17.12 -6.23 8.48
CA LEU A 64 17.37 -7.67 8.58
C LEU A 64 17.80 -8.18 7.20
N PRO A 65 18.51 -9.33 7.15
CA PRO A 65 18.98 -10.17 8.27
C PRO A 65 20.13 -9.52 9.06
N HIS A 66 20.29 -9.93 10.31
CA HIS A 66 21.09 -9.22 11.30
C HIS A 66 21.62 -10.22 12.32
N ASP A 67 22.88 -10.04 12.72
CA ASP A 67 23.57 -10.92 13.65
C ASP A 67 24.21 -10.05 14.72
N TYR A 68 23.72 -10.14 15.96
CA TYR A 68 24.23 -9.26 17.01
C TYR A 68 25.35 -9.88 17.83
N SER A 69 25.82 -11.07 17.48
CA SER A 69 27.04 -11.60 18.08
C SER A 69 28.29 -11.08 17.36
N ILE A 70 28.20 -10.96 16.03
CA ILE A 70 29.39 -10.72 15.20
C ILE A 70 29.98 -9.34 15.43
N THR A 71 29.22 -8.41 16.00
CA THR A 71 29.74 -7.09 16.29
C THR A 71 30.21 -6.94 17.74
N GLN A 72 30.02 -7.95 18.57
CA GLN A 72 30.54 -7.87 19.93
C GLN A 72 32.01 -8.30 19.96
N LYS A 73 32.70 -7.91 21.03
CA LYS A 73 34.13 -8.15 21.14
C LYS A 73 34.43 -9.60 21.51
N TYR A 74 35.57 -10.09 21.03
CA TYR A 74 36.06 -11.38 21.49
C TYR A 74 36.45 -11.29 22.96
N SER A 75 36.25 -12.38 23.69
CA SER A 75 36.57 -12.42 25.11
C SER A 75 37.04 -13.82 25.48
N GLN A 76 38.21 -13.92 26.11
CA GLN A 76 38.74 -15.25 26.40
C GLN A 76 37.94 -15.99 27.46
N SER A 77 37.08 -15.32 28.21
CA SER A 77 36.20 -16.02 29.13
C SER A 77 34.99 -16.65 28.46
N ASN A 78 34.82 -16.43 27.14
CA ASN A 78 33.84 -17.18 26.38
C ASN A 78 34.45 -18.50 25.94
N GLU A 79 33.89 -19.15 24.91
CA GLU A 79 34.30 -20.50 24.55
C GLU A 79 34.85 -20.54 23.13
N ALA A 80 35.97 -21.24 22.97
CA ALA A 80 36.62 -21.32 21.66
C ALA A 80 35.70 -21.95 20.62
N GLU A 81 34.94 -22.97 21.00
CA GLU A 81 34.13 -23.68 20.03
C GLU A 81 33.11 -22.76 19.37
N SER A 82 32.69 -21.69 20.05
CA SER A 82 31.77 -20.72 19.46
C SER A 82 32.47 -19.39 19.19
N ALA A 83 33.78 -19.44 18.93
CA ALA A 83 34.61 -18.34 18.43
C ALA A 83 34.84 -17.24 19.47
N TYR A 84 34.71 -17.55 20.76
CA TYR A 84 34.89 -16.61 21.86
C TYR A 84 33.94 -15.41 21.78
N LEU A 85 32.91 -15.49 20.96
CA LEU A 85 31.98 -14.37 20.87
C LEU A 85 30.78 -14.62 21.75
N PRO A 86 30.25 -13.61 22.43
CA PRO A 86 29.08 -13.81 23.29
C PRO A 86 27.80 -13.88 22.45
N GLY A 87 26.73 -14.30 23.10
CA GLY A 87 25.40 -14.19 22.53
C GLY A 87 24.62 -13.12 23.24
N GLY A 88 23.67 -13.53 24.08
CA GLY A 88 22.96 -12.60 24.93
C GLY A 88 21.52 -12.40 24.48
N THR A 89 20.86 -11.44 25.12
CA THR A 89 19.46 -11.17 24.87
C THR A 89 19.34 -9.95 23.97
N GLY A 90 18.68 -10.14 22.83
CA GLY A 90 18.49 -9.06 21.85
C GLY A 90 17.01 -8.82 21.61
N TRP A 91 16.65 -7.55 21.47
CA TRP A 91 15.27 -7.15 21.22
C TRP A 91 15.16 -6.49 19.86
N TYR A 92 14.13 -6.86 19.10
CA TYR A 92 13.82 -6.25 17.81
C TYR A 92 12.42 -5.67 17.88
N ARG A 93 12.27 -4.44 17.40
CA ARG A 93 10.96 -3.79 17.35
C ARG A 93 10.77 -3.15 15.99
N LYS A 94 9.53 -3.19 15.48
CA LYS A 94 9.19 -2.50 14.26
C LYS A 94 7.77 -1.99 14.37
N SER A 95 7.58 -0.69 14.21
CA SER A 95 6.27 -0.07 14.24
C SER A 95 5.84 0.24 12.81
N PHE A 96 4.59 -0.08 12.47
CA PHE A 96 4.19 0.06 11.08
C PHE A 96 2.68 0.21 10.98
N THR A 97 2.24 0.84 9.90
CA THR A 97 0.82 1.04 9.64
C THR A 97 0.27 -0.18 8.91
N ILE A 98 -0.95 -0.56 9.25
CA ILE A 98 -1.71 -1.51 8.45
C ILE A 98 -2.83 -0.70 7.80
N ASP A 99 -2.78 -0.55 6.48
CA ASP A 99 -3.75 0.29 5.79
C ASP A 99 -5.14 -0.30 5.92
N ARG A 100 -6.14 0.58 5.88
CA ARG A 100 -7.53 0.14 5.94
C ARG A 100 -7.91 -0.71 4.73
N ASP A 101 -7.16 -0.65 3.64
CA ASP A 101 -7.56 -1.49 2.51
C ASP A 101 -7.27 -2.96 2.72
N LEU A 102 -6.64 -3.34 3.84
CA LEU A 102 -6.43 -4.73 4.21
C LEU A 102 -7.44 -5.22 5.23
N ALA A 103 -8.46 -4.43 5.57
CA ALA A 103 -9.49 -4.89 6.49
C ALA A 103 -10.15 -6.16 5.98
N GLY A 104 -10.34 -7.12 6.87
CA GLY A 104 -10.89 -8.41 6.49
C GLY A 104 -9.89 -9.41 5.95
N LYS A 105 -8.63 -9.03 5.79
CA LYS A 105 -7.59 -9.92 5.28
C LYS A 105 -6.87 -10.63 6.42
N ARG A 106 -6.22 -11.74 6.09
CA ARG A 106 -5.39 -12.48 7.02
C ARG A 106 -3.95 -12.01 6.87
N ILE A 107 -3.27 -11.76 8.00
CA ILE A 107 -1.90 -11.28 8.01
C ILE A 107 -1.05 -12.16 8.91
N ALA A 108 0.12 -12.58 8.42
CA ALA A 108 1.06 -13.38 9.20
C ALA A 108 2.46 -12.85 8.99
N ILE A 109 3.32 -13.08 9.97
CA ILE A 109 4.74 -12.76 9.87
C ILE A 109 5.51 -14.08 9.86
N ASN A 110 6.47 -14.20 8.96
CA ASN A 110 7.19 -15.44 8.72
C ASN A 110 8.68 -15.22 8.98
N PHE A 111 9.26 -16.08 9.80
CA PHE A 111 10.69 -16.05 10.11
C PHE A 111 11.34 -17.27 9.47
N ASP A 112 12.35 -17.04 8.62
CA ASP A 112 13.10 -18.16 8.09
C ASP A 112 14.09 -18.72 9.10
N GLY A 113 14.43 -17.96 10.14
CA GLY A 113 15.32 -18.43 11.18
C GLY A 113 15.65 -17.35 12.20
N VAL A 114 15.59 -17.69 13.49
CA VAL A 114 15.98 -16.77 14.56
C VAL A 114 16.76 -17.56 15.58
N TYR A 115 18.01 -17.14 15.85
CA TYR A 115 18.86 -17.87 16.79
C TYR A 115 19.07 -17.09 18.08
N MET A 116 18.53 -17.56 19.21
CA MET A 116 17.55 -18.65 19.30
C MET A 116 16.62 -18.23 20.44
N ASN A 117 15.66 -19.08 20.79
CA ASN A 117 14.72 -18.79 21.87
C ASN A 117 14.01 -17.46 21.63
N ALA A 118 13.26 -17.43 20.53
CA ALA A 118 12.52 -16.23 20.16
C ALA A 118 11.22 -16.16 20.96
N THR A 119 10.84 -14.95 21.36
CA THR A 119 9.51 -14.67 21.87
C THR A 119 8.91 -13.55 21.02
N VAL A 120 7.65 -13.69 20.64
CA VAL A 120 7.03 -12.75 19.71
C VAL A 120 5.79 -12.17 20.38
N TRP A 121 5.72 -10.84 20.39
CA TRP A 121 4.53 -10.10 20.79
C TRP A 121 4.03 -9.30 19.60
N PHE A 122 2.72 -9.06 19.56
CA PHE A 122 2.13 -8.16 18.58
C PHE A 122 1.16 -7.24 19.32
N ASN A 123 1.46 -5.94 19.31
CA ASN A 123 0.65 -4.94 20.01
C ASN A 123 0.49 -5.30 21.49
N GLY A 124 1.63 -5.67 22.09
CA GLY A 124 1.70 -5.99 23.50
C GLY A 124 1.24 -7.39 23.87
N VAL A 125 0.67 -8.15 22.94
CA VAL A 125 0.10 -9.46 23.25
C VAL A 125 1.14 -10.52 22.89
N LYS A 126 1.49 -11.36 23.85
CA LYS A 126 2.40 -12.46 23.58
C LYS A 126 1.76 -13.47 22.64
N LEU A 127 2.44 -13.76 21.54
CA LEU A 127 1.95 -14.75 20.58
C LEU A 127 2.52 -16.13 20.81
N GLY A 128 3.78 -16.23 21.24
CA GLY A 128 4.37 -17.53 21.50
C GLY A 128 5.89 -17.43 21.47
N THR A 129 6.51 -18.60 21.38
CA THR A 129 7.96 -18.73 21.44
C THR A 129 8.43 -19.74 20.42
N HIS A 130 9.75 -19.70 20.14
CA HIS A 130 10.35 -20.75 19.32
C HIS A 130 11.80 -20.98 19.73
N PRO A 131 12.12 -22.15 20.27
CA PRO A 131 13.51 -22.41 20.70
C PRO A 131 14.53 -22.56 19.56
N TYR A 132 14.31 -23.49 18.62
CA TYR A 132 15.36 -23.89 17.70
C TYR A 132 15.86 -22.73 16.85
N GLY A 133 17.17 -22.57 16.75
CA GLY A 133 17.69 -21.42 16.04
C GLY A 133 17.78 -21.54 14.54
N TYR A 134 17.45 -22.68 13.95
CA TYR A 134 17.69 -22.92 12.54
C TYR A 134 16.45 -23.33 11.73
N SER A 135 15.29 -23.48 12.35
CA SER A 135 14.09 -23.89 11.60
C SER A 135 13.13 -22.73 11.42
N PRO A 136 12.36 -22.71 10.32
CA PRO A 136 11.46 -21.59 10.07
C PRO A 136 10.16 -21.73 10.86
N PHE A 137 9.52 -20.58 11.09
CA PHE A 137 8.29 -20.53 11.87
C PHE A 137 7.55 -19.23 11.57
N SER A 138 6.27 -19.19 11.95
N SER A 138 6.27 -19.20 11.94
CA SER A 138 5.46 -18.02 11.67
CA SER A 138 5.40 -18.07 11.64
C SER A 138 4.39 -17.84 12.74
C SER A 138 4.43 -17.83 12.79
N PHE A 139 3.83 -16.63 12.78
CA PHE A 139 2.74 -16.30 13.69
C PHE A 139 1.65 -15.57 12.91
N ASP A 140 0.40 -15.93 13.20
CA ASP A 140 -0.72 -15.17 12.67
C ASP A 140 -0.81 -13.83 13.41
N LEU A 141 -0.93 -12.75 12.65
CA LEU A 141 -1.10 -11.42 13.23
C LEU A 141 -2.52 -10.91 13.21
N THR A 142 -3.43 -11.60 12.50
CA THR A 142 -4.78 -11.08 12.27
C THR A 142 -5.51 -10.80 13.58
N GLY A 143 -5.44 -11.74 14.53
CA GLY A 143 -6.22 -11.61 15.75
C GLY A 143 -5.91 -10.37 16.57
N ASN A 144 -4.66 -9.90 16.52
CA ASN A 144 -4.22 -8.77 17.35
C ASN A 144 -3.92 -7.53 16.54
N ALA A 145 -4.18 -7.55 15.24
CA ALA A 145 -3.85 -6.42 14.37
C ALA A 145 -4.80 -5.25 14.59
N LYS A 146 -4.25 -4.04 14.46
CA LYS A 146 -5.05 -2.82 14.42
C LYS A 146 -5.16 -2.39 12.97
N PHE A 147 -6.27 -2.77 12.32
CA PHE A 147 -6.48 -2.42 10.93
C PHE A 147 -6.81 -0.95 10.80
N GLY A 148 -6.09 -0.25 9.92
CA GLY A 148 -6.24 1.19 9.82
C GLY A 148 -5.54 1.97 10.90
N GLY A 149 -4.54 1.37 11.56
CA GLY A 149 -3.86 2.03 12.65
C GLY A 149 -2.41 1.65 12.76
N GLU A 150 -1.76 2.13 13.83
CA GLU A 150 -0.36 1.80 14.09
C GLU A 150 -0.23 0.44 14.74
N ASN A 151 0.81 -0.30 14.36
CA ASN A 151 1.08 -1.62 14.91
C ASN A 151 2.55 -1.75 15.27
N THR A 152 2.84 -2.57 16.29
CA THR A 152 4.21 -2.85 16.71
C THR A 152 4.39 -4.35 16.92
N ILE A 153 5.30 -4.95 16.16
CA ILE A 153 5.73 -6.32 16.37
C ILE A 153 7.05 -6.29 17.13
N VAL A 154 7.23 -7.23 18.06
CA VAL A 154 8.37 -7.23 18.95
C VAL A 154 8.90 -8.66 19.03
N VAL A 155 10.21 -8.83 18.85
CA VAL A 155 10.86 -10.14 18.93
C VAL A 155 11.97 -10.04 19.96
N LYS A 156 11.88 -10.84 21.00
CA LYS A 156 12.96 -11.01 21.97
C LYS A 156 13.73 -12.27 21.60
N VAL A 157 15.06 -12.18 21.60
CA VAL A 157 15.92 -13.30 21.25
C VAL A 157 16.83 -13.57 22.45
N GLU A 158 16.88 -14.83 22.89
CA GLU A 158 17.69 -15.21 24.05
C GLU A 158 18.64 -16.32 23.64
N ASN A 159 19.79 -15.92 23.09
CA ASN A 159 20.84 -16.89 22.81
C ASN A 159 21.75 -16.95 24.04
N ARG A 160 21.30 -17.71 25.03
CA ARG A 160 22.09 -17.93 26.23
C ARG A 160 23.15 -18.99 25.93
N LEU A 161 24.42 -18.63 26.10
CA LEU A 161 25.50 -19.58 25.89
C LEU A 161 25.65 -20.48 27.12
N PRO A 162 26.16 -21.71 26.94
CA PRO A 162 26.62 -22.32 25.69
C PRO A 162 25.51 -23.11 24.97
N SER A 163 25.40 -22.92 23.66
CA SER A 163 24.31 -23.55 22.92
C SER A 163 24.75 -24.18 21.61
N SER A 164 26.05 -24.25 21.32
CA SER A 164 26.45 -24.69 19.99
C SER A 164 27.89 -25.20 20.02
N ARG A 165 28.15 -26.24 19.22
CA ARG A 165 29.51 -26.71 19.00
C ARG A 165 30.26 -25.87 17.97
N TRP A 166 29.61 -24.89 17.36
CA TRP A 166 30.22 -23.98 16.39
C TRP A 166 29.68 -22.58 16.64
N TYR A 167 30.19 -21.59 15.92
CA TYR A 167 29.64 -20.25 16.04
C TYR A 167 28.23 -20.20 15.45
N SER A 168 27.26 -19.84 16.28
CA SER A 168 25.89 -19.79 15.80
C SER A 168 25.50 -18.41 15.29
N GLY A 169 26.05 -17.35 15.87
CA GLY A 169 25.48 -16.03 15.72
C GLY A 169 24.24 -15.89 16.61
N SER A 170 23.72 -14.68 16.65
CA SER A 170 22.52 -14.41 17.45
C SER A 170 21.62 -13.44 16.68
N GLY A 171 20.31 -13.64 16.77
CA GLY A 171 19.34 -12.69 16.27
C GLY A 171 18.53 -13.19 15.09
N ILE A 172 17.94 -12.24 14.38
CA ILE A 172 17.09 -12.55 13.21
C ILE A 172 18.01 -12.52 12.01
N TYR A 173 18.76 -13.61 11.85
CA TYR A 173 19.85 -13.70 10.88
C TYR A 173 19.37 -14.19 9.51
N ARG A 174 18.07 -14.40 9.32
CA ARG A 174 17.50 -14.75 8.03
C ARG A 174 16.31 -13.83 7.73
N ASP A 175 15.91 -13.84 6.47
CA ASP A 175 14.84 -12.98 5.99
C ASP A 175 13.56 -13.16 6.80
N VAL A 176 12.77 -12.08 6.84
CA VAL A 176 11.43 -12.07 7.44
C VAL A 176 10.46 -11.56 6.40
N THR A 177 9.27 -12.16 6.32
CA THR A 177 8.27 -11.70 5.36
C THR A 177 6.92 -11.52 6.04
N LEU A 178 6.04 -10.81 5.34
CA LEU A 178 4.63 -10.70 5.70
C LEU A 178 3.81 -11.42 4.64
N THR A 179 2.80 -12.17 5.08
CA THR A 179 1.86 -12.82 4.20
C THR A 179 0.48 -12.23 4.43
N VAL A 180 -0.15 -11.75 3.36
CA VAL A 180 -1.47 -11.12 3.42
C VAL A 180 -2.37 -11.85 2.43
N THR A 181 -3.48 -12.42 2.92
CA THR A 181 -4.35 -13.18 2.04
C THR A 181 -5.81 -12.88 2.34
N ASP A 182 -6.65 -13.25 1.38
CA ASP A 182 -8.08 -13.33 1.59
C ASP A 182 -8.39 -14.27 2.75
N GLY A 183 -9.60 -14.14 3.30
CA GLY A 183 -10.02 -15.04 4.35
C GLY A 183 -10.01 -16.50 3.92
N VAL A 184 -10.31 -16.77 2.65
CA VAL A 184 -10.21 -18.11 2.07
C VAL A 184 -8.93 -18.15 1.26
N HIS A 185 -8.03 -19.08 1.60
CA HIS A 185 -6.68 -19.02 1.08
C HIS A 185 -6.03 -20.39 1.18
N VAL A 186 -5.03 -20.61 0.32
CA VAL A 186 -4.15 -21.76 0.48
C VAL A 186 -3.37 -21.58 1.77
N GLY A 187 -3.18 -22.67 2.50
CA GLY A 187 -2.43 -22.60 3.74
C GLY A 187 -0.95 -22.37 3.51
N ASN A 188 -0.26 -22.04 4.60
CA ASN A 188 1.19 -21.88 4.58
C ASN A 188 1.85 -23.15 4.04
N ASN A 189 2.76 -23.00 3.06
CA ASN A 189 3.42 -24.15 2.42
C ASN A 189 2.40 -25.19 1.96
N GLY A 190 1.26 -24.71 1.44
CA GLY A 190 0.07 -25.52 1.36
C GLY A 190 -0.07 -26.48 0.20
N VAL A 191 0.91 -26.62 -0.69
CA VAL A 191 0.79 -27.46 -1.88
C VAL A 191 1.93 -28.48 -1.87
N ALA A 192 1.59 -29.76 -1.93
CA ALA A 192 2.57 -30.82 -2.07
C ALA A 192 2.40 -31.50 -3.43
N ILE A 193 3.52 -31.82 -4.09
CA ILE A 193 3.52 -32.34 -5.44
C ILE A 193 4.26 -33.67 -5.46
N LYS A 194 3.66 -34.67 -6.11
CA LYS A 194 4.30 -35.96 -6.32
C LYS A 194 4.20 -36.34 -7.79
N THR A 195 5.28 -36.90 -8.33
CA THR A 195 5.29 -37.48 -9.68
C THR A 195 5.77 -38.93 -9.52
N PRO A 196 4.90 -39.84 -9.07
CA PRO A 196 5.38 -41.17 -8.69
C PRO A 196 5.88 -42.00 -9.85
N SER A 197 5.46 -41.71 -11.09
CA SER A 197 5.81 -42.50 -12.25
C SER A 197 6.78 -41.76 -13.17
N LEU A 198 7.46 -40.74 -12.66
CA LEU A 198 8.31 -39.91 -13.51
C LEU A 198 9.37 -40.73 -14.22
N ALA A 199 9.97 -41.70 -13.53
CA ALA A 199 11.08 -42.45 -14.10
C ALA A 199 10.66 -43.25 -15.33
N THR A 200 9.43 -43.71 -15.39
CA THR A 200 8.98 -44.46 -16.56
C THR A 200 8.19 -43.62 -17.55
N GLN A 201 7.58 -42.52 -17.10
CA GLN A 201 6.86 -41.62 -17.99
C GLN A 201 7.75 -40.58 -18.66
N ASN A 202 8.95 -40.37 -18.14
CA ASN A 202 9.89 -39.39 -18.69
C ASN A 202 9.96 -39.50 -20.21
N GLY A 203 9.87 -38.35 -20.87
CA GLY A 203 9.77 -38.25 -22.30
C GLY A 203 8.36 -37.97 -22.80
N GLY A 204 7.34 -38.42 -22.08
CA GLY A 204 5.97 -38.19 -22.47
C GLY A 204 5.18 -37.42 -21.43
N ASP A 205 3.89 -37.70 -21.32
CA ASP A 205 3.05 -37.06 -20.32
C ASP A 205 3.36 -37.58 -18.92
N VAL A 206 3.60 -36.67 -17.98
CA VAL A 206 3.97 -37.00 -16.62
C VAL A 206 2.82 -36.65 -15.68
N THR A 207 2.39 -37.63 -14.88
CA THR A 207 1.32 -37.42 -13.92
C THR A 207 1.85 -36.70 -12.69
N MET A 208 1.21 -35.59 -12.34
CA MET A 208 1.51 -34.86 -11.11
C MET A 208 0.29 -34.99 -10.20
N ASN A 209 0.51 -35.52 -9.00
CA ASN A 209 -0.53 -35.62 -7.98
C ASN A 209 -0.29 -34.52 -6.95
N LEU A 210 -1.27 -33.64 -6.81
CA LEU A 210 -1.15 -32.49 -5.92
C LEU A 210 -2.12 -32.62 -4.76
N THR A 211 -1.70 -32.14 -3.60
CA THR A 211 -2.59 -31.94 -2.47
C THR A 211 -2.43 -30.51 -1.99
N THR A 212 -3.56 -29.81 -1.83
CA THR A 212 -3.56 -28.40 -1.49
C THR A 212 -4.43 -28.19 -0.25
N LYS A 213 -3.85 -27.57 0.77
CA LYS A 213 -4.60 -27.20 1.96
C LYS A 213 -5.26 -25.84 1.71
N VAL A 214 -6.59 -25.79 1.77
CA VAL A 214 -7.34 -24.54 1.63
C VAL A 214 -8.04 -24.28 2.96
N ALA A 215 -7.71 -23.13 3.57
CA ALA A 215 -8.29 -22.75 4.85
C ALA A 215 -9.42 -21.75 4.65
N ASN A 216 -10.50 -21.95 5.37
CA ASN A 216 -11.62 -21.00 5.39
C ASN A 216 -11.57 -20.29 6.75
N ASP A 217 -10.89 -19.14 6.78
CA ASP A 217 -10.78 -18.34 7.99
C ASP A 217 -11.82 -17.22 8.03
N THR A 218 -12.96 -17.43 7.38
CA THR A 218 -14.12 -16.56 7.49
C THR A 218 -15.16 -17.19 8.41
N GLU A 219 -16.25 -16.46 8.66
CA GLU A 219 -17.33 -16.96 9.49
C GLU A 219 -18.51 -17.46 8.67
N ALA A 220 -18.28 -17.78 7.38
CA ALA A 220 -19.33 -18.35 6.54
C ALA A 220 -18.75 -19.52 5.75
N ALA A 221 -19.61 -20.48 5.43
CA ALA A 221 -19.18 -21.60 4.61
C ALA A 221 -18.70 -21.08 3.26
N ALA A 222 -17.72 -21.77 2.69
CA ALA A 222 -17.19 -21.44 1.38
C ALA A 222 -17.34 -22.63 0.45
N ASN A 223 -17.54 -22.33 -0.84
CA ASN A 223 -17.58 -23.31 -1.91
C ASN A 223 -16.65 -22.80 -2.99
N ILE A 224 -15.53 -23.50 -3.21
CA ILE A 224 -14.47 -23.01 -4.06
C ILE A 224 -14.10 -24.08 -5.08
N THR A 225 -13.39 -23.64 -6.12
CA THR A 225 -12.67 -24.54 -7.01
C THR A 225 -11.23 -24.06 -7.05
N LEU A 226 -10.35 -24.93 -7.53
CA LEU A 226 -8.95 -24.58 -7.76
C LEU A 226 -8.64 -24.63 -9.24
N LYS A 227 -7.91 -23.63 -9.73
CA LYS A 227 -7.26 -23.70 -11.04
C LYS A 227 -5.77 -23.73 -10.82
N GLN A 228 -5.12 -24.80 -11.30
CA GLN A 228 -3.69 -25.00 -11.10
C GLN A 228 -2.99 -25.03 -12.44
N THR A 229 -1.80 -24.44 -12.49
CA THR A 229 -1.06 -24.22 -13.72
C THR A 229 0.42 -24.49 -13.45
N VAL A 230 1.07 -25.21 -14.36
CA VAL A 230 2.51 -25.49 -14.28
C VAL A 230 3.17 -24.88 -15.51
N PHE A 231 4.05 -23.91 -15.30
CA PHE A 231 4.67 -23.20 -16.40
C PHE A 231 6.11 -22.87 -16.04
N PRO A 232 6.97 -22.67 -17.05
CA PRO A 232 8.39 -22.45 -16.76
C PRO A 232 8.59 -21.25 -15.84
N LYS A 233 9.53 -21.41 -14.91
CA LYS A 233 9.82 -20.36 -13.95
C LYS A 233 10.23 -19.08 -14.67
N GLY A 234 9.63 -17.97 -14.26
CA GLY A 234 9.90 -16.69 -14.88
C GLY A 234 9.19 -16.46 -16.18
N GLY A 235 8.45 -17.46 -16.68
CA GLY A 235 7.72 -17.31 -17.93
C GLY A 235 6.28 -16.87 -17.71
N LYS A 236 5.51 -16.91 -18.78
CA LYS A 236 4.10 -16.57 -18.75
C LYS A 236 3.25 -17.83 -18.69
N THR A 237 2.03 -17.67 -18.14
CA THR A 237 1.14 -18.81 -17.95
C THR A 237 0.69 -19.42 -19.27
N ASP A 238 0.77 -18.69 -20.38
CA ASP A 238 0.37 -19.28 -21.66
C ASP A 238 1.40 -20.28 -22.17
N ALA A 239 2.57 -20.35 -21.56
CA ALA A 239 3.54 -21.41 -21.82
C ALA A 239 3.39 -22.58 -20.87
N ALA A 240 2.22 -22.74 -20.26
CA ALA A 240 1.99 -23.84 -19.33
C ALA A 240 2.14 -25.19 -20.03
N ILE A 241 2.70 -26.16 -19.32
CA ILE A 241 2.75 -27.53 -19.81
C ILE A 241 1.62 -28.38 -19.25
N GLY A 242 0.84 -27.84 -18.33
CA GLY A 242 -0.34 -28.54 -17.84
C GLY A 242 -1.18 -27.63 -16.98
N THR A 243 -2.50 -27.85 -16.98
CA THR A 243 -3.41 -27.15 -16.07
C THR A 243 -4.47 -28.14 -15.60
N VAL A 244 -5.20 -27.76 -14.55
CA VAL A 244 -6.37 -28.52 -14.14
C VAL A 244 -7.28 -27.58 -13.35
N THR A 245 -8.58 -27.82 -13.47
CA THR A 245 -9.59 -27.17 -12.64
C THR A 245 -10.34 -28.26 -11.88
N THR A 246 -10.48 -28.09 -10.57
CA THR A 246 -11.09 -29.09 -9.74
C THR A 246 -12.60 -28.85 -9.61
N ALA A 247 -13.30 -29.87 -9.12
CA ALA A 247 -14.72 -29.75 -8.82
C ALA A 247 -14.93 -28.86 -7.59
N SER A 248 -16.18 -28.46 -7.38
CA SER A 248 -16.49 -27.61 -6.24
C SER A 248 -16.16 -28.32 -4.95
N LYS A 249 -15.64 -27.58 -3.97
CA LYS A 249 -15.26 -28.13 -2.67
C LYS A 249 -15.83 -27.24 -1.56
N SER A 250 -16.60 -27.84 -0.67
CA SER A 250 -17.20 -27.12 0.44
CA SER A 250 -17.21 -27.13 0.44
C SER A 250 -16.25 -27.11 1.63
N ILE A 251 -16.06 -25.93 2.23
CA ILE A 251 -15.16 -25.76 3.37
C ILE A 251 -15.93 -24.99 4.44
N ALA A 252 -16.10 -25.59 5.61
CA ALA A 252 -16.85 -24.96 6.68
C ALA A 252 -16.09 -23.77 7.25
N ALA A 253 -16.85 -22.86 7.88
CA ALA A 253 -16.26 -21.67 8.48
C ALA A 253 -15.30 -22.05 9.61
N GLY A 254 -14.08 -21.52 9.55
CA GLY A 254 -13.09 -21.84 10.55
C GLY A 254 -12.42 -23.18 10.39
N ALA A 255 -12.66 -23.86 9.28
CA ALA A 255 -12.08 -25.17 9.00
C ALA A 255 -11.24 -25.13 7.74
N SER A 256 -10.53 -26.22 7.50
CA SER A 256 -9.73 -26.40 6.29
C SER A 256 -10.18 -27.65 5.56
N ALA A 257 -9.70 -27.77 4.32
CA ALA A 257 -9.89 -28.98 3.55
C ALA A 257 -8.62 -29.24 2.76
N ASP A 258 -8.32 -30.51 2.52
CA ASP A 258 -7.26 -30.92 1.62
C ASP A 258 -7.86 -31.27 0.28
N VAL A 259 -7.50 -30.50 -0.76
CA VAL A 259 -8.01 -30.71 -2.10
C VAL A 259 -6.95 -31.47 -2.88
N THR A 260 -7.30 -32.67 -3.32
CA THR A 260 -6.39 -33.43 -4.18
C THR A 260 -6.73 -33.17 -5.63
N SER A 261 -5.70 -33.17 -6.47
CA SER A 261 -5.88 -32.94 -7.89
C SER A 261 -4.73 -33.58 -8.65
N THR A 262 -4.93 -33.73 -9.96
CA THR A 262 -3.93 -34.30 -10.85
C THR A 262 -3.73 -33.38 -12.03
N ILE A 263 -2.47 -33.13 -12.37
CA ILE A 263 -2.10 -32.40 -13.57
C ILE A 263 -1.31 -33.34 -14.46
N THR A 264 -1.67 -33.38 -15.73
CA THR A 264 -0.92 -34.14 -16.72
C THR A 264 0.02 -33.16 -17.41
N ALA A 265 1.30 -33.23 -17.03
CA ALA A 265 2.31 -32.30 -17.54
C ALA A 265 2.84 -32.81 -18.87
N ALA A 266 2.81 -31.94 -19.88
CA ALA A 266 3.16 -32.30 -21.25
C ALA A 266 4.65 -32.11 -21.42
N SER A 267 5.39 -33.22 -21.51
CA SER A 267 6.81 -33.22 -21.78
C SER A 267 7.59 -32.23 -20.92
N PRO A 268 7.55 -32.37 -19.59
CA PRO A 268 8.31 -31.44 -18.74
C PRO A 268 9.81 -31.65 -18.93
N LYS A 269 10.55 -30.55 -18.90
CA LYS A 269 12.01 -30.65 -18.89
C LYS A 269 12.47 -31.13 -17.52
N LEU A 270 13.38 -32.10 -17.51
CA LEU A 270 13.90 -32.60 -16.24
C LEU A 270 14.84 -31.58 -15.59
N TRP A 271 14.83 -31.57 -14.26
CA TRP A 271 15.81 -30.81 -13.49
C TRP A 271 17.04 -31.68 -13.27
N SER A 272 18.22 -31.14 -13.58
CA SER A 272 19.45 -31.89 -13.38
C SER A 272 20.57 -30.92 -13.03
N ILE A 273 21.70 -31.50 -12.60
CA ILE A 273 22.86 -30.69 -12.24
C ILE A 273 23.28 -29.80 -13.40
N LYS A 274 23.34 -30.38 -14.60
CA LYS A 274 23.80 -29.63 -15.76
C LYS A 274 22.73 -28.66 -16.25
N ASN A 275 21.46 -29.04 -16.17
CA ASN A 275 20.35 -28.23 -16.67
C ASN A 275 19.27 -28.14 -15.59
N PRO A 276 19.42 -27.28 -14.62
CA PRO A 276 18.45 -27.17 -13.52
C PRO A 276 17.17 -26.44 -13.91
N ASN A 277 16.38 -27.08 -14.77
CA ASN A 277 15.15 -26.48 -15.25
C ASN A 277 14.10 -26.40 -14.13
N LEU A 278 13.54 -25.21 -13.94
CA LEU A 278 12.57 -24.98 -12.88
C LEU A 278 11.23 -24.56 -13.48
N TYR A 279 10.17 -24.94 -12.78
CA TYR A 279 8.80 -24.58 -13.12
C TYR A 279 8.16 -23.87 -11.94
N THR A 280 7.16 -23.05 -12.23
CA THR A 280 6.27 -22.51 -11.22
C THR A 280 4.96 -23.30 -11.27
N VAL A 281 4.50 -23.74 -10.11
CA VAL A 281 3.21 -24.41 -9.96
C VAL A 281 2.30 -23.43 -9.23
N ARG A 282 1.33 -22.87 -9.95
CA ARG A 282 0.47 -21.82 -9.45
C ARG A 282 -0.90 -22.39 -9.12
N THR A 283 -1.43 -22.03 -7.94
CA THR A 283 -2.75 -22.48 -7.50
C THR A 283 -3.63 -21.26 -7.25
N GLU A 284 -4.75 -21.18 -7.96
CA GLU A 284 -5.75 -20.14 -7.75
C GLU A 284 -6.95 -20.75 -7.05
N VAL A 285 -7.37 -20.13 -5.94
CA VAL A 285 -8.62 -20.47 -5.28
C VAL A 285 -9.70 -19.55 -5.82
N LEU A 286 -10.78 -20.15 -6.34
CA LEU A 286 -11.82 -19.40 -7.02
C LEU A 286 -13.15 -19.55 -6.31
N ASN A 287 -13.89 -18.45 -6.21
CA ASN A 287 -15.30 -18.46 -5.78
C ASN A 287 -16.12 -17.84 -6.90
N GLY A 288 -16.98 -18.63 -7.51
CA GLY A 288 -17.57 -18.20 -8.76
C GLY A 288 -16.45 -18.06 -9.78
N GLY A 289 -16.39 -16.90 -10.43
CA GLY A 289 -15.32 -16.63 -11.37
C GLY A 289 -14.26 -15.66 -10.88
N LYS A 290 -14.23 -15.35 -9.59
CA LYS A 290 -13.24 -14.42 -9.05
C LYS A 290 -12.16 -15.19 -8.29
N VAL A 291 -10.90 -14.83 -8.55
CA VAL A 291 -9.78 -15.42 -7.86
C VAL A 291 -9.71 -14.86 -6.45
N LEU A 292 -9.76 -15.74 -5.45
CA LEU A 292 -9.66 -15.30 -4.06
C LEU A 292 -8.22 -15.26 -3.57
N ASP A 293 -7.39 -16.18 -4.04
CA ASP A 293 -6.04 -16.33 -3.54
C ASP A 293 -5.21 -16.98 -4.64
N THR A 294 -3.94 -16.58 -4.74
CA THR A 294 -3.02 -17.16 -5.71
C THR A 294 -1.73 -17.53 -4.99
N TYR A 295 -1.41 -18.83 -4.99
CA TYR A 295 -0.25 -19.35 -4.28
C TYR A 295 0.68 -20.09 -5.24
N ASP A 296 1.96 -19.69 -5.26
CA ASP A 296 2.96 -20.26 -6.14
C ASP A 296 3.95 -21.11 -5.34
N THR A 297 4.41 -22.20 -5.95
CA THR A 297 5.51 -22.99 -5.39
C THR A 297 6.46 -23.38 -6.51
N GLU A 298 7.75 -23.28 -6.23
CA GLU A 298 8.78 -23.63 -7.20
C GLU A 298 8.99 -25.13 -7.22
N TYR A 299 9.21 -25.69 -8.41
CA TYR A 299 9.26 -27.13 -8.57
C TYR A 299 10.23 -27.48 -9.69
N GLY A 300 10.70 -28.72 -9.66
CA GLY A 300 11.51 -29.28 -10.73
C GLY A 300 11.26 -30.76 -10.81
N PHE A 301 11.32 -31.29 -12.03
CA PHE A 301 11.04 -32.70 -12.28
C PHE A 301 12.34 -33.50 -12.26
N ARG A 302 12.46 -34.41 -11.31
CA ARG A 302 13.66 -35.24 -11.18
C ARG A 302 13.36 -36.41 -10.27
N TRP A 303 14.12 -37.49 -10.44
CA TRP A 303 14.03 -38.63 -9.55
C TRP A 303 15.43 -39.16 -9.27
N THR A 304 15.58 -39.81 -8.11
CA THR A 304 16.87 -40.33 -7.70
C THR A 304 16.76 -41.80 -7.31
N GLY A 305 17.91 -42.41 -7.09
CA GLY A 305 17.99 -43.77 -6.59
C GLY A 305 19.29 -43.99 -5.85
N PHE A 306 19.24 -44.75 -4.75
CA PHE A 306 20.43 -45.19 -4.04
C PHE A 306 20.44 -46.71 -4.08
N ASP A 307 21.46 -47.29 -4.72
CA ASP A 307 21.61 -48.72 -4.83
C ASP A 307 22.71 -49.19 -3.89
N ALA A 308 22.47 -50.32 -3.21
CA ALA A 308 23.43 -50.81 -2.23
C ALA A 308 24.77 -51.16 -2.88
N THR A 309 24.76 -51.53 -4.16
CA THR A 309 25.98 -51.94 -4.85
C THR A 309 26.59 -50.83 -5.71
N SER A 310 25.78 -50.11 -6.49
CA SER A 310 26.29 -49.18 -7.48
C SER A 310 26.11 -47.71 -7.11
N GLY A 311 25.52 -47.41 -5.96
CA GLY A 311 25.49 -46.04 -5.46
C GLY A 311 24.35 -45.19 -5.98
N PHE A 312 24.63 -43.92 -6.23
CA PHE A 312 23.62 -42.89 -6.45
C PHE A 312 23.38 -42.64 -7.94
N SER A 313 22.14 -42.35 -8.28
N SER A 313 22.13 -42.35 -8.28
CA SER A 313 21.76 -42.00 -9.64
CA SER A 313 21.75 -41.99 -9.63
C SER A 313 20.75 -40.86 -9.62
C SER A 313 20.77 -40.82 -9.58
N LEU A 314 20.87 -39.95 -10.59
CA LEU A 314 19.95 -38.83 -10.76
C LEU A 314 19.35 -38.94 -12.15
N ASN A 315 18.02 -38.98 -12.21
CA ASN A 315 17.30 -39.08 -13.49
C ASN A 315 17.78 -40.29 -14.30
N GLY A 316 17.99 -41.41 -13.61
CA GLY A 316 18.38 -42.65 -14.25
C GLY A 316 19.83 -42.75 -14.66
N GLU A 317 20.67 -41.78 -14.32
CA GLU A 317 22.08 -41.83 -14.70
C GLU A 317 22.95 -41.78 -13.45
N LYS A 318 24.02 -42.56 -13.45
CA LYS A 318 24.87 -42.65 -12.28
C LYS A 318 25.59 -41.32 -12.03
N VAL A 319 25.66 -40.93 -10.76
CA VAL A 319 26.32 -39.70 -10.34
C VAL A 319 27.03 -39.99 -9.04
N LYS A 320 28.32 -39.62 -8.96
CA LYS A 320 29.04 -39.71 -7.71
C LYS A 320 28.79 -38.46 -6.90
N LEU A 321 28.37 -38.60 -5.66
CA LEU A 321 28.09 -37.43 -4.84
C LEU A 321 29.42 -36.86 -4.37
N LYS A 322 29.86 -35.77 -5.02
CA LYS A 322 31.11 -35.11 -4.70
C LYS A 322 30.76 -33.90 -3.83
N GLY A 323 30.64 -34.14 -2.54
CA GLY A 323 30.03 -33.17 -1.67
C GLY A 323 30.89 -32.55 -0.61
N VAL A 324 30.41 -31.46 -0.04
CA VAL A 324 31.03 -30.84 1.11
C VAL A 324 29.98 -30.65 2.18
N SER A 325 30.42 -30.68 3.43
CA SER A 325 29.62 -30.17 4.54
C SER A 325 29.85 -28.67 4.64
N MET A 326 28.77 -27.94 4.95
CA MET A 326 28.83 -26.48 5.03
C MET A 326 28.04 -26.00 6.24
N HIS A 327 28.72 -25.33 7.17
CA HIS A 327 28.02 -24.60 8.21
C HIS A 327 27.40 -23.33 7.63
N HIS A 328 26.51 -22.70 8.43
CA HIS A 328 25.64 -21.67 7.88
C HIS A 328 26.28 -20.31 7.79
N ASP A 329 27.34 -20.01 8.56
CA ASP A 329 27.76 -18.61 8.62
C ASP A 329 28.44 -18.19 7.32
N GLN A 330 28.56 -16.88 7.14
CA GLN A 330 29.12 -16.28 5.95
C GLN A 330 30.36 -15.46 6.27
N GLY A 331 31.24 -16.02 7.09
CA GLY A 331 32.54 -15.40 7.31
C GLY A 331 32.42 -14.12 8.11
N SER A 332 33.03 -13.05 7.58
CA SER A 332 33.06 -11.77 8.27
C SER A 332 31.68 -11.15 8.43
N LEU A 333 30.67 -11.65 7.70
CA LEU A 333 29.30 -11.24 7.91
C LEU A 333 28.64 -11.93 9.09
N GLY A 334 29.30 -12.91 9.68
CA GLY A 334 28.68 -13.67 10.75
C GLY A 334 27.62 -14.61 10.20
N ALA A 335 26.54 -14.77 10.96
CA ALA A 335 25.48 -15.71 10.63
C ALA A 335 24.53 -15.20 9.55
N VAL A 336 24.67 -13.94 9.12
CA VAL A 336 23.69 -13.30 8.25
C VAL A 336 23.58 -14.10 6.95
N ALA A 337 22.36 -14.53 6.64
CA ALA A 337 22.12 -15.35 5.45
C ALA A 337 21.84 -14.45 4.24
N ASN A 338 22.87 -13.67 3.89
CA ASN A 338 22.80 -12.80 2.72
C ASN A 338 22.80 -13.65 1.46
N ARG A 339 21.87 -13.36 0.53
CA ARG A 339 21.71 -14.25 -0.62
C ARG A 339 22.96 -14.26 -1.50
N ARG A 340 23.57 -13.10 -1.74
CA ARG A 340 24.75 -13.06 -2.59
C ARG A 340 25.94 -13.76 -1.94
N ALA A 341 26.11 -13.57 -0.62
CA ALA A 341 27.15 -14.30 0.09
C ALA A 341 26.97 -15.81 -0.07
N ILE A 342 25.73 -16.29 0.12
CA ILE A 342 25.45 -17.72 0.00
C ILE A 342 25.65 -18.19 -1.44
N GLU A 343 25.22 -17.39 -2.41
CA GLU A 343 25.38 -17.75 -3.81
C GLU A 343 26.86 -17.83 -4.19
N ARG A 344 27.66 -16.87 -3.72
CA ARG A 344 29.10 -16.88 -3.99
C ARG A 344 29.76 -18.14 -3.45
N GLN A 345 29.35 -18.59 -2.26
CA GLN A 345 29.87 -19.85 -1.72
C GLN A 345 29.58 -21.00 -2.67
N VAL A 346 28.33 -21.12 -3.13
CA VAL A 346 27.98 -22.22 -4.03
C VAL A 346 28.79 -22.12 -5.31
N GLU A 347 28.97 -20.91 -5.85
CA GLU A 347 29.73 -20.73 -7.08
C GLU A 347 31.17 -21.16 -6.92
N ILE A 348 31.79 -20.80 -5.79
CA ILE A 348 33.17 -21.23 -5.54
C ILE A 348 33.24 -22.75 -5.39
N LEU A 349 32.23 -23.36 -4.78
CA LEU A 349 32.20 -24.81 -4.65
C LEU A 349 32.00 -25.49 -6.01
N GLN A 350 31.07 -24.98 -6.83
CA GLN A 350 30.89 -25.56 -8.15
C GLN A 350 32.18 -25.55 -8.96
N LYS A 351 32.93 -24.45 -8.88
CA LYS A 351 34.20 -24.36 -9.60
C LYS A 351 35.18 -25.44 -9.17
N MET A 352 35.04 -25.92 -7.94
CA MET A 352 35.86 -27.02 -7.46
C MET A 352 35.41 -28.37 -7.99
N GLY A 353 34.23 -28.43 -8.60
CA GLY A 353 33.62 -29.68 -9.00
C GLY A 353 32.62 -30.24 -8.00
N VAL A 354 32.35 -29.52 -6.90
CA VAL A 354 31.32 -29.96 -5.96
C VAL A 354 29.97 -30.03 -6.67
N ASN A 355 29.24 -31.12 -6.45
CA ASN A 355 27.86 -31.19 -6.94
C ASN A 355 26.84 -31.41 -5.83
N SER A 356 27.26 -31.39 -4.56
CA SER A 356 26.30 -31.66 -3.49
C SER A 356 26.76 -31.00 -2.19
N ILE A 357 25.80 -30.61 -1.36
CA ILE A 357 26.06 -29.94 -0.09
C ILE A 357 25.22 -30.58 1.00
N ARG A 358 25.86 -30.92 2.11
CA ARG A 358 25.19 -31.37 3.33
C ARG A 358 25.11 -30.18 4.29
N THR A 359 23.89 -29.82 4.70
CA THR A 359 23.68 -28.61 5.51
C THR A 359 23.92 -28.93 6.99
N THR A 360 25.20 -29.15 7.29
CA THR A 360 25.63 -29.51 8.64
C THR A 360 25.50 -28.34 9.62
N HIS A 361 24.79 -28.51 10.75
CA HIS A 361 23.99 -29.69 11.08
C HIS A 361 22.59 -29.22 11.45
N ASN A 362 21.91 -28.61 10.48
CA ASN A 362 20.71 -27.84 10.75
C ASN A 362 20.12 -27.39 9.43
N PRO A 363 18.84 -27.02 9.37
CA PRO A 363 18.26 -26.60 8.10
C PRO A 363 18.97 -25.37 7.53
N ALA A 364 19.02 -25.32 6.21
CA ALA A 364 19.62 -24.18 5.54
C ALA A 364 18.66 -23.00 5.51
N ALA A 365 19.20 -21.83 5.25
CA ALA A 365 18.37 -20.71 4.82
C ALA A 365 17.66 -21.09 3.53
N LYS A 366 16.40 -20.66 3.39
CA LYS A 366 15.70 -20.84 2.13
C LYS A 366 16.51 -20.29 0.97
N ALA A 367 17.25 -19.19 1.20
CA ALA A 367 18.10 -18.62 0.16
C ALA A 367 19.08 -19.64 -0.39
N LEU A 368 19.65 -20.49 0.47
CA LEU A 368 20.53 -21.55 -0.03
C LEU A 368 19.75 -22.56 -0.85
N ILE A 369 18.53 -22.90 -0.41
CA ILE A 369 17.70 -23.81 -1.20
C ILE A 369 17.36 -23.20 -2.55
N ASP A 370 17.03 -21.89 -2.56
CA ASP A 370 16.77 -21.19 -3.81
C ASP A 370 17.97 -21.28 -4.74
N VAL A 371 19.16 -21.00 -4.20
CA VAL A 371 20.39 -21.01 -5.00
C VAL A 371 20.65 -22.38 -5.58
N CYS A 372 20.48 -23.43 -4.76
CA CYS A 372 20.78 -24.76 -5.24
C CYS A 372 19.77 -25.23 -6.27
N ASN A 373 18.49 -24.84 -6.11
CA ASN A 373 17.49 -25.09 -7.15
C ASN A 373 17.92 -24.46 -8.47
N GLU A 374 18.45 -23.24 -8.41
CA GLU A 374 18.80 -22.51 -9.62
C GLU A 374 20.14 -22.98 -10.20
N LYS A 375 21.09 -23.35 -9.35
CA LYS A 375 22.44 -23.68 -9.80
C LYS A 375 22.62 -25.13 -10.18
N GLY A 376 21.75 -26.03 -9.72
CA GLY A 376 21.95 -27.45 -9.96
C GLY A 376 22.93 -28.08 -9.00
N VAL A 377 22.67 -27.92 -7.70
CA VAL A 377 23.49 -28.52 -6.65
C VAL A 377 22.57 -29.35 -5.76
N LEU A 378 22.94 -30.60 -5.51
CA LEU A 378 22.11 -31.52 -4.74
C LEU A 378 22.29 -31.26 -3.26
N VAL A 379 21.18 -31.15 -2.52
CA VAL A 379 21.23 -30.80 -1.11
C VAL A 379 20.78 -31.98 -0.26
N VAL A 380 21.62 -32.38 0.68
CA VAL A 380 21.22 -33.24 1.79
C VAL A 380 20.91 -32.30 2.94
N GLU A 381 19.64 -32.00 3.16
CA GLU A 381 19.27 -31.02 4.18
C GLU A 381 19.18 -31.73 5.52
N GLU A 382 20.11 -31.44 6.40
CA GLU A 382 20.11 -32.00 7.74
C GLU A 382 19.31 -31.11 8.67
N VAL A 383 18.58 -31.72 9.60
CA VAL A 383 17.67 -30.99 10.45
C VAL A 383 18.20 -30.81 11.88
N PHE A 384 18.95 -31.77 12.41
CA PHE A 384 19.39 -31.73 13.79
C PHE A 384 20.86 -32.11 13.88
N ASP A 385 21.51 -31.57 14.90
CA ASP A 385 22.81 -32.06 15.35
C ASP A 385 22.53 -33.12 16.41
N MET A 386 22.42 -32.69 17.66
CA MET A 386 22.03 -33.57 18.74
C MET A 386 20.52 -33.80 18.71
N TRP A 387 20.08 -34.82 19.47
CA TRP A 387 18.65 -35.06 19.67
C TRP A 387 18.29 -34.64 21.09
N ASN A 388 17.95 -35.59 21.95
CA ASN A 388 17.46 -35.27 23.29
C ASN A 388 18.57 -35.15 24.33
N ARG A 389 19.84 -35.28 23.95
CA ARG A 389 20.96 -35.12 24.87
C ARG A 389 21.90 -34.04 24.35
N SER A 390 22.19 -33.06 25.21
CA SER A 390 23.05 -31.97 24.83
C SER A 390 24.49 -32.46 24.67
N LYS A 391 25.25 -31.76 23.85
CA LYS A 391 26.63 -32.11 23.53
C LYS A 391 27.62 -31.14 24.15
N ASN A 392 28.80 -31.66 24.48
CA ASN A 392 29.96 -30.83 24.80
C ASN A 392 29.68 -29.83 25.93
N GLY A 393 28.82 -30.20 26.88
CA GLY A 393 28.50 -29.28 27.96
C GLY A 393 27.69 -28.07 27.55
N ASN A 394 27.08 -28.10 26.36
CA ASN A 394 26.28 -26.98 25.87
C ASN A 394 24.85 -27.15 26.38
N THR A 395 24.65 -26.76 27.64
CA THR A 395 23.39 -27.04 28.33
C THR A 395 22.23 -26.27 27.72
N GLU A 396 22.51 -25.23 26.94
CA GLU A 396 21.47 -24.44 26.30
C GLU A 396 21.30 -24.78 24.83
N ASP A 397 21.91 -25.87 24.35
CA ASP A 397 21.71 -26.24 22.97
C ASP A 397 20.32 -26.87 22.81
N TYR A 398 20.02 -27.34 21.59
CA TYR A 398 18.68 -27.82 21.27
C TYR A 398 18.31 -29.11 22.00
N GLY A 399 19.30 -29.85 22.50
CA GLY A 399 19.01 -31.01 23.33
C GLY A 399 18.16 -30.68 24.55
N LYS A 400 18.12 -29.42 24.94
CA LYS A 400 17.23 -28.98 26.01
C LYS A 400 15.77 -29.02 25.57
N TRP A 401 15.51 -28.91 24.27
CA TRP A 401 14.18 -28.67 23.74
C TRP A 401 13.62 -29.82 22.91
N PHE A 402 14.50 -30.62 22.30
CA PHE A 402 14.10 -31.67 21.36
C PHE A 402 12.87 -32.45 21.80
N GLY A 403 12.86 -32.92 23.05
CA GLY A 403 11.80 -33.75 23.56
C GLY A 403 10.72 -33.07 24.37
N GLN A 404 10.72 -31.73 24.49
CA GLN A 404 9.69 -31.04 25.24
C GLN A 404 8.44 -30.81 24.38
N ALA A 405 7.31 -30.61 25.06
CA ALA A 405 6.05 -30.34 24.40
C ALA A 405 5.91 -28.85 24.10
N ILE A 406 5.00 -28.53 23.18
CA ILE A 406 4.71 -27.16 22.83
C ILE A 406 3.51 -26.69 23.66
N ALA A 407 3.66 -25.56 24.33
CA ALA A 407 2.63 -25.09 25.24
C ALA A 407 1.35 -24.78 24.47
N GLY A 408 0.21 -25.01 25.14
CA GLY A 408 -1.09 -24.86 24.50
C GLY A 408 -1.42 -23.44 24.10
N ASP A 409 -0.77 -22.45 24.68
CA ASP A 409 -1.00 -21.05 24.35
C ASP A 409 0.10 -20.49 23.45
N ASN A 410 1.02 -21.33 23.01
CA ASN A 410 2.04 -20.96 22.04
C ASN A 410 1.46 -21.11 20.64
N ALA A 411 1.18 -19.99 19.97
CA ALA A 411 0.49 -20.01 18.69
C ALA A 411 1.46 -20.09 17.50
N VAL A 412 2.71 -20.48 17.74
CA VAL A 412 3.68 -20.61 16.67
C VAL A 412 3.18 -21.58 15.60
N LEU A 413 3.52 -21.29 14.35
CA LEU A 413 3.05 -22.08 13.21
C LEU A 413 4.24 -22.51 12.36
N GLY A 414 4.06 -23.61 11.62
CA GLY A 414 5.08 -24.08 10.72
C GLY A 414 5.10 -25.58 10.53
N GLY A 415 4.97 -26.32 11.63
CA GLY A 415 4.93 -27.77 11.59
C GLY A 415 3.90 -28.31 12.56
N ASP A 416 3.86 -29.63 12.67
CA ASP A 416 2.95 -30.29 13.60
C ASP A 416 3.32 -29.92 15.04
N LYS A 417 2.29 -29.61 15.83
CA LYS A 417 2.47 -29.15 17.19
C LYS A 417 1.96 -30.14 18.24
N ASP A 418 1.59 -31.36 17.82
CA ASP A 418 0.87 -32.28 18.69
C ASP A 418 1.78 -33.21 19.47
N GLU A 419 3.09 -33.18 19.22
CA GLU A 419 4.01 -34.04 19.97
C GLU A 419 5.13 -33.21 20.60
N THR A 420 6.33 -33.22 20.02
CA THR A 420 7.47 -32.55 20.61
C THR A 420 7.99 -31.44 19.69
N TRP A 421 8.93 -30.65 20.22
CA TRP A 421 9.60 -29.65 19.39
C TRP A 421 10.31 -30.29 18.21
N ALA A 422 10.88 -31.48 18.41
CA ALA A 422 11.58 -32.15 17.30
C ALA A 422 10.65 -32.37 16.11
N LYS A 423 9.45 -32.87 16.37
CA LYS A 423 8.48 -33.08 15.28
C LYS A 423 8.10 -31.75 14.64
N PHE A 424 7.89 -30.71 15.43
CA PHE A 424 7.54 -29.40 14.87
C PHE A 424 8.64 -28.91 13.94
N ASP A 425 9.88 -28.92 14.42
CA ASP A 425 10.98 -28.35 13.66
C ASP A 425 11.29 -29.19 12.42
N LEU A 426 11.16 -30.52 12.52
CA LEU A 426 11.38 -31.38 11.36
C LEU A 426 10.31 -31.17 10.30
N THR A 427 9.04 -31.18 10.69
CA THR A 427 7.98 -30.99 9.71
C THR A 427 7.95 -29.56 9.17
N SER A 428 8.33 -28.57 9.97
CA SER A 428 8.38 -27.21 9.47
C SER A 428 9.38 -27.08 8.33
N THR A 429 10.57 -27.68 8.50
CA THR A 429 11.60 -27.66 7.46
C THR A 429 11.13 -28.40 6.21
N ILE A 430 10.60 -29.62 6.40
CA ILE A 430 10.11 -30.40 5.26
C ILE A 430 9.00 -29.66 4.54
N ASN A 431 8.06 -29.05 5.29
CA ASN A 431 6.99 -28.27 4.67
C ASN A 431 7.54 -27.14 3.81
N ARG A 432 8.63 -26.51 4.27
CA ARG A 432 9.19 -25.40 3.50
C ARG A 432 9.81 -25.88 2.19
N ASP A 433 10.49 -27.04 2.21
CA ASP A 433 11.35 -27.44 1.10
C ASP A 433 10.86 -28.68 0.36
N ARG A 434 9.64 -29.16 0.64
CA ARG A 434 9.20 -30.44 0.08
C ARG A 434 9.14 -30.44 -1.44
N ASN A 435 9.03 -29.28 -2.08
CA ASN A 435 8.95 -29.20 -3.54
C ASN A 435 10.26 -28.77 -4.18
N ALA A 436 11.32 -28.59 -3.40
CA ALA A 436 12.61 -28.14 -3.92
C ALA A 436 13.33 -29.30 -4.59
N PRO A 437 13.55 -29.26 -5.92
CA PRO A 437 14.20 -30.39 -6.58
C PRO A 437 15.64 -30.60 -6.15
N SER A 438 16.31 -29.56 -5.64
CA SER A 438 17.70 -29.72 -5.22
C SER A 438 17.82 -30.64 -4.00
N VAL A 439 16.81 -30.67 -3.14
CA VAL A 439 16.89 -31.49 -1.93
C VAL A 439 16.66 -32.95 -2.30
N ILE A 440 17.64 -33.81 -1.99
CA ILE A 440 17.56 -35.22 -2.33
C ILE A 440 17.35 -36.12 -1.12
N MET A 441 17.69 -35.68 0.09
CA MET A 441 17.57 -36.50 1.28
C MET A 441 17.31 -35.59 2.48
N TRP A 442 16.59 -36.13 3.47
CA TRP A 442 16.42 -35.49 4.77
C TRP A 442 17.32 -36.18 5.78
N SER A 443 18.30 -35.46 6.34
CA SER A 443 19.20 -36.02 7.34
C SER A 443 18.71 -35.65 8.73
N LEU A 444 18.53 -36.67 9.57
CA LEU A 444 17.78 -36.54 10.82
C LEU A 444 18.66 -36.28 12.02
N GLY A 445 19.98 -36.34 11.88
CA GLY A 445 20.84 -36.08 13.02
C GLY A 445 22.27 -36.32 12.65
N ASN A 446 23.16 -35.85 13.52
CA ASN A 446 24.59 -36.00 13.33
C ASN A 446 25.21 -36.45 14.63
N GLU A 447 25.86 -37.61 14.60
CA GLU A 447 26.61 -38.13 15.76
C GLU A 447 25.80 -37.95 17.04
N MET A 448 24.53 -38.39 16.98
CA MET A 448 23.58 -38.12 18.06
C MET A 448 24.07 -38.64 19.40
N MET A 449 25.00 -39.58 19.41
CA MET A 449 25.47 -40.21 20.63
C MET A 449 26.88 -39.77 21.01
N GLU A 450 27.42 -38.75 20.35
CA GLU A 450 28.80 -38.31 20.56
C GLU A 450 28.83 -37.12 21.49
N GLY A 451 29.61 -37.23 22.57
CA GLY A 451 29.79 -36.12 23.48
C GLY A 451 28.64 -35.88 24.43
N ILE A 452 27.84 -36.90 24.71
CA ILE A 452 26.67 -36.78 25.55
C ILE A 452 26.88 -37.63 26.80
N SER A 453 25.99 -37.46 27.78
CA SER A 453 26.00 -38.24 29.00
C SER A 453 24.75 -39.10 29.07
N GLY A 454 24.84 -40.17 29.85
CA GLY A 454 23.73 -41.08 30.05
C GLY A 454 23.79 -42.28 29.13
N SER A 455 22.78 -43.13 29.28
CA SER A 455 22.66 -44.32 28.43
C SER A 455 22.24 -43.92 27.02
N VAL A 456 22.64 -44.74 26.04
CA VAL A 456 22.22 -44.55 24.66
C VAL A 456 21.18 -45.59 24.24
N SER A 457 20.65 -46.37 25.19
CA SER A 457 19.76 -47.46 24.83
C SER A 457 18.44 -46.98 24.22
N GLY A 458 18.05 -45.73 24.50
CA GLY A 458 16.83 -45.19 23.95
C GLY A 458 16.96 -44.53 22.59
N PHE A 459 18.17 -44.43 22.06
CA PHE A 459 18.38 -43.70 20.81
C PHE A 459 17.80 -44.39 19.59
N PRO A 460 17.85 -45.73 19.46
CA PRO A 460 17.16 -46.35 18.31
C PRO A 460 15.67 -46.08 18.27
N ALA A 461 15.01 -46.03 19.43
CA ALA A 461 13.58 -45.72 19.45
C ALA A 461 13.32 -44.28 19.04
N THR A 462 14.17 -43.36 19.49
CA THR A 462 14.04 -41.97 19.02
C THR A 462 14.24 -41.90 17.52
N SER A 463 15.24 -42.62 17.01
CA SER A 463 15.51 -42.61 15.58
C SER A 463 14.32 -43.11 14.78
N ALA A 464 13.72 -44.23 15.21
CA ALA A 464 12.56 -44.76 14.50
C ALA A 464 11.41 -43.77 14.51
N LYS A 465 11.24 -43.03 15.60
CA LYS A 465 10.18 -42.02 15.66
C LYS A 465 10.43 -40.91 14.64
N LEU A 466 11.68 -40.45 14.54
CA LEU A 466 12.02 -39.43 13.55
C LEU A 466 11.84 -39.95 12.13
N VAL A 467 12.21 -41.20 11.90
CA VAL A 467 12.04 -41.80 10.58
C VAL A 467 10.56 -41.91 10.23
N ALA A 468 9.74 -42.30 11.20
CA ALA A 468 8.31 -42.41 10.95
C ALA A 468 7.71 -41.05 10.62
N TRP A 469 8.09 -40.02 11.40
CA TRP A 469 7.60 -38.67 11.11
C TRP A 469 8.00 -38.24 9.71
N THR A 470 9.27 -38.45 9.35
CA THR A 470 9.75 -38.00 8.04
C THR A 470 9.02 -38.71 6.91
N LYS A 471 8.89 -40.03 7.00
CA LYS A 471 8.25 -40.78 5.93
C LYS A 471 6.81 -40.30 5.73
N ALA A 472 6.11 -39.99 6.82
CA ALA A 472 4.74 -39.49 6.69
C ALA A 472 4.72 -38.05 6.19
N ALA A 473 5.72 -37.25 6.56
CA ALA A 473 5.74 -35.86 6.11
C ALA A 473 6.09 -35.75 4.63
N ASP A 474 6.98 -36.62 4.14
CA ASP A 474 7.39 -36.57 2.73
C ASP A 474 7.79 -37.98 2.32
N SER A 475 6.91 -38.67 1.59
CA SER A 475 7.23 -40.01 1.13
C SER A 475 8.22 -40.00 -0.04
N THR A 476 8.49 -38.85 -0.64
CA THR A 476 9.19 -38.83 -1.92
C THR A 476 10.71 -38.85 -1.80
N ARG A 477 11.27 -38.67 -0.62
CA ARG A 477 12.72 -38.61 -0.50
C ARG A 477 13.21 -39.55 0.58
N PRO A 478 14.39 -40.15 0.40
CA PRO A 478 14.99 -40.94 1.48
C PRO A 478 15.34 -40.07 2.68
N MET A 479 15.22 -40.65 3.86
CA MET A 479 15.76 -40.03 5.06
C MET A 479 17.10 -40.70 5.39
N THR A 480 17.90 -39.99 6.19
CA THR A 480 19.26 -40.43 6.46
C THR A 480 19.72 -39.79 7.78
N TYR A 481 20.96 -40.06 8.15
CA TYR A 481 21.64 -39.35 9.22
C TYR A 481 23.13 -39.55 9.03
N GLY A 482 23.93 -38.87 9.86
CA GLY A 482 25.37 -39.06 9.86
C GLY A 482 25.81 -39.68 11.17
N ASP A 483 26.21 -40.95 11.13
CA ASP A 483 26.50 -41.73 12.31
C ASP A 483 27.99 -42.07 12.35
N ASN A 484 28.65 -41.71 13.45
CA ASN A 484 30.07 -42.00 13.61
C ASN A 484 30.33 -43.23 14.47
N LYS A 485 29.28 -43.96 14.83
CA LYS A 485 29.41 -45.17 15.65
C LYS A 485 29.33 -46.44 14.83
N ILE A 486 29.04 -46.35 13.54
CA ILE A 486 29.10 -47.52 12.67
C ILE A 486 30.52 -48.06 12.61
N LYS A 487 31.50 -47.16 12.51
CA LYS A 487 32.89 -47.60 12.51
C LYS A 487 33.30 -48.20 13.84
N ALA A 488 32.59 -47.89 14.92
CA ALA A 488 32.85 -48.47 16.24
C ALA A 488 32.01 -49.70 16.51
N ASN A 489 31.19 -50.13 15.55
CA ASN A 489 30.41 -51.38 15.64
C ASN A 489 29.43 -51.37 16.82
N TRP A 490 28.85 -50.20 17.11
CA TRP A 490 27.84 -50.12 18.16
C TRP A 490 26.57 -50.84 17.70
N ASN A 491 25.98 -51.66 18.58
CA ASN A 491 24.74 -52.33 18.22
C ASN A 491 23.64 -51.32 17.89
N GLU A 492 23.61 -50.18 18.58
CA GLU A 492 22.60 -49.16 18.29
C GLU A 492 22.64 -48.74 16.83
N SER A 493 23.85 -48.63 16.25
CA SER A 493 23.97 -48.27 14.84
C SER A 493 23.42 -49.36 13.94
N ASN A 494 23.54 -50.63 14.33
CA ASN A 494 22.95 -51.70 13.54
C ASN A 494 21.44 -51.58 13.52
N THR A 495 20.83 -51.36 14.69
CA THR A 495 19.39 -51.22 14.77
C THR A 495 18.91 -50.02 13.98
N MET A 496 19.56 -48.87 14.16
CA MET A 496 19.10 -47.66 13.49
C MET A 496 19.28 -47.78 11.99
N GLY A 497 20.38 -48.38 11.55
CA GLY A 497 20.62 -48.51 10.12
C GLY A 497 19.64 -49.45 9.44
N ASP A 498 19.30 -50.56 10.09
CA ASP A 498 18.25 -51.43 9.56
C ASP A 498 16.92 -50.70 9.48
N ASN A 499 16.60 -49.87 10.49
CA ASN A 499 15.33 -49.15 10.48
C ASN A 499 15.30 -48.09 9.39
N LEU A 500 16.42 -47.39 9.16
CA LEU A 500 16.54 -46.53 7.99
C LEU A 500 16.24 -47.32 6.71
N THR A 501 16.92 -48.45 6.55
CA THR A 501 16.80 -49.25 5.33
C THR A 501 15.39 -49.77 5.14
N ALA A 502 14.73 -50.17 6.23
CA ALA A 502 13.37 -50.68 6.13
C ALA A 502 12.35 -49.63 5.70
N ASN A 503 12.72 -48.35 5.76
CA ASN A 503 11.83 -47.24 5.42
C ASN A 503 12.32 -46.45 4.21
N GLY A 504 13.06 -47.10 3.32
CA GLY A 504 13.55 -46.43 2.13
C GLY A 504 14.67 -45.46 2.38
N GLY A 505 15.33 -45.54 3.54
CA GLY A 505 16.37 -44.59 3.90
C GLY A 505 17.76 -45.05 3.48
N VAL A 506 18.72 -44.15 3.68
CA VAL A 506 20.10 -44.32 3.24
C VAL A 506 21.01 -44.03 4.43
N VAL A 507 22.03 -44.87 4.62
CA VAL A 507 22.85 -44.82 5.83
C VAL A 507 24.11 -44.02 5.56
N GLY A 508 24.30 -42.93 6.32
CA GLY A 508 25.52 -42.16 6.27
C GLY A 508 26.45 -42.57 7.39
N THR A 509 27.69 -42.90 7.03
CA THR A 509 28.72 -43.20 8.00
C THR A 509 29.73 -42.06 8.06
N ASN A 510 30.01 -41.59 9.27
CA ASN A 510 30.95 -40.51 9.51
C ASN A 510 32.34 -41.09 9.75
N TYR A 511 33.29 -40.69 8.89
CA TYR A 511 34.74 -40.93 9.08
C TYR A 511 35.10 -42.41 9.05
N SER A 512 34.47 -43.14 8.13
CA SER A 512 34.92 -44.49 7.77
C SER A 512 36.10 -44.41 6.81
N ASP A 513 37.00 -45.37 6.91
CA ASP A 513 38.06 -45.54 5.92
C ASP A 513 37.70 -46.68 4.98
N GLY A 514 38.61 -46.97 4.04
CA GLY A 514 38.33 -47.98 3.03
C GLY A 514 37.96 -49.33 3.64
N ALA A 515 38.74 -49.78 4.62
CA ALA A 515 38.48 -51.07 5.27
C ALA A 515 37.11 -51.08 5.92
N ASN A 516 36.70 -49.97 6.54
CA ASN A 516 35.42 -49.96 7.23
C ASN A 516 34.25 -49.87 6.25
N TYR A 517 34.42 -49.13 5.15
CA TYR A 517 33.44 -49.18 4.07
C TYR A 517 33.20 -50.62 3.64
N ASP A 518 34.29 -51.37 3.41
CA ASP A 518 34.18 -52.77 3.03
C ASP A 518 33.52 -53.61 4.11
N LYS A 519 33.83 -53.33 5.38
CA LYS A 519 33.21 -54.05 6.48
C LYS A 519 31.71 -53.76 6.55
N ILE A 520 31.32 -52.50 6.34
CA ILE A 520 29.91 -52.15 6.32
C ILE A 520 29.20 -52.93 5.22
N ARG A 521 29.80 -52.93 4.01
CA ARG A 521 29.20 -53.66 2.90
CA ARG A 521 29.20 -53.66 2.90
C ARG A 521 29.03 -55.14 3.23
N THR A 522 30.04 -55.74 3.87
CA THR A 522 29.97 -57.16 4.24
C THR A 522 28.96 -57.38 5.36
N THR A 523 28.99 -56.55 6.40
CA THR A 523 28.14 -56.79 7.55
C THR A 523 26.69 -56.39 7.31
N HIS A 524 26.45 -55.39 6.47
CA HIS A 524 25.10 -54.90 6.22
C HIS A 524 24.85 -54.83 4.72
N PRO A 525 24.72 -55.98 4.06
CA PRO A 525 24.58 -56.00 2.60
C PRO A 525 23.33 -55.30 2.10
N SER A 526 22.35 -55.04 2.96
CA SER A 526 21.12 -54.40 2.53
C SER A 526 21.21 -52.88 2.57
N TRP A 527 22.19 -52.33 3.28
CA TRP A 527 22.30 -50.88 3.42
C TRP A 527 22.84 -50.25 2.14
N ALA A 528 22.24 -49.12 1.76
CA ALA A 528 22.83 -48.19 0.80
C ALA A 528 23.56 -47.12 1.59
N ILE A 529 24.86 -46.98 1.36
CA ILE A 529 25.68 -46.17 2.26
C ILE A 529 26.41 -45.08 1.48
N TYR A 530 26.89 -44.10 2.24
CA TYR A 530 27.72 -43.02 1.72
C TYR A 530 28.53 -42.46 2.89
N GLY A 531 29.57 -41.71 2.55
CA GLY A 531 30.34 -41.02 3.57
C GLY A 531 29.71 -39.69 3.93
N SER A 532 28.89 -39.68 4.99
CA SER A 532 28.17 -38.46 5.36
C SER A 532 29.08 -37.38 5.92
N GLU A 533 30.27 -37.75 6.40
CA GLU A 533 31.25 -36.76 6.82
C GLU A 533 32.64 -37.37 6.70
N THR A 534 33.55 -36.67 6.03
CA THR A 534 34.83 -37.25 5.66
C THR A 534 35.93 -36.22 5.81
N ALA A 535 37.17 -36.73 5.86
CA ALA A 535 38.40 -35.93 5.85
C ALA A 535 38.64 -35.19 7.16
N SER A 536 38.10 -33.98 7.31
CA SER A 536 38.50 -33.07 8.39
C SER A 536 40.02 -32.85 8.39
N ALA A 537 40.57 -32.64 7.20
CA ALA A 537 41.91 -32.09 7.08
C ALA A 537 41.92 -30.69 7.67
N ILE A 538 43.06 -30.30 8.26
CA ILE A 538 43.19 -29.01 8.91
C ILE A 538 44.40 -28.29 8.33
N ASN A 539 44.15 -27.16 7.66
CA ASN A 539 45.20 -26.41 6.98
C ASN A 539 44.91 -24.93 7.07
N SER A 540 45.96 -24.13 7.01
CA SER A 540 45.84 -22.70 6.73
C SER A 540 46.09 -22.45 5.25
N ARG A 541 45.78 -21.22 4.82
CA ARG A 541 46.05 -20.81 3.44
C ARG A 541 47.46 -20.25 3.36
N GLY A 542 48.29 -20.83 2.50
CA GLY A 542 49.56 -20.23 2.14
C GLY A 542 50.72 -20.50 3.06
N ILE A 543 50.71 -21.60 3.80
CA ILE A 543 51.77 -21.91 4.78
C ILE A 543 52.60 -23.07 4.24
N TYR A 544 53.90 -22.83 4.03
CA TYR A 544 54.75 -23.80 3.35
C TYR A 544 56.05 -24.14 4.09
N ASN A 545 56.36 -23.49 5.22
CA ASN A 545 57.67 -23.72 5.83
C ASN A 545 57.74 -24.99 6.66
N ARG A 546 56.66 -25.78 6.68
CA ARG A 546 56.71 -27.17 7.15
C ARG A 546 55.60 -27.91 6.41
N THR A 547 55.81 -29.21 6.20
CA THR A 547 54.84 -30.04 5.49
C THR A 547 54.03 -30.91 6.44
N THR A 548 54.20 -30.73 7.75
CA THR A 548 53.55 -31.51 8.78
C THR A 548 52.54 -30.65 9.53
N GLY A 549 51.56 -31.32 10.14
CA GLY A 549 50.57 -30.62 10.93
C GLY A 549 49.84 -31.51 11.92
N GLY A 550 48.51 -31.49 11.88
CA GLY A 550 47.71 -32.34 12.75
C GLY A 550 47.73 -31.98 14.22
N ALA A 551 48.33 -30.85 14.59
CA ALA A 551 48.46 -30.49 16.00
C ALA A 551 48.77 -29.00 16.10
N GLN A 552 48.70 -28.49 17.33
CA GLN A 552 49.00 -27.09 17.57
C GLN A 552 50.43 -26.78 17.16
N SER A 553 50.62 -25.63 16.53
CA SER A 553 51.92 -25.19 16.03
C SER A 553 52.45 -24.04 16.89
N SER A 554 53.56 -23.45 16.45
CA SER A 554 54.13 -22.31 17.14
C SER A 554 53.69 -20.97 16.57
N ASP A 555 53.00 -20.95 15.42
CA ASP A 555 52.59 -19.70 14.78
C ASP A 555 51.08 -19.57 14.63
N LYS A 556 50.30 -20.43 15.30
CA LYS A 556 48.84 -20.40 15.25
C LYS A 556 48.29 -20.67 13.85
N GLN A 557 49.10 -21.29 12.99
CA GLN A 557 48.70 -21.66 11.63
C GLN A 557 49.05 -23.11 11.38
N LEU A 558 48.63 -23.62 10.22
CA LEU A 558 48.84 -25.01 9.86
C LEU A 558 49.31 -25.10 8.42
N THR A 559 50.13 -26.12 8.14
CA THR A 559 50.67 -26.32 6.80
C THR A 559 49.55 -26.39 5.76
N SER A 560 49.85 -25.92 4.56
CA SER A 560 48.92 -26.02 3.44
C SER A 560 49.08 -27.32 2.67
N TYR A 561 50.16 -28.06 2.89
CA TYR A 561 50.31 -29.39 2.33
C TYR A 561 49.23 -30.32 2.89
N ASP A 562 48.81 -31.29 2.09
CA ASP A 562 47.73 -32.19 2.49
C ASP A 562 48.28 -33.36 3.32
N ASN A 563 48.96 -33.00 4.41
CA ASN A 563 49.51 -33.97 5.36
C ASN A 563 49.06 -33.70 6.78
N SER A 564 47.93 -33.03 6.97
CA SER A 564 47.53 -32.55 8.29
C SER A 564 46.05 -32.81 8.50
N ALA A 565 45.71 -33.63 9.48
CA ALA A 565 44.32 -33.97 9.73
C ALA A 565 44.13 -34.27 11.21
N VAL A 566 42.87 -34.21 11.64
CA VAL A 566 42.56 -34.57 13.02
C VAL A 566 42.66 -36.09 13.19
N GLY A 567 42.74 -36.50 14.46
CA GLY A 567 42.97 -37.91 14.77
C GLY A 567 41.89 -38.84 14.24
N TRP A 568 40.64 -38.38 14.24
CA TRP A 568 39.54 -39.19 13.73
C TRP A 568 39.34 -39.03 12.24
N GLY A 569 40.06 -38.13 11.59
CA GLY A 569 39.88 -37.84 10.18
C GLY A 569 40.94 -38.44 9.30
N ALA A 570 41.12 -37.82 8.13
CA ALA A 570 42.04 -38.30 7.12
C ALA A 570 42.33 -37.15 6.17
N VAL A 571 43.54 -37.13 5.62
CA VAL A 571 43.88 -36.08 4.68
C VAL A 571 43.03 -36.23 3.42
N ALA A 572 42.89 -35.12 2.69
CA ALA A 572 41.98 -35.06 1.54
C ALA A 572 42.22 -36.20 0.56
N SER A 573 43.48 -36.47 0.23
CA SER A 573 43.73 -37.52 -0.77
C SER A 573 43.31 -38.89 -0.24
N SER A 574 43.37 -39.10 1.09
CA SER A 574 43.00 -40.38 1.67
C SER A 574 41.48 -40.59 1.69
N ALA A 575 40.73 -39.60 2.15
CA ALA A 575 39.28 -39.74 2.20
C ALA A 575 38.68 -39.84 0.79
N TRP A 576 39.31 -39.24 -0.22
CA TRP A 576 38.76 -39.37 -1.57
C TRP A 576 39.18 -40.68 -2.23
N TYR A 577 40.44 -41.08 -2.06
CA TYR A 577 40.89 -42.36 -2.59
C TYR A 577 40.02 -43.51 -2.12
N ASP A 578 39.60 -43.48 -0.85
CA ASP A 578 38.80 -44.59 -0.33
C ASP A 578 37.38 -44.57 -0.90
N VAL A 579 36.89 -43.41 -1.29
CA VAL A 579 35.53 -43.30 -1.82
C VAL A 579 35.49 -43.57 -3.32
N VAL A 580 36.46 -43.04 -4.07
CA VAL A 580 36.39 -43.09 -5.53
C VAL A 580 36.46 -44.53 -6.03
N GLN A 581 37.14 -45.41 -5.30
CA GLN A 581 37.32 -46.81 -5.72
C GLN A 581 36.06 -47.64 -5.56
N ARG A 582 35.11 -47.22 -4.74
CA ARG A 582 34.00 -48.08 -4.31
C ARG A 582 32.67 -47.51 -4.83
N ASP A 583 32.09 -48.19 -5.81
CA ASP A 583 30.82 -47.74 -6.35
C ASP A 583 29.70 -47.80 -5.31
N PHE A 584 29.85 -48.63 -4.26
CA PHE A 584 28.82 -48.75 -3.24
C PHE A 584 28.86 -47.63 -2.21
N VAL A 585 29.93 -46.83 -2.18
CA VAL A 585 29.96 -45.63 -1.34
C VAL A 585 29.49 -44.49 -2.24
N ALA A 586 28.22 -44.10 -2.10
CA ALA A 586 27.59 -43.25 -3.10
C ALA A 586 28.31 -41.92 -3.25
N GLY A 587 28.97 -41.45 -2.20
CA GLY A 587 29.72 -40.22 -2.31
C GLY A 587 30.30 -39.81 -0.98
N THR A 588 30.66 -38.53 -0.90
CA THR A 588 31.42 -38.01 0.23
C THR A 588 30.95 -36.60 0.54
N TYR A 589 30.92 -36.24 1.82
CA TYR A 589 30.60 -34.87 2.24
C TYR A 589 31.76 -34.37 3.09
N VAL A 590 32.74 -33.78 2.41
CA VAL A 590 33.98 -33.39 3.05
C VAL A 590 33.73 -32.31 4.09
N TRP A 591 34.28 -32.50 5.28
CA TRP A 591 34.28 -31.48 6.32
C TRP A 591 35.54 -30.62 6.19
N THR A 592 35.45 -29.36 5.74
CA THR A 592 34.24 -28.68 5.24
C THR A 592 34.59 -27.99 3.91
N GLY A 593 33.57 -27.47 3.24
CA GLY A 593 33.83 -26.73 2.01
C GLY A 593 34.47 -25.37 2.29
N PHE A 594 33.93 -24.64 3.26
CA PHE A 594 34.44 -23.34 3.69
C PHE A 594 34.79 -23.41 5.17
N ASP A 595 35.84 -22.70 5.58
CA ASP A 595 36.05 -22.49 7.00
C ASP A 595 34.84 -21.74 7.58
N TYR A 596 34.63 -21.92 8.88
CA TYR A 596 33.49 -21.33 9.57
C TYR A 596 33.98 -20.79 10.92
N LEU A 597 33.19 -19.89 11.51
CA LEU A 597 33.59 -19.34 12.79
C LEU A 597 33.38 -20.37 13.89
N GLY A 598 34.27 -20.33 14.89
CA GLY A 598 34.25 -21.33 15.93
C GLY A 598 35.10 -22.55 15.58
N GLU A 599 34.86 -23.64 16.33
CA GLU A 599 35.57 -24.93 16.33
C GLU A 599 36.98 -24.82 15.75
N PRO A 600 37.90 -24.12 16.44
CA PRO A 600 39.24 -23.89 15.86
C PRO A 600 40.23 -25.01 16.13
N THR A 601 39.76 -26.25 16.16
CA THR A 601 40.60 -27.45 16.23
C THR A 601 41.83 -27.31 15.31
N PRO A 602 43.04 -27.60 15.83
CA PRO A 602 43.45 -28.20 17.12
C PRO A 602 43.59 -27.22 18.29
N TRP A 603 43.06 -26.00 18.16
CA TRP A 603 42.94 -25.07 19.27
C TRP A 603 41.51 -24.99 19.80
N ASN A 604 40.77 -26.10 19.75
CA ASN A 604 39.39 -26.07 20.19
C ASN A 604 39.30 -26.08 21.72
N GLY A 605 38.14 -25.67 22.21
CA GLY A 605 37.87 -25.66 23.63
C GLY A 605 36.37 -25.68 23.86
N THR A 606 35.87 -26.75 24.47
CA THR A 606 34.44 -26.84 24.74
C THR A 606 34.03 -26.13 26.03
N GLY A 607 34.99 -25.65 26.83
CA GLY A 607 34.71 -24.80 27.96
C GLY A 607 35.22 -23.39 27.76
N SER A 608 35.34 -22.66 28.86
CA SER A 608 35.81 -21.28 28.79
C SER A 608 37.34 -21.24 28.81
N GLY A 609 37.89 -20.07 28.50
CA GLY A 609 39.31 -19.87 28.58
C GLY A 609 39.98 -19.85 27.22
N ALA A 610 41.02 -19.02 27.10
CA ALA A 610 41.83 -18.99 25.88
C ALA A 610 42.57 -20.32 25.70
N VAL A 611 42.65 -20.77 24.45
CA VAL A 611 43.41 -21.96 24.11
C VAL A 611 44.71 -21.49 23.44
N GLY A 612 45.82 -21.66 24.13
CA GLY A 612 47.08 -21.05 23.70
C GLY A 612 47.05 -19.55 23.98
N SER A 613 48.17 -18.90 23.67
CA SER A 613 48.30 -17.48 23.97
C SER A 613 47.27 -16.67 23.19
N TRP A 614 46.65 -15.72 23.88
CA TRP A 614 45.64 -14.83 23.31
C TRP A 614 46.38 -13.77 22.49
N PRO A 615 45.84 -13.41 21.30
CA PRO A 615 44.60 -13.87 20.66
C PRO A 615 44.65 -15.32 20.16
N SER A 616 43.65 -16.13 20.55
CA SER A 616 43.58 -17.53 20.17
C SER A 616 42.84 -17.70 18.84
N PRO A 617 43.16 -18.76 18.10
CA PRO A 617 42.42 -19.05 16.87
C PRO A 617 40.93 -19.15 17.15
N LYS A 618 40.14 -18.44 16.35
CA LYS A 618 38.70 -18.35 16.57
C LYS A 618 37.86 -18.84 15.39
N ASN A 619 38.45 -19.22 14.27
CA ASN A 619 37.69 -19.89 13.23
C ASN A 619 38.38 -21.19 12.84
N SER A 620 37.69 -21.98 12.02
CA SER A 620 38.11 -23.34 11.76
C SER A 620 39.31 -23.37 10.81
N TYR A 621 39.94 -24.54 10.75
CA TYR A 621 40.96 -24.83 9.76
C TYR A 621 40.54 -25.94 8.81
N PHE A 622 39.29 -26.42 8.92
CA PHE A 622 38.80 -27.54 8.14
C PHE A 622 38.47 -27.19 6.70
N GLY A 623 38.30 -25.93 6.38
CA GLY A 623 37.73 -25.56 5.10
C GLY A 623 38.72 -25.76 3.96
N ILE A 624 38.23 -26.31 2.85
CA ILE A 624 39.00 -26.27 1.61
C ILE A 624 39.21 -24.81 1.19
N VAL A 625 38.20 -23.98 1.42
CA VAL A 625 38.23 -22.54 1.16
C VAL A 625 38.17 -21.83 2.50
N ASP A 626 38.90 -20.71 2.64
CA ASP A 626 38.88 -20.00 3.91
C ASP A 626 37.60 -19.17 4.04
N THR A 627 37.44 -18.49 5.18
CA THR A 627 36.19 -17.77 5.44
C THR A 627 35.97 -16.64 4.45
N ALA A 628 37.04 -16.11 3.88
CA ALA A 628 36.95 -15.00 2.95
C ALA A 628 36.70 -15.45 1.51
N GLY A 629 36.54 -16.75 1.28
CA GLY A 629 36.36 -17.23 -0.07
C GLY A 629 37.64 -17.49 -0.84
N PHE A 630 38.80 -17.43 -0.18
CA PHE A 630 40.07 -17.67 -0.85
C PHE A 630 40.45 -19.14 -0.74
N PRO A 631 40.60 -19.85 -1.85
CA PRO A 631 40.88 -21.29 -1.76
C PRO A 631 42.26 -21.57 -1.18
N LYS A 632 42.34 -22.65 -0.39
CA LYS A 632 43.62 -23.22 0.00
C LYS A 632 44.13 -24.13 -1.12
N ASP A 633 45.38 -24.55 -1.00
CA ASP A 633 45.99 -25.31 -2.10
C ASP A 633 45.22 -26.58 -2.41
N THR A 634 44.67 -27.24 -1.40
CA THR A 634 43.97 -28.50 -1.64
C THR A 634 42.71 -28.31 -2.49
N TYR A 635 42.23 -27.07 -2.61
CA TYR A 635 41.13 -26.77 -3.52
C TYR A 635 41.41 -27.31 -4.92
N TYR A 636 42.66 -27.19 -5.38
CA TYR A 636 42.99 -27.65 -6.71
C TYR A 636 43.25 -29.16 -6.77
N PHE A 637 43.59 -29.80 -5.66
CA PHE A 637 43.52 -31.26 -5.65
C PHE A 637 42.08 -31.72 -5.88
N TYR A 638 41.14 -31.15 -5.12
CA TYR A 638 39.75 -31.53 -5.33
C TYR A 638 39.29 -31.20 -6.74
N GLN A 639 39.65 -30.01 -7.24
CA GLN A 639 39.26 -29.65 -8.61
C GLN A 639 39.83 -30.65 -9.61
N SER A 640 41.06 -31.12 -9.39
CA SER A 640 41.66 -32.11 -10.27
C SER A 640 40.90 -33.43 -10.22
N GLN A 641 40.24 -33.71 -9.10
CA GLN A 641 39.52 -34.96 -8.91
C GLN A 641 38.07 -34.88 -9.36
N TRP A 642 37.45 -33.71 -9.26
CA TRP A 642 35.99 -33.60 -9.28
C TRP A 642 35.43 -32.82 -10.47
N ASN A 643 36.13 -31.81 -10.96
CA ASN A 643 35.57 -30.94 -11.99
C ASN A 643 35.93 -31.51 -13.36
N ASP A 644 34.96 -32.14 -14.02
CA ASP A 644 35.20 -32.67 -15.35
C ASP A 644 35.03 -31.63 -16.46
N ASP A 645 34.71 -30.39 -16.12
CA ASP A 645 34.49 -29.34 -17.10
C ASP A 645 35.64 -28.33 -17.15
N VAL A 646 36.73 -28.57 -16.42
CA VAL A 646 37.89 -27.69 -16.44
C VAL A 646 39.13 -28.55 -16.27
N HIS A 647 40.27 -28.01 -16.67
CA HIS A 647 41.53 -28.67 -16.43
C HIS A 647 42.25 -27.97 -15.29
N THR A 648 43.07 -28.74 -14.56
CA THR A 648 43.75 -28.25 -13.38
C THR A 648 45.24 -28.51 -13.51
N LEU A 649 46.05 -27.52 -13.16
CA LEU A 649 47.51 -27.68 -13.09
C LEU A 649 48.01 -26.70 -12.05
N HIS A 650 48.34 -27.21 -10.87
CA HIS A 650 48.61 -26.37 -9.70
C HIS A 650 49.87 -26.84 -8.99
N ILE A 651 50.76 -25.89 -8.69
CA ILE A 651 52.03 -26.16 -7.99
C ILE A 651 51.98 -25.51 -6.61
N LEU A 652 52.38 -26.26 -5.59
CA LEU A 652 52.78 -25.68 -4.31
C LEU A 652 54.16 -26.24 -3.98
N PRO A 653 54.98 -25.50 -3.22
CA PRO A 653 54.73 -24.24 -2.53
C PRO A 653 55.01 -22.99 -3.36
N ALA A 654 54.63 -21.83 -2.84
CA ALA A 654 55.18 -20.59 -3.34
C ALA A 654 56.69 -20.61 -3.20
N TRP A 655 57.37 -19.98 -4.16
CA TRP A 655 58.81 -20.21 -4.32
C TRP A 655 59.66 -19.05 -3.83
N ASN A 656 59.43 -18.59 -2.60
CA ASN A 656 60.32 -17.66 -1.91
C ASN A 656 61.08 -18.39 -0.82
N GLU A 657 62.36 -18.04 -0.66
CA GLU A 657 63.22 -18.79 0.26
C GLU A 657 62.68 -18.76 1.68
N ASN A 658 62.15 -17.63 2.13
CA ASN A 658 61.73 -17.49 3.51
C ASN A 658 60.37 -18.14 3.81
N VAL A 659 59.74 -18.80 2.84
CA VAL A 659 58.48 -19.49 3.11
C VAL A 659 58.55 -20.99 2.85
N VAL A 660 59.58 -21.50 2.15
CA VAL A 660 59.63 -22.91 1.83
C VAL A 660 60.21 -23.69 3.01
N ALA A 661 60.02 -25.00 2.97
CA ALA A 661 60.57 -25.92 3.97
C ALA A 661 61.77 -26.64 3.37
N LYS A 662 62.95 -26.45 3.96
CA LYS A 662 64.16 -27.12 3.51
C LYS A 662 64.37 -28.40 4.32
N GLY A 663 64.18 -29.54 3.68
CA GLY A 663 64.43 -30.81 4.33
C GLY A 663 65.83 -31.31 4.06
N SER A 664 65.98 -32.63 3.88
CA SER A 664 67.29 -33.21 3.63
C SER A 664 67.87 -32.69 2.31
N GLY A 665 69.18 -32.46 2.31
CA GLY A 665 69.83 -31.95 1.12
C GLY A 665 69.40 -30.58 0.70
N ASN A 666 68.78 -29.82 1.60
CA ASN A 666 68.18 -28.52 1.28
C ASN A 666 67.19 -28.63 0.13
N ASN A 667 66.49 -29.75 0.04
CA ASN A 667 65.47 -29.93 -0.96
C ASN A 667 64.12 -29.47 -0.43
N VAL A 668 63.31 -28.93 -1.34
CA VAL A 668 61.96 -28.47 -1.02
C VAL A 668 60.98 -29.44 -1.66
N PRO A 669 60.01 -29.98 -0.91
CA PRO A 669 58.98 -30.83 -1.53
C PRO A 669 58.03 -30.01 -2.39
N VAL A 670 57.93 -30.38 -3.66
CA VAL A 670 57.09 -29.70 -4.63
C VAL A 670 55.94 -30.62 -5.01
N VAL A 671 54.72 -30.13 -4.89
CA VAL A 671 53.53 -30.92 -5.13
C VAL A 671 52.77 -30.34 -6.31
N VAL A 672 52.30 -31.21 -7.20
CA VAL A 672 51.51 -30.82 -8.35
C VAL A 672 50.15 -31.51 -8.26
N TYR A 673 49.07 -30.71 -8.29
CA TYR A 673 47.72 -31.20 -8.45
C TYR A 673 47.28 -30.98 -9.90
N THR A 674 46.83 -32.05 -10.56
CA THR A 674 46.45 -31.95 -11.96
C THR A 674 45.52 -33.09 -12.34
N ASP A 675 44.67 -32.84 -13.33
CA ASP A 675 43.92 -33.89 -13.99
C ASP A 675 44.59 -34.36 -15.28
N ALA A 676 45.78 -33.84 -15.59
CA ALA A 676 46.49 -34.25 -16.79
C ALA A 676 46.97 -35.70 -16.66
N ALA A 677 47.20 -36.33 -17.81
CA ALA A 677 47.73 -37.70 -17.82
C ALA A 677 49.22 -37.74 -17.52
N LYS A 678 49.93 -36.66 -17.83
CA LYS A 678 51.38 -36.64 -17.69
C LYS A 678 51.81 -35.19 -17.46
N VAL A 679 52.82 -35.02 -16.61
CA VAL A 679 53.35 -33.70 -16.29
C VAL A 679 54.86 -33.72 -16.47
N LYS A 680 55.39 -32.68 -17.10
CA LYS A 680 56.82 -32.39 -17.13
C LYS A 680 57.08 -31.18 -16.25
N LEU A 681 58.02 -31.31 -15.32
CA LEU A 681 58.39 -30.23 -14.41
C LEU A 681 59.69 -29.59 -14.89
N TYR A 682 59.77 -28.26 -14.77
CA TYR A 682 60.92 -27.51 -15.25
C TYR A 682 61.40 -26.54 -14.19
N PHE A 683 62.66 -26.12 -14.32
CA PHE A 683 63.20 -25.05 -13.50
C PHE A 683 63.88 -24.03 -14.41
N THR A 684 63.60 -22.76 -14.16
CA THR A 684 64.25 -21.66 -14.87
C THR A 684 64.98 -20.79 -13.87
N PRO A 685 66.31 -20.77 -13.87
CA PRO A 685 67.05 -19.91 -12.94
C PRO A 685 66.71 -18.45 -13.20
N LYS A 686 66.76 -17.66 -12.12
CA LYS A 686 66.40 -16.25 -12.24
C LYS A 686 67.32 -15.55 -13.22
N GLY A 687 66.74 -14.64 -14.01
CA GLY A 687 67.50 -13.95 -15.03
C GLY A 687 67.67 -14.72 -16.32
N SER A 688 67.12 -15.94 -16.40
CA SER A 688 67.17 -16.77 -17.59
C SER A 688 65.78 -16.90 -18.18
N THR A 689 65.72 -17.10 -19.50
CA THR A 689 64.47 -17.37 -20.18
C THR A 689 64.37 -18.81 -20.65
N GLU A 690 65.35 -19.65 -20.29
CA GLU A 690 65.44 -21.01 -20.77
C GLU A 690 65.19 -21.98 -19.62
N LYS A 691 64.18 -22.83 -19.78
CA LYS A 691 63.80 -23.77 -18.74
C LYS A 691 64.49 -25.10 -18.93
N ARG A 692 64.79 -25.76 -17.82
CA ARG A 692 65.47 -27.05 -17.81
C ARG A 692 64.53 -28.12 -17.30
N LEU A 693 64.44 -29.23 -18.04
CA LEU A 693 63.60 -30.34 -17.64
C LEU A 693 64.17 -31.00 -16.39
N ILE A 694 63.35 -31.12 -15.34
CA ILE A 694 63.78 -31.72 -14.09
C ILE A 694 62.99 -32.95 -13.70
N GLY A 695 61.90 -33.26 -14.39
CA GLY A 695 61.13 -34.44 -14.03
C GLY A 695 59.98 -34.66 -14.99
N GLU A 696 59.49 -35.90 -15.00
CA GLU A 696 58.40 -36.30 -15.89
C GLU A 696 57.71 -37.51 -15.25
N LYS A 697 56.41 -37.39 -14.98
CA LYS A 697 55.65 -38.44 -14.34
C LYS A 697 54.29 -38.60 -15.00
N SER A 698 53.84 -39.85 -15.15
CA SER A 698 52.60 -40.18 -15.84
C SER A 698 51.63 -40.89 -14.90
N PHE A 699 50.36 -40.47 -14.93
CA PHE A 699 49.31 -41.11 -14.17
C PHE A 699 48.82 -42.38 -14.87
N THR A 700 48.31 -43.31 -14.06
CA THR A 700 47.62 -44.49 -14.55
C THR A 700 46.12 -44.30 -14.36
N LYS A 701 45.34 -44.65 -15.38
CA LYS A 701 43.90 -44.45 -15.34
C LYS A 701 43.21 -45.71 -14.84
N LYS A 702 42.38 -45.57 -13.81
CA LYS A 702 41.62 -46.66 -13.23
C LYS A 702 40.13 -46.47 -13.54
N THR A 703 39.42 -47.59 -13.71
CA THR A 703 38.00 -47.57 -14.02
C THR A 703 37.26 -48.57 -13.14
N THR A 704 36.22 -48.11 -12.46
CA THR A 704 35.43 -48.99 -11.61
C THR A 704 34.38 -49.73 -12.43
N ALA A 705 33.72 -50.69 -11.79
CA ALA A 705 32.72 -51.49 -12.48
C ALA A 705 31.59 -50.62 -13.01
N ALA A 706 31.20 -49.61 -12.24
CA ALA A 706 30.14 -48.71 -12.66
C ALA A 706 30.58 -47.74 -13.75
N GLY A 707 31.88 -47.66 -14.04
CA GLY A 707 32.39 -46.80 -15.09
C GLY A 707 33.04 -45.52 -14.61
N TYR A 708 33.10 -45.27 -13.31
CA TYR A 708 33.84 -44.12 -12.81
C TYR A 708 35.33 -44.30 -13.06
N THR A 709 36.02 -43.19 -13.27
CA THR A 709 37.46 -43.23 -13.54
C THR A 709 38.20 -42.29 -12.61
N TYR A 710 39.48 -42.60 -12.38
CA TYR A 710 40.35 -41.77 -11.56
C TYR A 710 41.79 -42.11 -11.93
N GLN A 711 42.73 -41.28 -11.48
CA GLN A 711 44.13 -41.42 -11.82
C GLN A 711 45.00 -41.59 -10.58
N VAL A 712 45.94 -42.52 -10.65
CA VAL A 712 46.93 -42.76 -9.61
C VAL A 712 48.30 -42.91 -10.24
N TYR A 713 49.32 -42.41 -9.56
CA TYR A 713 50.69 -42.55 -10.03
C TYR A 713 51.24 -43.90 -9.57
N GLU A 714 51.85 -44.63 -10.52
CA GLU A 714 52.39 -45.95 -10.23
C GLU A 714 53.84 -46.08 -10.67
N GLY A 715 54.56 -44.97 -10.81
CA GLY A 715 55.96 -45.03 -11.20
C GLY A 715 56.83 -45.63 -10.11
N SER A 716 58.10 -45.85 -10.46
CA SER A 716 59.01 -46.54 -9.55
C SER A 716 59.23 -45.75 -8.26
N ASP A 717 59.21 -44.43 -8.33
CA ASP A 717 59.37 -43.60 -7.14
C ASP A 717 58.05 -43.14 -6.55
N LYS A 718 56.97 -43.89 -6.80
CA LYS A 718 55.68 -43.55 -6.21
C LYS A 718 55.77 -43.63 -4.69
N ASP A 719 54.82 -42.97 -4.03
CA ASP A 719 54.76 -43.01 -2.59
C ASP A 719 54.34 -44.41 -2.13
N SER A 720 54.89 -44.85 -0.99
CA SER A 720 54.47 -46.14 -0.48
C SER A 720 53.06 -46.11 0.09
N THR A 721 52.57 -44.93 0.46
CA THR A 721 51.18 -44.74 0.88
C THR A 721 50.36 -44.47 -0.37
N ALA A 722 49.45 -45.40 -0.70
CA ALA A 722 48.79 -45.40 -2.00
C ALA A 722 48.04 -44.09 -2.26
N HIS A 723 47.28 -43.61 -1.27
CA HIS A 723 46.40 -42.47 -1.54
C HIS A 723 47.20 -41.22 -1.88
N LYS A 724 48.45 -41.12 -1.42
CA LYS A 724 49.26 -39.97 -1.78
C LYS A 724 49.59 -39.93 -3.26
N ASN A 725 49.41 -41.04 -3.97
CA ASN A 725 49.73 -41.09 -5.38
C ASN A 725 48.58 -40.58 -6.26
N MET A 726 47.52 -40.03 -5.66
CA MET A 726 46.56 -39.25 -6.45
C MET A 726 47.11 -37.87 -6.84
N TYR A 727 48.31 -37.52 -6.39
CA TYR A 727 49.00 -36.32 -6.87
C TYR A 727 50.48 -36.68 -7.07
N LEU A 728 51.26 -35.69 -7.49
CA LEU A 728 52.66 -35.89 -7.82
C LEU A 728 53.55 -35.03 -6.92
N THR A 729 54.70 -35.58 -6.52
CA THR A 729 55.64 -34.89 -5.67
C THR A 729 57.05 -35.00 -6.23
N TRP A 730 57.74 -33.87 -6.28
CA TRP A 730 59.17 -33.82 -6.55
C TRP A 730 59.87 -33.19 -5.36
N ASN A 731 61.15 -33.49 -5.21
CA ASN A 731 62.01 -32.82 -4.24
C ASN A 731 63.03 -32.01 -5.02
N VAL A 732 62.91 -30.69 -4.94
CA VAL A 732 63.65 -29.75 -5.78
C VAL A 732 64.56 -28.93 -4.88
N PRO A 733 65.86 -28.82 -5.20
CA PRO A 733 66.73 -27.95 -4.40
C PRO A 733 66.32 -26.50 -4.54
N TRP A 734 66.38 -25.78 -3.43
CA TRP A 734 65.99 -24.37 -3.45
C TRP A 734 66.99 -23.55 -4.25
N ALA A 735 66.48 -22.73 -5.15
CA ALA A 735 67.27 -21.72 -5.85
C ALA A 735 66.31 -20.68 -6.41
N GLU A 736 66.73 -19.42 -6.43
CA GLU A 736 65.87 -18.37 -6.96
C GLU A 736 65.53 -18.65 -8.42
N GLY A 737 64.26 -18.54 -8.75
CA GLY A 737 63.85 -18.78 -10.12
C GLY A 737 62.38 -19.17 -10.19
N THR A 738 62.08 -20.01 -11.17
CA THR A 738 60.70 -20.37 -11.51
C THR A 738 60.60 -21.87 -11.69
N ILE A 739 59.70 -22.50 -10.93
CA ILE A 739 59.27 -23.87 -11.21
C ILE A 739 58.00 -23.79 -12.06
N SER A 740 58.00 -24.47 -13.20
CA SER A 740 56.84 -24.47 -14.07
C SER A 740 56.54 -25.91 -14.50
N ALA A 741 55.28 -26.15 -14.87
CA ALA A 741 54.82 -27.48 -15.20
C ALA A 741 54.09 -27.44 -16.55
N GLU A 742 54.25 -28.50 -17.32
CA GLU A 742 53.54 -28.71 -18.58
C GLU A 742 52.65 -29.93 -18.46
N ALA A 743 51.41 -29.79 -18.93
CA ALA A 743 50.44 -30.88 -18.90
C ALA A 743 50.38 -31.58 -20.25
N TYR A 744 50.34 -32.90 -20.22
CA TYR A 744 50.25 -33.73 -21.41
C TYR A 744 49.11 -34.72 -21.26
N ASP A 745 48.49 -35.08 -22.38
CA ASP A 745 47.35 -35.96 -22.38
C ASP A 745 47.81 -37.41 -22.56
N GLU A 746 46.85 -38.32 -22.78
CA GLU A 746 47.15 -39.74 -22.91
C GLU A 746 47.97 -40.05 -24.16
N ASN A 747 48.00 -39.15 -25.15
CA ASN A 747 48.75 -39.36 -26.37
C ASN A 747 50.12 -38.69 -26.33
N ASN A 748 50.57 -38.27 -25.13
CA ASN A 748 51.84 -37.57 -24.96
C ASN A 748 51.91 -36.28 -25.78
N ARG A 749 50.76 -35.63 -25.95
CA ARG A 749 50.69 -34.35 -26.63
C ARG A 749 50.37 -33.26 -25.61
N LEU A 750 50.93 -32.08 -25.84
CA LEU A 750 50.74 -30.95 -24.94
C LEU A 750 49.27 -30.58 -24.83
N ILE A 751 48.82 -30.32 -23.62
CA ILE A 751 47.43 -29.92 -23.41
C ILE A 751 47.29 -28.43 -23.69
N PRO A 752 46.41 -28.03 -24.61
CA PRO A 752 46.24 -26.61 -24.93
C PRO A 752 45.88 -25.82 -23.69
N GLU A 753 46.37 -24.58 -23.62
CA GLU A 753 46.23 -23.76 -22.42
C GLU A 753 44.77 -23.63 -22.00
N GLY A 754 43.94 -23.10 -22.88
CA GLY A 754 42.51 -23.06 -22.63
C GLY A 754 42.16 -22.30 -21.35
N SER A 755 41.44 -22.98 -20.46
CA SER A 755 41.02 -22.41 -19.18
C SER A 755 41.54 -23.23 -18.00
N THR A 756 42.74 -23.80 -18.13
CA THR A 756 43.33 -24.56 -17.04
C THR A 756 43.52 -23.68 -15.81
N GLU A 757 43.20 -24.21 -14.64
CA GLU A 757 43.19 -23.43 -13.41
C GLU A 757 44.24 -23.94 -12.44
N GLY A 758 44.66 -23.04 -11.55
CA GLY A 758 45.76 -23.29 -10.63
C GLY A 758 47.03 -22.56 -11.05
N ASN A 759 48.03 -22.66 -10.19
CA ASN A 759 49.33 -22.04 -10.42
C ASN A 759 50.19 -23.01 -11.23
N ALA A 760 50.25 -22.81 -12.54
CA ALA A 760 51.10 -23.65 -13.38
C ALA A 760 52.58 -23.32 -13.23
N SER A 761 52.91 -22.25 -12.52
CA SER A 761 54.29 -21.92 -12.21
C SER A 761 54.34 -21.18 -10.88
N VAL A 762 55.48 -21.30 -10.21
CA VAL A 762 55.76 -20.55 -8.98
C VAL A 762 57.12 -19.90 -9.15
N THR A 763 57.28 -18.70 -8.61
CA THR A 763 58.52 -17.97 -8.89
C THR A 763 58.85 -17.05 -7.72
N THR A 764 60.16 -16.84 -7.55
CA THR A 764 60.66 -15.96 -6.50
C THR A 764 60.23 -14.53 -6.77
N THR A 765 59.56 -13.90 -5.81
CA THR A 765 59.06 -12.55 -6.00
C THR A 765 60.08 -11.53 -5.50
N GLY A 766 59.85 -10.27 -5.86
CA GLY A 766 60.50 -9.15 -5.21
C GLY A 766 59.74 -8.74 -3.96
N LYS A 767 60.08 -7.56 -3.46
CA LYS A 767 59.38 -7.10 -2.27
C LYS A 767 58.04 -6.49 -2.65
N ALA A 768 57.15 -6.39 -1.66
CA ALA A 768 55.83 -5.81 -1.88
C ALA A 768 55.96 -4.41 -2.47
N ALA A 769 55.17 -4.15 -3.52
CA ALA A 769 55.25 -2.88 -4.23
C ALA A 769 53.88 -2.22 -4.36
N LYS A 770 52.83 -3.03 -4.52
CA LYS A 770 51.55 -2.46 -4.87
C LYS A 770 50.42 -3.39 -4.45
N LEU A 771 49.23 -2.82 -4.38
CA LEU A 771 48.01 -3.58 -4.20
C LEU A 771 47.30 -3.76 -5.53
N LYS A 772 46.60 -4.88 -5.66
CA LYS A 772 45.76 -5.16 -6.81
C LYS A 772 44.37 -5.51 -6.27
N ALA A 773 43.41 -4.64 -6.51
CA ALA A 773 42.04 -4.85 -6.07
C ALA A 773 41.15 -5.18 -7.26
N ASP A 774 40.25 -6.15 -7.08
N ASP A 774 40.23 -6.12 -7.06
CA ASP A 774 39.30 -6.51 -8.11
CA ASP A 774 39.30 -6.56 -8.10
C ASP A 774 37.97 -6.89 -7.47
C ASP A 774 37.96 -6.90 -7.46
N ALA A 775 36.89 -6.28 -7.95
CA ALA A 775 35.54 -6.59 -7.50
C ALA A 775 35.03 -7.77 -8.32
N ASP A 776 34.46 -8.76 -7.65
CA ASP A 776 34.00 -9.95 -8.37
C ASP A 776 32.85 -9.59 -9.31
N ARG A 777 31.99 -8.66 -8.92
CA ARG A 777 30.94 -8.15 -9.79
C ARG A 777 31.04 -6.63 -9.80
N LYS A 778 31.14 -6.06 -11.01
CA LYS A 778 31.31 -4.62 -11.20
C LYS A 778 30.00 -3.85 -11.19
N THR A 779 28.86 -4.55 -11.19
CA THR A 779 27.56 -3.91 -11.06
C THR A 779 26.70 -4.79 -10.16
N ILE A 780 26.01 -4.15 -9.22
CA ILE A 780 25.20 -4.86 -8.25
C ILE A 780 23.87 -4.12 -8.10
N THR A 781 22.91 -4.80 -7.48
CA THR A 781 21.58 -4.23 -7.35
C THR A 781 21.52 -3.25 -6.17
N ALA A 782 20.88 -2.12 -6.39
CA ALA A 782 20.72 -1.08 -5.36
C ALA A 782 19.48 -1.36 -4.53
N ASP A 783 19.55 -2.44 -3.74
CA ASP A 783 18.46 -2.82 -2.86
C ASP A 783 18.86 -2.85 -1.39
N GLY A 784 20.08 -2.44 -1.05
CA GLY A 784 20.53 -2.56 0.32
C GLY A 784 20.78 -3.99 0.76
N LYS A 785 20.85 -4.91 -0.19
CA LYS A 785 21.12 -6.33 0.07
C LYS A 785 22.32 -6.83 -0.70
N ASP A 786 22.38 -6.55 -2.01
CA ASP A 786 23.41 -7.11 -2.88
C ASP A 786 24.79 -6.66 -2.44
N LEU A 787 25.77 -7.54 -2.69
CA LEU A 787 27.14 -7.37 -2.24
C LEU A 787 28.10 -7.40 -3.43
N SER A 788 29.24 -6.73 -3.27
CA SER A 788 30.38 -6.87 -4.17
C SER A 788 31.60 -7.24 -3.35
N TYR A 789 32.26 -8.33 -3.75
CA TYR A 789 33.42 -8.85 -3.03
C TYR A 789 34.69 -8.37 -3.70
N ILE A 790 35.55 -7.71 -2.94
CA ILE A 790 36.75 -7.07 -3.49
C ILE A 790 37.97 -7.77 -2.93
N GLU A 791 38.59 -8.64 -3.72
CA GLU A 791 39.85 -9.26 -3.33
C GLU A 791 41.00 -8.31 -3.63
N VAL A 792 41.90 -8.15 -2.65
CA VAL A 792 43.09 -7.33 -2.80
C VAL A 792 44.30 -8.21 -2.56
N ASP A 793 45.20 -8.26 -3.54
CA ASP A 793 46.47 -8.96 -3.43
C ASP A 793 47.61 -7.97 -3.18
N VAL A 794 48.55 -8.36 -2.32
CA VAL A 794 49.82 -7.67 -2.18
C VAL A 794 50.82 -8.31 -3.14
N THR A 795 51.32 -7.54 -4.10
CA THR A 795 52.19 -8.08 -5.14
C THR A 795 53.48 -7.26 -5.21
N ASP A 796 54.48 -7.83 -5.88
CA ASP A 796 55.71 -7.10 -6.13
C ASP A 796 55.49 -6.18 -7.33
N ALA A 797 56.57 -5.59 -7.85
CA ALA A 797 56.45 -4.65 -8.95
C ALA A 797 56.04 -5.32 -10.26
N ASN A 798 56.18 -6.64 -10.37
CA ASN A 798 55.84 -7.36 -11.59
C ASN A 798 54.58 -8.20 -11.42
N GLY A 799 53.78 -7.92 -10.40
CA GLY A 799 52.47 -8.52 -10.27
C GLY A 799 52.43 -9.86 -9.58
N HIS A 800 53.56 -10.36 -9.08
CA HIS A 800 53.57 -11.62 -8.34
C HIS A 800 53.15 -11.40 -6.90
N ILE A 801 52.18 -12.19 -6.43
CA ILE A 801 51.74 -12.09 -5.04
C ILE A 801 52.91 -12.40 -4.11
N VAL A 802 53.13 -11.51 -3.14
CA VAL A 802 54.14 -11.77 -2.11
C VAL A 802 53.56 -12.79 -1.17
N PRO A 803 54.09 -14.02 -1.13
CA PRO A 803 53.32 -15.14 -0.55
C PRO A 803 53.02 -14.98 0.93
N ASP A 804 53.86 -14.29 1.69
CA ASP A 804 53.68 -14.14 3.13
C ASP A 804 53.30 -12.72 3.54
N ALA A 805 52.93 -11.87 2.58
CA ALA A 805 52.65 -10.47 2.88
C ALA A 805 51.50 -10.34 3.87
N ALA A 806 51.71 -9.52 4.91
CA ALA A 806 50.68 -9.27 5.92
C ALA A 806 50.44 -7.78 6.10
N ASN A 807 50.70 -6.98 5.06
CA ASN A 807 50.52 -5.53 5.16
C ASN A 807 49.09 -5.20 5.54
N ARG A 808 48.93 -4.19 6.40
CA ARG A 808 47.60 -3.74 6.79
C ARG A 808 47.02 -2.90 5.66
N VAL A 809 45.85 -3.32 5.15
CA VAL A 809 45.19 -2.65 4.05
C VAL A 809 43.98 -1.89 4.60
N THR A 810 43.88 -0.60 4.26
CA THR A 810 42.75 0.23 4.63
C THR A 810 41.85 0.46 3.41
N PHE A 811 40.55 0.36 3.61
CA PHE A 811 39.57 0.53 2.54
C PHE A 811 38.79 1.82 2.75
N ASP A 812 38.81 2.70 1.75
CA ASP A 812 37.99 3.90 1.74
C ASP A 812 36.84 3.67 0.78
N VAL A 813 35.63 3.55 1.32
CA VAL A 813 34.45 3.30 0.51
C VAL A 813 33.66 4.59 0.41
N LYS A 814 33.43 5.03 -0.83
CA LYS A 814 32.68 6.25 -1.08
C LYS A 814 31.56 5.97 -2.07
N GLY A 815 30.51 6.79 -2.01
CA GLY A 815 29.41 6.67 -2.93
C GLY A 815 28.25 5.84 -2.42
N ALA A 816 27.51 5.23 -3.34
CA ALA A 816 26.24 4.58 -3.02
C ALA A 816 26.45 3.16 -2.52
N GLY A 817 27.23 3.04 -1.44
CA GLY A 817 27.48 1.74 -0.84
C GLY A 817 28.11 1.90 0.52
N LYS A 818 28.24 0.77 1.22
CA LYS A 818 28.81 0.73 2.56
C LYS A 818 29.71 -0.50 2.71
N LEU A 819 30.82 -0.32 3.39
CA LEU A 819 31.65 -1.46 3.77
C LEU A 819 30.93 -2.25 4.87
N VAL A 820 30.74 -3.54 4.65
CA VAL A 820 30.06 -4.38 5.63
C VAL A 820 30.94 -5.49 6.18
N GLY A 821 32.11 -5.73 5.61
CA GLY A 821 33.02 -6.70 6.18
C GLY A 821 34.42 -6.63 5.58
N VAL A 822 35.41 -6.97 6.39
CA VAL A 822 36.78 -7.18 5.91
C VAL A 822 37.24 -8.52 6.48
N ASP A 823 38.10 -9.20 5.73
CA ASP A 823 38.42 -10.58 6.10
C ASP A 823 39.72 -11.01 5.45
N ASN A 824 40.48 -11.84 6.16
CA ASN A 824 41.67 -12.46 5.60
C ASN A 824 41.72 -13.96 5.82
N GLY A 825 40.68 -14.55 6.42
CA GLY A 825 40.62 -15.97 6.68
C GLY A 825 41.50 -16.47 7.80
N SER A 826 42.30 -15.61 8.42
CA SER A 826 43.28 -16.03 9.41
C SER A 826 42.60 -16.29 10.76
N SER A 827 42.66 -17.54 11.21
CA SER A 827 41.98 -17.95 12.43
C SER A 827 42.34 -17.11 13.66
N PRO A 828 43.62 -16.82 13.96
CA PRO A 828 43.91 -16.08 15.19
C PRO A 828 43.76 -14.57 15.07
N ASP A 829 43.29 -14.05 13.95
CA ASP A 829 43.16 -12.59 13.81
C ASP A 829 41.86 -12.16 14.47
N HIS A 830 41.96 -11.40 15.56
CA HIS A 830 40.81 -10.88 16.29
C HIS A 830 40.45 -9.46 15.89
N ASP A 831 41.12 -8.87 14.91
CA ASP A 831 40.73 -7.54 14.45
C ASP A 831 39.26 -7.57 14.02
N SER A 832 38.60 -6.43 14.20
CA SER A 832 37.16 -6.38 14.01
C SER A 832 36.81 -6.59 12.54
N TYR A 833 35.86 -7.50 12.30
CA TYR A 833 35.28 -7.68 10.98
C TYR A 833 34.60 -6.41 10.46
N GLN A 834 34.29 -5.46 11.33
CA GLN A 834 33.59 -4.24 10.96
C GLN A 834 34.52 -3.03 10.85
N ALA A 835 35.83 -3.23 10.98
CA ALA A 835 36.79 -2.15 10.79
C ALA A 835 36.95 -1.85 9.30
N ASP A 836 37.54 -0.69 9.02
CA ASP A 836 37.84 -0.34 7.63
C ASP A 836 39.23 -0.82 7.21
N ASN A 837 39.87 -1.65 8.01
CA ASN A 837 41.24 -2.08 7.74
C ASN A 837 41.46 -3.49 8.31
N ARG A 838 42.40 -4.21 7.71
CA ARG A 838 42.78 -5.54 8.17
C ARG A 838 44.09 -5.91 7.53
N LYS A 839 44.90 -6.68 8.25
CA LYS A 839 46.12 -7.20 7.66
C LYS A 839 45.78 -8.22 6.57
N ALA A 840 46.54 -8.17 5.48
CA ALA A 840 46.51 -9.30 4.57
C ALA A 840 47.02 -10.53 5.33
N PHE A 841 46.61 -11.69 4.84
CA PHE A 841 47.21 -12.94 5.31
C PHE A 841 47.60 -13.74 4.09
N SER A 842 48.83 -14.21 4.07
CA SER A 842 49.38 -14.93 2.92
C SER A 842 49.10 -14.18 1.62
N GLY A 843 49.30 -12.87 1.65
CA GLY A 843 49.24 -12.04 0.45
C GLY A 843 47.87 -11.50 0.06
N LYS A 844 46.81 -11.82 0.79
CA LYS A 844 45.47 -11.50 0.34
C LYS A 844 44.61 -10.96 1.47
N VAL A 845 43.72 -10.03 1.12
CA VAL A 845 42.71 -9.51 2.03
C VAL A 845 41.44 -9.27 1.24
N LEU A 846 40.30 -9.24 1.94
CA LEU A 846 38.98 -9.12 1.33
C LEU A 846 38.21 -7.95 1.93
N ALA A 847 37.50 -7.21 1.08
CA ALA A 847 36.52 -6.23 1.52
C ALA A 847 35.17 -6.62 0.92
N ILE A 848 34.11 -6.46 1.71
CA ILE A 848 32.75 -6.74 1.25
C ILE A 848 31.97 -5.44 1.35
N VAL A 849 31.46 -4.96 0.22
CA VAL A 849 30.65 -3.75 0.18
C VAL A 849 29.23 -4.12 -0.19
N GLN A 850 28.27 -3.40 0.39
CA GLN A 850 26.85 -3.61 0.16
C GLN A 850 26.26 -2.34 -0.45
N SER A 851 25.27 -2.50 -1.31
CA SER A 851 24.65 -1.36 -1.94
C SER A 851 23.75 -0.62 -0.94
N THR A 852 23.33 0.58 -1.32
CA THR A 852 22.23 1.24 -0.65
C THR A 852 20.96 0.98 -1.47
N LYS A 853 19.88 1.68 -1.13
CA LYS A 853 18.62 1.57 -1.86
C LYS A 853 18.48 2.68 -2.92
N GLU A 854 19.58 3.35 -3.26
CA GLU A 854 19.59 4.35 -4.33
C GLU A 854 20.68 4.01 -5.33
N ALA A 855 20.31 4.00 -6.62
CA ALA A 855 21.29 3.73 -7.66
C ALA A 855 22.38 4.79 -7.66
N GLY A 856 23.60 4.37 -7.98
CA GLY A 856 24.73 5.25 -7.99
C GLY A 856 26.02 4.50 -8.26
N GLU A 857 27.13 5.01 -7.75
CA GLU A 857 28.43 4.40 -7.98
C GLU A 857 29.18 4.31 -6.67
N ILE A 858 29.85 3.17 -6.46
CA ILE A 858 30.69 2.95 -5.30
C ILE A 858 32.14 2.98 -5.75
N THR A 859 32.95 3.80 -5.08
CA THR A 859 34.38 3.84 -5.31
C THR A 859 35.08 3.31 -4.06
N VAL A 860 35.92 2.29 -4.24
CA VAL A 860 36.67 1.69 -3.16
C VAL A 860 38.15 1.88 -3.46
N THR A 861 38.88 2.48 -2.54
CA THR A 861 40.32 2.63 -2.63
C THR A 861 40.96 1.80 -1.53
N ALA A 862 41.86 0.88 -1.92
CA ALA A 862 42.62 0.10 -0.97
C ALA A 862 44.02 0.69 -0.84
N LYS A 863 44.42 0.98 0.40
CA LYS A 863 45.69 1.63 0.68
C LYS A 863 46.53 0.76 1.60
N ALA A 864 47.85 0.94 1.53
CA ALA A 864 48.79 0.28 2.41
C ALA A 864 50.07 1.10 2.43
N ASP A 865 50.67 1.25 3.61
CA ASP A 865 51.88 2.06 3.77
C ASP A 865 52.98 1.59 2.84
N GLY A 866 53.57 2.52 2.09
CA GLY A 866 54.67 2.21 1.22
C GLY A 866 54.32 1.54 -0.09
N LEU A 867 53.06 1.21 -0.31
CA LEU A 867 52.65 0.52 -1.51
C LEU A 867 51.74 1.40 -2.36
N GLN A 868 51.69 1.07 -3.66
CA GLN A 868 50.75 1.71 -4.57
C GLN A 868 49.33 1.31 -4.22
N SER A 869 48.43 2.30 -4.18
CA SER A 869 47.03 2.02 -3.89
C SER A 869 46.35 1.38 -5.09
N SER A 870 45.14 0.87 -4.86
CA SER A 870 44.33 0.29 -5.93
C SER A 870 42.89 0.72 -5.72
N THR A 871 42.25 1.18 -6.81
CA THR A 871 40.88 1.68 -6.76
C THR A 871 40.00 0.85 -7.70
N VAL A 872 38.80 0.50 -7.22
CA VAL A 872 37.81 -0.16 -8.06
C VAL A 872 36.50 0.61 -8.00
N LYS A 873 35.72 0.50 -9.06
CA LYS A 873 34.43 1.16 -9.16
C LYS A 873 33.32 0.13 -9.37
N ILE A 874 32.19 0.35 -8.71
CA ILE A 874 31.08 -0.58 -8.74
C ILE A 874 29.80 0.21 -8.99
N ALA A 875 29.14 -0.08 -10.10
CA ALA A 875 27.84 0.53 -10.35
C ALA A 875 26.75 -0.19 -9.58
N THR A 876 25.75 0.55 -9.13
CA THR A 876 24.57 -0.04 -8.54
C THR A 876 23.36 0.38 -9.37
N THR A 877 22.41 -0.54 -9.53
CA THR A 877 21.29 -0.33 -10.44
C THR A 877 19.98 -0.42 -9.68
N ALA A 878 19.08 0.51 -9.96
CA ALA A 878 17.82 0.61 -9.23
C ALA A 878 16.95 -0.62 -9.48
N VAL A 879 16.11 -0.91 -8.50
CA VAL A 879 15.12 -1.98 -8.65
C VAL A 879 13.96 -1.46 -9.49
N PRO A 880 13.58 -2.11 -10.59
CA PRO A 880 12.45 -1.67 -11.42
C PRO A 880 11.12 -1.65 -10.67
N ALA B 1 -48.00 46.71 0.99
CA ALA B 1 -49.18 47.20 0.31
C ALA B 1 -49.75 46.14 -0.62
N VAL B 2 -50.67 45.34 -0.07
CA VAL B 2 -51.19 44.15 -0.71
C VAL B 2 -52.61 44.41 -1.20
N ASP B 3 -52.85 44.15 -2.48
CA ASP B 3 -54.15 44.40 -3.10
C ASP B 3 -54.40 43.36 -4.18
N SER B 4 -55.39 43.63 -5.02
CA SER B 4 -55.77 42.67 -6.06
C SER B 4 -54.86 42.73 -7.28
N LYS B 5 -54.01 43.75 -7.39
CA LYS B 5 -53.09 43.84 -8.52
C LYS B 5 -52.00 42.79 -8.44
N GLN B 6 -51.57 42.41 -7.23
CA GLN B 6 -50.39 41.57 -7.12
C GLN B 6 -50.71 40.13 -7.52
N ASN B 7 -49.66 39.42 -7.94
CA ASN B 7 -49.78 38.07 -8.44
C ASN B 7 -50.21 37.11 -7.33
N ARG B 8 -50.67 35.93 -7.76
CA ARG B 8 -51.11 34.90 -6.81
C ARG B 8 -50.05 34.62 -5.76
N THR B 9 -48.80 34.46 -6.18
CA THR B 9 -47.66 34.42 -5.28
C THR B 9 -46.73 35.56 -5.64
N SER B 10 -46.37 36.38 -4.65
CA SER B 10 -45.59 37.59 -4.91
C SER B 10 -44.44 37.71 -3.94
N ASP B 11 -43.37 38.35 -4.40
CA ASP B 11 -42.20 38.57 -3.58
C ASP B 11 -42.54 39.46 -2.38
N PHE B 12 -42.15 39.02 -1.19
CA PHE B 12 -42.43 39.78 0.03
C PHE B 12 -41.14 40.11 0.78
N ASP B 13 -40.00 40.14 0.07
CA ASP B 13 -38.69 40.32 0.70
C ASP B 13 -38.42 41.76 1.12
N ALA B 14 -39.00 42.74 0.45
CA ALA B 14 -38.58 44.12 0.62
C ALA B 14 -39.09 44.73 1.92
N ASN B 15 -38.28 45.64 2.49
CA ASN B 15 -38.74 46.61 3.49
C ASN B 15 -39.18 45.98 4.80
N TRP B 16 -38.32 45.20 5.42
CA TRP B 16 -38.55 44.69 6.77
C TRP B 16 -37.79 45.53 7.78
N LYS B 17 -38.23 45.46 9.03
CA LYS B 17 -37.48 46.01 10.14
C LYS B 17 -36.79 44.85 10.86
N PHE B 18 -35.54 45.09 11.30
CA PHE B 18 -34.79 44.06 12.00
C PHE B 18 -34.11 44.62 13.23
N MET B 19 -34.03 43.78 14.27
CA MET B 19 -33.36 44.11 15.53
C MET B 19 -32.82 42.85 16.17
N LEU B 20 -31.53 42.85 16.51
CA LEU B 20 -30.92 41.78 17.28
C LEU B 20 -31.07 42.07 18.77
N SER B 21 -31.74 41.16 19.49
CA SER B 21 -32.00 41.35 20.92
C SER B 21 -32.66 40.13 21.55
N ASP B 22 -32.10 39.63 22.66
CA ASP B 22 -32.75 38.56 23.42
C ASP B 22 -33.58 39.09 24.58
N SER B 23 -33.79 40.40 24.64
CA SER B 23 -34.64 40.99 25.67
C SER B 23 -35.90 41.63 25.15
N VAL B 24 -35.89 42.13 23.91
CA VAL B 24 -37.05 42.84 23.39
C VAL B 24 -38.22 41.88 23.21
N GLN B 25 -39.43 42.40 23.39
CA GLN B 25 -40.69 41.66 23.19
C GLN B 25 -41.52 42.52 22.23
N ALA B 26 -41.42 42.21 20.93
CA ALA B 26 -41.86 43.11 19.88
C ALA B 26 -42.99 42.54 19.04
N GLN B 27 -43.84 41.69 19.63
CA GLN B 27 -44.90 41.08 18.82
C GLN B 27 -46.07 42.02 18.55
N ASP B 28 -46.24 43.08 19.34
CA ASP B 28 -47.48 43.85 19.18
C ASP B 28 -47.36 44.82 18.00
N PRO B 29 -48.43 45.00 17.22
CA PRO B 29 -48.36 45.96 16.10
C PRO B 29 -47.92 47.34 16.52
N ALA B 30 -48.39 47.83 17.67
CA ALA B 30 -48.09 49.18 18.12
C ALA B 30 -46.67 49.35 18.66
N PHE B 31 -45.89 48.27 18.72
CA PHE B 31 -44.50 48.38 19.15
C PHE B 31 -43.77 49.38 18.25
N ASP B 32 -42.98 50.24 18.87
CA ASP B 32 -42.26 51.29 18.14
C ASP B 32 -40.94 50.72 17.64
N ASP B 33 -40.89 50.43 16.33
CA ASP B 33 -39.67 49.97 15.68
C ASP B 33 -39.03 51.06 14.81
N SER B 34 -39.32 52.33 15.10
CA SER B 34 -38.84 53.43 14.27
C SER B 34 -37.32 53.53 14.24
N ALA B 35 -36.62 52.95 15.21
CA ALA B 35 -35.16 52.99 15.24
C ALA B 35 -34.51 51.69 14.80
N TRP B 36 -35.30 50.71 14.37
CA TRP B 36 -34.74 49.42 13.95
C TRP B 36 -34.04 49.56 12.60
N GLN B 37 -33.19 48.57 12.29
CA GLN B 37 -32.57 48.54 10.97
C GLN B 37 -33.62 48.24 9.91
N GLN B 38 -33.38 48.73 8.71
CA GLN B 38 -34.24 48.50 7.56
C GLN B 38 -33.48 47.58 6.60
N VAL B 39 -34.05 46.41 6.34
CA VAL B 39 -33.38 45.39 5.53
C VAL B 39 -34.35 44.79 4.52
N ASP B 40 -33.79 44.32 3.42
CA ASP B 40 -34.48 43.46 2.47
C ASP B 40 -34.03 42.02 2.70
N LEU B 41 -34.98 41.09 2.68
CA LEU B 41 -34.67 39.67 2.76
C LEU B 41 -34.21 39.18 1.39
N PRO B 42 -33.45 38.06 1.34
CA PRO B 42 -32.95 37.22 2.44
C PRO B 42 -31.82 37.90 3.23
N HIS B 43 -31.66 37.48 4.47
CA HIS B 43 -30.88 38.21 5.45
C HIS B 43 -30.29 37.23 6.44
N ASP B 44 -29.03 37.47 6.84
CA ASP B 44 -28.30 36.60 7.76
C ASP B 44 -27.73 37.52 8.83
N TYR B 45 -28.21 37.41 10.07
CA TYR B 45 -27.72 38.33 11.09
C TYR B 45 -26.57 37.76 11.91
N SER B 46 -26.07 36.58 11.56
CA SER B 46 -24.81 36.13 12.16
C SER B 46 -23.60 36.69 11.42
N ILE B 47 -23.69 36.79 10.08
CA ILE B 47 -22.53 37.07 9.25
C ILE B 47 -21.96 38.47 9.46
N THR B 48 -22.76 39.39 10.03
CA THR B 48 -22.28 40.74 10.29
C THR B 48 -21.80 40.94 11.72
N GLN B 49 -21.95 39.93 12.58
CA GLN B 49 -21.44 40.04 13.94
C GLN B 49 -19.95 39.68 13.95
N LYS B 50 -19.28 40.07 15.03
CA LYS B 50 -17.83 39.89 15.11
C LYS B 50 -17.49 38.46 15.47
N TYR B 51 -16.34 37.99 14.98
CA TYR B 51 -15.79 36.73 15.44
C TYR B 51 -15.41 36.83 16.91
N SER B 52 -15.54 35.72 17.63
CA SER B 52 -15.17 35.70 19.04
C SER B 52 -14.63 34.34 19.40
N GLN B 53 -13.44 34.30 20.00
CA GLN B 53 -12.83 33.01 20.29
C GLN B 53 -13.56 32.25 21.39
N SER B 54 -14.47 32.88 22.13
CA SER B 54 -15.31 32.15 23.08
C SER B 54 -16.49 31.44 22.41
N ASN B 55 -16.70 31.66 21.11
CA ASN B 55 -17.66 30.86 20.35
C ASN B 55 -16.97 29.57 19.89
N GLU B 56 -17.52 28.90 18.87
CA GLU B 56 -17.04 27.58 18.51
C GLU B 56 -16.51 27.54 17.07
N ALA B 57 -15.36 26.89 16.90
CA ALA B 57 -14.72 26.82 15.58
C ALA B 57 -15.63 26.17 14.55
N GLU B 58 -16.36 25.13 14.93
CA GLU B 58 -17.15 24.37 13.96
C GLU B 58 -18.22 25.24 13.30
N SER B 59 -18.70 26.28 13.98
CA SER B 59 -19.66 27.22 13.44
C SER B 59 -19.02 28.59 13.19
N ALA B 60 -17.73 28.59 12.89
CA ALA B 60 -16.96 29.75 12.41
C ALA B 60 -16.73 30.82 13.46
N TYR B 61 -16.82 30.49 14.74
CA TYR B 61 -16.63 31.44 15.84
C TYR B 61 -17.62 32.60 15.80
N LEU B 62 -18.72 32.49 14.97
CA LEU B 62 -19.70 33.56 14.90
C LEU B 62 -20.90 33.24 15.79
N PRO B 63 -21.47 34.23 16.46
CA PRO B 63 -22.63 33.96 17.33
C PRO B 63 -23.91 33.81 16.52
N GLY B 64 -24.94 33.34 17.20
CA GLY B 64 -26.28 33.36 16.64
C GLY B 64 -27.11 34.41 17.35
N GLY B 65 -28.02 33.98 18.20
CA GLY B 65 -28.78 34.89 19.03
C GLY B 65 -30.22 35.03 18.57
N THR B 66 -30.90 35.99 19.18
CA THR B 66 -32.32 36.22 18.95
C THR B 66 -32.48 37.44 18.04
N GLY B 67 -33.13 37.22 16.90
CA GLY B 67 -33.38 38.29 15.95
C GLY B 67 -34.88 38.46 15.72
N TRP B 68 -35.31 39.71 15.62
CA TRP B 68 -36.71 40.02 15.39
C TRP B 68 -36.87 40.70 14.03
N TYR B 69 -37.88 40.27 13.29
CA TYR B 69 -38.26 40.87 12.02
C TYR B 69 -39.69 41.37 12.13
N ARG B 70 -39.93 42.60 11.67
CA ARG B 70 -41.25 43.19 11.68
C ARG B 70 -41.50 43.85 10.33
N LYS B 71 -42.73 43.76 9.85
CA LYS B 71 -43.12 44.45 8.63
C LYS B 71 -44.57 44.87 8.76
N SER B 72 -44.81 46.17 8.63
CA SER B 72 -46.16 46.72 8.66
C SER B 72 -46.59 47.08 7.25
N PHE B 73 -47.82 46.71 6.89
CA PHE B 73 -48.28 46.90 5.53
C PHE B 73 -49.80 46.93 5.53
N THR B 74 -50.35 47.58 4.50
CA THR B 74 -51.80 47.66 4.33
C THR B 74 -52.29 46.45 3.56
N ILE B 75 -53.45 45.94 3.95
CA ILE B 75 -54.18 44.96 3.15
C ILE B 75 -55.42 45.66 2.63
N ASP B 76 -55.52 45.79 1.31
CA ASP B 76 -56.63 46.53 0.72
C ASP B 76 -57.95 45.85 1.03
N ARG B 77 -59.01 46.64 1.16
CA ARG B 77 -60.33 46.08 1.41
C ARG B 77 -60.84 45.24 0.26
N ASP B 78 -60.28 45.39 -0.95
CA ASP B 78 -60.71 44.58 -2.08
C ASP B 78 -60.23 43.13 -2.01
N LEU B 79 -59.46 42.77 -0.98
CA LEU B 79 -59.08 41.39 -0.73
C LEU B 79 -59.99 40.72 0.30
N ALA B 80 -61.05 41.40 0.74
CA ALA B 80 -62.01 40.78 1.64
C ALA B 80 -62.60 39.55 0.97
N GLY B 81 -62.70 38.46 1.73
CA GLY B 81 -63.15 37.20 1.21
C GLY B 81 -62.07 36.38 0.51
N LYS B 82 -60.88 36.92 0.33
CA LYS B 82 -59.78 36.19 -0.30
C LYS B 82 -58.88 35.60 0.79
N ARG B 83 -58.13 34.56 0.42
CA ARG B 83 -57.23 33.88 1.33
C ARG B 83 -55.81 34.42 1.18
N ILE B 84 -55.15 34.70 2.30
CA ILE B 84 -53.80 35.25 2.32
C ILE B 84 -52.93 34.38 3.22
N ALA B 85 -51.74 34.03 2.73
CA ALA B 85 -50.77 33.27 3.50
C ALA B 85 -49.38 33.87 3.26
N ILE B 86 -48.49 33.65 4.21
CA ILE B 86 -47.08 34.03 4.07
C ILE B 86 -46.25 32.75 4.06
N ASN B 87 -45.30 32.68 3.14
CA ASN B 87 -44.51 31.47 2.90
C ASN B 87 -43.04 31.75 3.15
N PHE B 88 -42.42 30.93 3.99
CA PHE B 88 -41.00 31.00 4.30
C PHE B 88 -40.31 29.81 3.66
N ASP B 89 -39.32 30.07 2.80
CA ASP B 89 -38.53 28.98 2.23
C ASP B 89 -37.51 28.44 3.22
N GLY B 90 -37.17 29.22 4.25
CA GLY B 90 -36.25 28.78 5.29
C GLY B 90 -35.95 29.87 6.30
N VAL B 91 -36.02 29.53 7.59
CA VAL B 91 -35.67 30.47 8.66
C VAL B 91 -34.85 29.70 9.69
N TYR B 92 -33.62 30.14 9.94
CA TYR B 92 -32.72 29.43 10.86
C TYR B 92 -32.52 30.21 12.17
N MET B 93 -33.02 29.71 13.30
CA MET B 93 -33.92 28.57 13.41
C MET B 93 -34.86 28.92 14.56
N ASN B 94 -35.78 28.02 14.93
CA ASN B 94 -36.74 28.28 16.01
C ASN B 94 -37.50 29.59 15.78
N ALA B 95 -38.25 29.62 14.68
CA ALA B 95 -39.04 30.79 14.36
C ALA B 95 -40.35 30.79 15.15
N THR B 96 -40.76 31.98 15.58
CA THR B 96 -42.11 32.21 16.07
C THR B 96 -42.73 33.35 15.25
N VAL B 97 -43.99 33.19 14.87
CA VAL B 97 -44.67 34.12 13.98
C VAL B 97 -45.93 34.64 14.66
N TRP B 98 -46.07 35.96 14.71
CA TRP B 98 -47.31 36.62 15.12
C TRP B 98 -47.84 37.44 13.96
N PHE B 99 -49.17 37.56 13.90
CA PHE B 99 -49.82 38.44 12.94
C PHE B 99 -50.85 39.29 13.68
N ASN B 100 -50.62 40.60 13.68
CA ASN B 100 -51.47 41.54 14.40
C ASN B 100 -51.57 41.16 15.88
N GLY B 101 -50.42 40.82 16.47
CA GLY B 101 -50.32 40.49 17.88
C GLY B 101 -50.74 39.08 18.24
N VAL B 102 -51.29 38.30 17.31
CA VAL B 102 -51.78 36.96 17.59
C VAL B 102 -50.70 35.96 17.21
N LYS B 103 -50.32 35.12 18.17
CA LYS B 103 -49.35 34.06 17.90
C LYS B 103 -49.96 33.05 16.91
N LEU B 104 -49.25 32.80 15.81
CA LEU B 104 -49.71 31.83 14.82
C LEU B 104 -49.08 30.45 15.04
N GLY B 105 -47.82 30.41 15.44
CA GLY B 105 -47.16 29.15 15.69
C GLY B 105 -45.65 29.32 15.66
N THR B 106 -44.98 28.17 15.58
CA THR B 106 -43.52 28.11 15.62
C THR B 106 -43.01 27.13 14.58
N HIS B 107 -41.71 27.24 14.29
CA HIS B 107 -41.05 26.23 13.45
C HIS B 107 -39.59 26.07 13.85
N PRO B 108 -39.23 24.91 14.40
CA PRO B 108 -37.83 24.70 14.81
C PRO B 108 -36.83 24.61 13.67
N TYR B 109 -37.04 23.71 12.71
CA TYR B 109 -35.97 23.37 11.77
C TYR B 109 -35.55 24.56 10.92
N GLY B 110 -34.24 24.78 10.83
CA GLY B 110 -33.75 25.96 10.13
C GLY B 110 -33.65 25.86 8.64
N TYR B 111 -33.93 24.69 8.05
CA TYR B 111 -33.70 24.46 6.64
C TYR B 111 -34.91 24.00 5.83
N SER B 112 -36.08 23.81 6.45
CA SER B 112 -37.24 23.34 5.72
C SER B 112 -38.26 24.47 5.52
N PRO B 113 -39.04 24.43 4.44
CA PRO B 113 -40.01 25.50 4.19
C PRO B 113 -41.30 25.32 4.99
N PHE B 114 -41.97 26.44 5.23
CA PHE B 114 -43.20 26.42 6.01
C PHE B 114 -43.98 27.68 5.71
N SER B 115 -45.25 27.70 6.13
CA SER B 115 -46.11 28.84 5.87
C SER B 115 -47.17 28.93 6.95
N PHE B 116 -47.83 30.09 7.00
CA PHE B 116 -48.92 30.35 7.91
C PHE B 116 -50.04 31.05 7.16
N ASP B 117 -51.27 30.66 7.42
CA ASP B 117 -52.40 31.43 6.93
C ASP B 117 -52.50 32.75 7.67
N LEU B 118 -52.65 33.84 6.93
CA LEU B 118 -52.87 35.15 7.52
C LEU B 118 -54.33 35.59 7.50
N THR B 119 -55.20 34.84 6.79
CA THR B 119 -56.58 35.28 6.61
C THR B 119 -57.29 35.48 7.94
N GLY B 120 -57.13 34.51 8.85
CA GLY B 120 -57.91 34.51 10.08
C GLY B 120 -57.70 35.74 10.94
N ASN B 121 -56.50 36.32 10.91
CA ASN B 121 -56.15 37.45 11.75
C ASN B 121 -55.94 38.73 10.95
N ALA B 122 -56.23 38.71 9.65
CA ALA B 122 -55.98 39.87 8.81
C ALA B 122 -56.96 41.00 9.10
N LYS B 123 -56.46 42.23 9.02
CA LYS B 123 -57.30 43.42 9.09
C LYS B 123 -57.47 43.90 7.65
N PHE B 124 -58.59 43.54 7.04
CA PHE B 124 -58.84 43.92 5.66
C PHE B 124 -59.22 45.39 5.59
N GLY B 125 -58.53 46.13 4.72
CA GLY B 125 -58.72 47.57 4.65
C GLY B 125 -57.97 48.37 5.70
N GLY B 126 -56.94 47.81 6.31
CA GLY B 126 -56.21 48.52 7.34
C GLY B 126 -54.74 48.15 7.43
N GLU B 127 -54.07 48.67 8.46
CA GLU B 127 -52.68 48.34 8.75
C GLU B 127 -52.57 46.97 9.38
N ASN B 128 -51.56 46.22 8.95
CA ASN B 128 -51.26 44.90 9.46
C ASN B 128 -49.76 44.84 9.79
N THR B 129 -49.41 44.04 10.79
CA THR B 129 -48.02 43.85 11.15
C THR B 129 -47.75 42.36 11.33
N ILE B 130 -46.85 41.83 10.51
CA ILE B 130 -46.33 40.48 10.67
C ILE B 130 -45.02 40.59 11.42
N VAL B 131 -44.77 39.64 12.32
CA VAL B 131 -43.60 39.67 13.19
C VAL B 131 -43.02 38.27 13.26
N VAL B 132 -41.71 38.14 13.03
CA VAL B 132 -41.02 36.86 13.13
C VAL B 132 -39.89 37.00 14.15
N LYS B 133 -39.95 36.19 15.20
CA LYS B 133 -38.86 36.05 16.16
C LYS B 133 -38.04 34.83 15.75
N VAL B 134 -36.72 34.99 15.75
CA VAL B 134 -35.80 33.91 15.40
C VAL B 134 -34.87 33.68 16.58
N GLU B 135 -34.74 32.43 17.01
CA GLU B 135 -33.91 32.08 18.17
C GLU B 135 -32.89 31.02 17.75
N ASN B 136 -31.76 31.48 17.20
CA ASN B 136 -30.66 30.57 16.94
C ASN B 136 -29.74 30.57 18.16
N ARG B 137 -30.13 29.78 19.15
CA ARG B 137 -29.30 29.60 20.32
C ARG B 137 -28.22 28.57 20.00
N LEU B 138 -26.96 28.98 20.13
CA LEU B 138 -25.85 28.07 19.88
C LEU B 138 -25.68 27.20 21.11
N PRO B 139 -25.14 25.98 20.93
CA PRO B 139 -24.69 25.36 19.68
C PRO B 139 -25.78 24.54 18.98
N SER B 140 -25.93 24.71 17.66
CA SER B 140 -27.00 24.04 16.94
C SER B 140 -26.53 23.43 15.62
N SER B 141 -25.23 23.43 15.33
CA SER B 141 -24.79 23.04 14.00
C SER B 141 -23.33 22.59 14.05
N ARG B 142 -23.00 21.59 13.22
CA ARG B 142 -21.63 21.19 13.00
C ARG B 142 -20.92 22.06 11.97
N TRP B 143 -21.63 23.01 11.36
CA TRP B 143 -21.07 23.93 10.38
C TRP B 143 -21.67 25.31 10.64
N TYR B 144 -21.21 26.31 9.90
CA TYR B 144 -21.82 27.63 10.03
C TYR B 144 -23.23 27.58 9.45
N SER B 145 -24.22 27.89 10.28
CA SER B 145 -25.59 27.87 9.81
C SER B 145 -26.06 29.23 9.33
N GLY B 146 -25.56 30.30 9.92
CA GLY B 146 -26.19 31.59 9.80
C GLY B 146 -27.42 31.66 10.70
N SER B 147 -28.02 32.84 10.76
CA SER B 147 -29.23 33.08 11.54
C SER B 147 -30.16 34.00 10.78
N GLY B 148 -31.46 33.75 10.88
CA GLY B 148 -32.45 34.68 10.38
C GLY B 148 -33.24 34.14 9.20
N ILE B 149 -33.85 35.08 8.48
CA ILE B 149 -34.67 34.73 7.31
C ILE B 149 -33.75 34.82 6.11
N TYR B 150 -32.94 33.77 5.95
CA TYR B 150 -31.86 33.72 4.97
C TYR B 150 -32.33 33.20 3.61
N ARG B 151 -33.63 32.93 3.45
CA ARG B 151 -34.21 32.57 2.16
C ARG B 151 -35.43 33.44 1.89
N ASP B 152 -35.87 33.45 0.63
CA ASP B 152 -36.97 34.29 0.16
C ASP B 152 -38.24 34.07 0.98
N VAL B 153 -39.06 35.13 1.04
CA VAL B 153 -40.39 35.09 1.64
C VAL B 153 -41.40 35.58 0.60
N THR B 154 -42.55 34.91 0.52
CA THR B 154 -43.59 35.33 -0.42
C THR B 154 -44.94 35.42 0.28
N LEU B 155 -45.87 36.08 -0.40
CA LEU B 155 -47.28 36.10 -0.03
C LEU B 155 -48.09 35.33 -1.07
N THR B 156 -49.06 34.56 -0.61
CA THR B 156 -49.99 33.86 -1.48
C THR B 156 -51.39 34.41 -1.25
N VAL B 157 -52.02 34.89 -2.32
CA VAL B 157 -53.36 35.48 -2.27
C VAL B 157 -54.21 34.76 -3.31
N THR B 158 -55.28 34.12 -2.87
CA THR B 158 -56.12 33.32 -3.76
C THR B 158 -57.59 33.55 -3.48
N ASP B 159 -58.41 33.11 -4.43
CA ASP B 159 -59.84 32.98 -4.18
C ASP B 159 -60.09 32.04 -3.01
N GLY B 160 -61.30 32.14 -2.44
CA GLY B 160 -61.69 31.20 -1.40
C GLY B 160 -61.63 29.75 -1.87
N VAL B 161 -61.92 29.51 -3.14
CA VAL B 161 -61.78 28.19 -3.75
C VAL B 161 -60.47 28.18 -4.54
N HIS B 162 -59.56 27.27 -4.20
CA HIS B 162 -58.20 27.36 -4.70
C HIS B 162 -57.52 26.01 -4.61
N VAL B 163 -56.51 25.80 -5.48
CA VAL B 163 -55.61 24.67 -5.31
C VAL B 163 -54.80 24.88 -4.04
N GLY B 164 -54.54 23.79 -3.31
CA GLY B 164 -53.78 23.88 -2.08
C GLY B 164 -52.29 24.16 -2.34
N ASN B 165 -51.59 24.48 -1.25
CA ASN B 165 -50.12 24.65 -1.32
C ASN B 165 -49.49 23.40 -1.89
N ASN B 166 -48.59 23.58 -2.87
CA ASN B 166 -47.92 22.44 -3.49
C ASN B 166 -48.94 21.38 -3.91
N GLY B 167 -50.07 21.84 -4.43
CA GLY B 167 -51.27 21.03 -4.49
C GLY B 167 -51.38 20.05 -5.64
N VAL B 168 -50.38 19.94 -6.51
CA VAL B 168 -50.45 19.10 -7.71
C VAL B 168 -49.27 18.15 -7.72
N ALA B 169 -49.56 16.84 -7.81
CA ALA B 169 -48.55 15.80 -7.97
C ALA B 169 -48.71 15.13 -9.33
N ILE B 170 -47.59 14.84 -9.99
CA ILE B 170 -47.57 14.32 -11.35
C ILE B 170 -46.77 13.01 -11.38
N LYS B 171 -47.33 12.00 -12.06
CA LYS B 171 -46.64 10.73 -12.30
C LYS B 171 -46.72 10.38 -13.77
N THR B 172 -45.63 9.83 -14.32
CA THR B 172 -45.60 9.30 -15.68
C THR B 172 -45.14 7.84 -15.59
N PRO B 173 -46.04 6.92 -15.25
CA PRO B 173 -45.59 5.55 -14.91
C PRO B 173 -45.01 4.77 -16.07
N SER B 174 -45.37 5.09 -17.32
CA SER B 174 -44.90 4.34 -18.48
C SER B 174 -43.97 5.15 -19.38
N LEU B 175 -43.36 6.22 -18.87
CA LEU B 175 -42.57 7.11 -19.70
C LEU B 175 -41.44 6.37 -20.43
N ALA B 176 -40.80 5.42 -19.74
CA ALA B 176 -39.62 4.77 -20.34
C ALA B 176 -39.97 4.05 -21.64
N THR B 177 -41.20 3.51 -21.76
CA THR B 177 -41.60 2.87 -23.01
C THR B 177 -42.45 3.75 -23.90
N GLN B 178 -43.16 4.74 -23.34
CA GLN B 178 -43.97 5.64 -24.15
C GLN B 178 -43.17 6.81 -24.72
N ASN B 179 -41.96 7.04 -24.23
CA ASN B 179 -41.09 8.12 -24.69
C ASN B 179 -41.07 8.24 -26.20
N GLY B 180 -41.31 9.44 -26.70
CA GLY B 180 -41.42 9.70 -28.12
C GLY B 180 -42.84 9.81 -28.62
N GLY B 181 -43.79 9.14 -27.97
CA GLY B 181 -45.18 9.19 -28.38
C GLY B 181 -46.10 9.75 -27.31
N ASP B 182 -47.32 9.23 -27.24
CA ASP B 182 -48.25 9.69 -26.21
C ASP B 182 -47.79 9.18 -24.84
N VAL B 183 -47.60 10.10 -23.90
CA VAL B 183 -47.08 9.77 -22.57
C VAL B 183 -48.21 10.00 -21.57
N THR B 184 -48.54 8.97 -20.79
CA THR B 184 -49.61 9.07 -19.79
C THR B 184 -49.12 9.81 -18.56
N MET B 185 -49.86 10.85 -18.16
CA MET B 185 -49.61 11.58 -16.92
C MET B 185 -50.80 11.37 -15.99
N ASN B 186 -50.53 10.88 -14.78
CA ASN B 186 -51.56 10.76 -13.76
C ASN B 186 -51.35 11.89 -12.75
N LEU B 187 -52.36 12.75 -12.62
CA LEU B 187 -52.28 13.89 -11.72
C LEU B 187 -53.28 13.74 -10.58
N THR B 188 -52.91 14.25 -9.42
CA THR B 188 -53.85 14.45 -8.33
C THR B 188 -53.71 15.89 -7.86
N THR B 189 -54.84 16.57 -7.68
CA THR B 189 -54.87 17.97 -7.31
C THR B 189 -55.73 18.14 -6.07
N LYS B 190 -55.17 18.78 -5.04
CA LYS B 190 -55.94 19.16 -3.86
C LYS B 190 -56.58 20.52 -4.10
N VAL B 191 -57.91 20.56 -4.02
CA VAL B 191 -58.70 21.78 -4.16
C VAL B 191 -59.38 22.06 -2.82
N ALA B 192 -59.10 23.23 -2.26
CA ALA B 192 -59.70 23.64 -0.98
C ALA B 192 -60.85 24.61 -1.22
N ASN B 193 -61.95 24.40 -0.50
CA ASN B 193 -63.09 25.32 -0.49
C ASN B 193 -63.09 26.03 0.86
N ASP B 194 -62.47 27.21 0.89
CA ASP B 194 -62.42 28.04 2.09
C ASP B 194 -63.47 29.15 2.06
N THR B 195 -64.58 28.92 1.37
CA THR B 195 -65.73 29.79 1.44
C THR B 195 -66.76 29.19 2.39
N GLU B 196 -67.83 29.92 2.62
CA GLU B 196 -68.90 29.45 3.48
C GLU B 196 -70.09 28.92 2.69
N ALA B 197 -69.88 28.55 1.43
CA ALA B 197 -70.91 27.96 0.59
C ALA B 197 -70.33 26.76 -0.14
N ALA B 198 -71.21 25.81 -0.47
CA ALA B 198 -70.77 24.66 -1.25
C ALA B 198 -70.19 25.12 -2.57
N ALA B 199 -69.21 24.38 -3.07
CA ALA B 199 -68.64 24.67 -4.37
C ALA B 199 -68.81 23.46 -5.28
N ASN B 200 -68.99 23.74 -6.56
CA ASN B 200 -69.04 22.71 -7.60
C ASN B 200 -68.12 23.18 -8.70
N ILE B 201 -66.97 22.52 -8.86
CA ILE B 201 -65.94 23.04 -9.73
C ILE B 201 -65.51 21.97 -10.71
N THR B 202 -64.86 22.42 -11.76
CA THR B 202 -64.11 21.55 -12.66
C THR B 202 -62.69 22.08 -12.76
N LEU B 203 -61.79 21.24 -13.23
CA LEU B 203 -60.41 21.62 -13.48
C LEU B 203 -60.14 21.55 -14.98
N LYS B 204 -59.43 22.57 -15.49
CA LYS B 204 -58.83 22.52 -16.81
C LYS B 204 -57.32 22.54 -16.61
N GLN B 205 -56.64 21.50 -17.07
CA GLN B 205 -55.22 21.39 -16.87
C GLN B 205 -54.52 21.39 -18.23
N THR B 206 -53.36 22.04 -18.28
CA THR B 206 -52.64 22.29 -19.52
C THR B 206 -51.15 22.08 -19.28
N VAL B 207 -50.51 21.38 -20.21
CA VAL B 207 -49.07 21.13 -20.16
C VAL B 207 -48.46 21.79 -21.39
N PHE B 208 -47.61 22.78 -21.18
CA PHE B 208 -47.02 23.54 -22.27
C PHE B 208 -45.58 23.90 -21.89
N PRO B 209 -44.73 24.16 -22.89
CA PRO B 209 -43.32 24.45 -22.59
C PRO B 209 -43.17 25.65 -21.67
N LYS B 210 -42.21 25.56 -20.76
CA LYS B 210 -41.99 26.63 -19.80
C LYS B 210 -41.68 27.94 -20.51
N GLY B 211 -42.36 29.00 -20.10
CA GLY B 211 -42.18 30.30 -20.69
C GLY B 211 -42.87 30.51 -22.03
N GLY B 212 -43.51 29.48 -22.57
CA GLY B 212 -44.20 29.59 -23.84
C GLY B 212 -45.68 29.93 -23.65
N LYS B 213 -46.41 29.85 -24.75
CA LYS B 213 -47.83 30.14 -24.76
C LYS B 213 -48.64 28.87 -24.58
N THR B 214 -49.86 29.02 -24.07
CA THR B 214 -50.70 27.86 -23.83
C THR B 214 -51.17 27.20 -25.11
N ASP B 215 -51.17 27.91 -26.24
CA ASP B 215 -51.57 27.25 -27.48
C ASP B 215 -50.52 26.28 -27.99
N ALA B 216 -49.32 26.28 -27.42
CA ALA B 216 -48.31 25.27 -27.70
C ALA B 216 -48.38 24.09 -26.73
N ALA B 217 -49.53 23.89 -26.09
CA ALA B 217 -49.69 22.79 -25.15
C ALA B 217 -49.51 21.44 -25.85
N ILE B 218 -48.91 20.49 -25.14
CA ILE B 218 -48.81 19.11 -25.63
C ILE B 218 -49.88 18.22 -25.03
N GLY B 219 -50.68 18.71 -24.09
CA GLY B 219 -51.80 17.97 -23.59
C GLY B 219 -52.67 18.83 -22.71
N THR B 220 -53.97 18.56 -22.70
CA THR B 220 -54.91 19.21 -21.79
C THR B 220 -55.94 18.19 -21.35
N VAL B 221 -56.68 18.53 -20.30
CA VAL B 221 -57.83 17.74 -19.90
C VAL B 221 -58.76 18.64 -19.10
N THR B 222 -60.05 18.36 -19.19
CA THR B 222 -61.06 18.99 -18.36
C THR B 222 -61.76 17.90 -17.56
N THR B 223 -61.84 18.08 -16.25
CA THR B 223 -62.38 17.05 -15.39
C THR B 223 -63.89 17.22 -15.24
N ALA B 224 -64.54 16.18 -14.76
CA ALA B 224 -65.96 16.25 -14.45
C ALA B 224 -66.19 17.13 -13.22
N SER B 225 -67.44 17.52 -13.01
CA SER B 225 -67.77 18.38 -11.88
C SER B 225 -67.48 17.67 -10.57
N LYS B 226 -67.01 18.44 -9.58
CA LYS B 226 -66.67 17.91 -8.26
C LYS B 226 -67.29 18.79 -7.19
N SER B 227 -68.07 18.17 -6.31
CA SER B 227 -68.68 18.87 -5.18
C SER B 227 -67.67 18.93 -4.03
N ILE B 228 -67.52 20.12 -3.44
CA ILE B 228 -66.63 20.32 -2.30
C ILE B 228 -67.36 21.15 -1.25
N ALA B 229 -67.55 20.56 -0.07
CA ALA B 229 -68.30 21.24 0.99
C ALA B 229 -67.52 22.46 1.52
N ALA B 230 -68.28 23.38 2.11
CA ALA B 230 -67.70 24.58 2.70
C ALA B 230 -66.77 24.21 3.85
N GLY B 231 -65.55 24.72 3.80
CA GLY B 231 -64.54 24.40 4.79
C GLY B 231 -63.86 23.06 4.60
N ALA B 232 -64.08 22.40 3.46
CA ALA B 232 -63.48 21.12 3.17
C ALA B 232 -62.64 21.23 1.90
N SER B 233 -61.89 20.15 1.64
CA SER B 233 -61.06 20.02 0.46
C SER B 233 -61.43 18.73 -0.27
N ALA B 234 -60.93 18.60 -1.50
CA ALA B 234 -61.09 17.37 -2.25
C ALA B 234 -59.81 17.10 -3.03
N ASP B 235 -59.53 15.83 -3.25
CA ASP B 235 -58.46 15.40 -4.15
C ASP B 235 -59.08 15.01 -5.48
N VAL B 236 -58.73 15.74 -6.53
CA VAL B 236 -59.23 15.50 -7.88
C VAL B 236 -58.14 14.77 -8.65
N THR B 237 -58.42 13.55 -9.07
CA THR B 237 -57.50 12.82 -9.92
C THR B 237 -57.84 13.07 -11.38
N SER B 238 -56.82 13.06 -12.23
CA SER B 238 -57.03 13.29 -13.64
C SER B 238 -55.89 12.64 -14.42
N THR B 239 -56.11 12.46 -15.71
CA THR B 239 -55.10 11.90 -16.60
C THR B 239 -54.95 12.83 -17.80
N ILE B 240 -53.69 13.12 -18.15
CA ILE B 240 -53.38 13.87 -19.36
C ILE B 240 -52.55 12.97 -20.26
N THR B 241 -52.92 12.93 -21.54
CA THR B 241 -52.13 12.24 -22.56
C THR B 241 -51.26 13.29 -23.22
N ALA B 242 -49.98 13.31 -22.86
CA ALA B 242 -49.03 14.30 -23.35
C ALA B 242 -48.44 13.82 -24.68
N ALA B 243 -48.49 14.68 -25.69
CA ALA B 243 -48.09 14.30 -27.04
C ALA B 243 -46.60 14.55 -27.22
N SER B 244 -45.83 13.47 -27.24
CA SER B 244 -44.40 13.51 -27.53
C SER B 244 -43.63 14.58 -26.73
N PRO B 245 -43.66 14.53 -25.40
CA PRO B 245 -42.92 15.53 -24.63
C PRO B 245 -41.43 15.38 -24.85
N LYS B 246 -40.74 16.52 -24.83
CA LYS B 246 -39.27 16.51 -24.84
C LYS B 246 -38.77 16.06 -23.47
N LEU B 247 -37.82 15.14 -23.46
CA LEU B 247 -37.28 14.67 -22.20
C LEU B 247 -36.41 15.74 -21.55
N TRP B 248 -36.43 15.76 -20.21
CA TRP B 248 -35.49 16.54 -19.43
C TRP B 248 -34.24 15.69 -19.22
N SER B 249 -33.07 16.27 -19.50
CA SER B 249 -31.82 15.57 -19.29
C SER B 249 -30.73 16.58 -18.94
N ILE B 250 -29.57 16.05 -18.51
CA ILE B 250 -28.43 16.89 -18.17
C ILE B 250 -28.05 17.79 -19.35
N LYS B 251 -28.03 17.21 -20.55
CA LYS B 251 -27.63 17.96 -21.75
C LYS B 251 -28.73 18.92 -22.21
N ASN B 252 -30.00 18.53 -22.10
CA ASN B 252 -31.11 19.33 -22.60
C ASN B 252 -32.19 19.38 -21.52
N PRO B 253 -32.05 20.23 -20.59
CA PRO B 253 -33.02 20.27 -19.47
C PRO B 253 -34.32 20.97 -19.85
N ASN B 254 -35.10 20.29 -20.69
CA ASN B 254 -36.37 20.84 -21.17
C ASN B 254 -37.38 20.87 -20.04
N LEU B 255 -38.02 22.02 -19.86
CA LEU B 255 -38.98 22.21 -18.78
C LEU B 255 -40.36 22.53 -19.34
N TYR B 256 -41.38 22.10 -18.61
CA TYR B 256 -42.77 22.40 -18.95
C TYR B 256 -43.44 23.07 -17.76
N THR B 257 -44.49 23.82 -18.06
CA THR B 257 -45.43 24.31 -17.06
C THR B 257 -46.67 23.43 -17.07
N VAL B 258 -47.08 22.95 -15.90
CA VAL B 258 -48.32 22.21 -15.73
C VAL B 258 -49.27 23.14 -15.00
N ARG B 259 -50.26 23.65 -15.72
CA ARG B 259 -51.16 24.69 -15.23
C ARG B 259 -52.51 24.09 -14.90
N THR B 260 -53.05 24.43 -13.73
CA THR B 260 -54.35 23.96 -13.31
C THR B 260 -55.26 25.16 -13.06
N GLU B 261 -56.38 25.20 -13.77
CA GLU B 261 -57.41 26.21 -13.56
C GLU B 261 -58.60 25.57 -12.87
N VAL B 262 -59.01 26.15 -11.74
CA VAL B 262 -60.23 25.74 -11.05
C VAL B 262 -61.36 26.62 -11.56
N LEU B 263 -62.41 26.01 -12.07
CA LEU B 263 -63.46 26.73 -12.75
C LEU B 263 -64.80 26.53 -12.05
N ASN B 264 -65.56 27.61 -11.94
CA ASN B 264 -66.96 27.57 -11.57
C ASN B 264 -67.75 28.23 -12.70
N GLY B 265 -68.61 27.45 -13.36
CA GLY B 265 -69.21 27.87 -14.61
C GLY B 265 -68.11 28.05 -15.65
N GLY B 266 -68.09 29.21 -16.28
CA GLY B 266 -67.03 29.57 -17.21
C GLY B 266 -66.05 30.53 -16.59
N LYS B 267 -66.08 30.70 -15.27
CA LYS B 267 -65.23 31.65 -14.56
C LYS B 267 -64.06 30.90 -13.92
N VAL B 268 -62.85 31.35 -14.21
CA VAL B 268 -61.67 30.79 -13.55
C VAL B 268 -61.59 31.39 -12.16
N LEU B 269 -61.60 30.54 -11.15
CA LEU B 269 -61.46 31.02 -9.78
C LEU B 269 -60.01 31.07 -9.33
N ASP B 270 -59.20 30.13 -9.81
CA ASP B 270 -57.83 30.00 -9.34
C ASP B 270 -57.00 29.35 -10.45
N THR B 271 -55.74 29.76 -10.56
CA THR B 271 -54.80 29.20 -11.53
C THR B 271 -53.51 28.88 -10.80
N TYR B 272 -53.14 27.59 -10.77
CA TYR B 272 -51.97 27.12 -10.05
C TYR B 272 -51.01 26.42 -11.01
N ASP B 273 -49.75 26.86 -11.01
CA ASP B 273 -48.73 26.34 -11.92
C ASP B 273 -47.71 25.51 -11.15
N THR B 274 -47.20 24.47 -11.80
CA THR B 274 -46.05 23.76 -11.26
C THR B 274 -45.10 23.42 -12.39
N GLU B 275 -43.81 23.63 -12.14
CA GLU B 275 -42.77 23.33 -13.10
C GLU B 275 -42.51 21.84 -13.10
N TYR B 276 -42.27 21.29 -14.29
CA TYR B 276 -42.17 19.84 -14.43
C TYR B 276 -41.18 19.50 -15.53
N GLY B 277 -40.69 18.27 -15.49
CA GLY B 277 -39.85 17.75 -16.55
C GLY B 277 -40.05 16.26 -16.68
N PHE B 278 -39.97 15.77 -17.90
CA PHE B 278 -40.20 14.36 -18.19
C PHE B 278 -38.86 13.63 -18.17
N ARG B 279 -38.67 12.75 -17.19
CA ARG B 279 -37.43 11.96 -17.11
CA ARG B 279 -37.45 11.95 -17.14
C ARG B 279 -37.68 10.76 -16.22
N TRP B 280 -36.88 9.73 -16.41
CA TRP B 280 -36.90 8.57 -15.52
C TRP B 280 -35.46 8.14 -15.25
N THR B 281 -35.26 7.53 -14.08
CA THR B 281 -33.94 7.09 -13.64
C THR B 281 -34.01 5.63 -13.23
N GLY B 282 -32.84 5.06 -12.99
CA GLY B 282 -32.70 3.72 -12.47
C GLY B 282 -31.39 3.53 -11.75
N PHE B 283 -31.40 2.76 -10.65
CA PHE B 283 -30.20 2.36 -9.95
C PHE B 283 -30.11 0.85 -10.01
N ASP B 284 -29.05 0.34 -10.64
CA ASP B 284 -28.81 -1.09 -10.77
C ASP B 284 -27.70 -1.51 -9.82
N ALA B 285 -27.90 -2.64 -9.13
CA ALA B 285 -26.92 -3.08 -8.14
C ALA B 285 -25.57 -3.42 -8.76
N THR B 286 -25.57 -3.82 -10.04
CA THR B 286 -24.34 -4.22 -10.71
C THR B 286 -23.72 -3.11 -11.54
N SER B 287 -24.52 -2.36 -12.30
CA SER B 287 -23.99 -1.40 -13.26
CA SER B 287 -23.98 -1.40 -13.26
C SER B 287 -24.31 0.05 -12.91
N GLY B 288 -25.00 0.31 -11.81
CA GLY B 288 -25.16 1.67 -11.34
C GLY B 288 -26.34 2.46 -11.89
N PHE B 289 -26.12 3.75 -12.16
CA PHE B 289 -27.16 4.73 -12.40
C PHE B 289 -27.41 4.95 -13.89
N SER B 290 -28.67 5.25 -14.23
N SER B 290 -28.67 5.24 -14.22
CA SER B 290 -29.02 5.60 -15.60
CA SER B 290 -29.06 5.59 -15.57
C SER B 290 -30.09 6.68 -15.57
C SER B 290 -30.06 6.73 -15.53
N LEU B 291 -30.02 7.57 -16.56
CA LEU B 291 -30.98 8.65 -16.75
C LEU B 291 -31.57 8.50 -18.14
N ASN B 292 -32.90 8.40 -18.23
CA ASN B 292 -33.60 8.25 -19.49
C ASN B 292 -33.09 7.05 -20.28
N GLY B 293 -32.83 5.95 -19.59
CA GLY B 293 -32.40 4.72 -20.23
C GLY B 293 -30.94 4.69 -20.65
N GLU B 294 -30.15 5.69 -20.28
CA GLU B 294 -28.75 5.75 -20.67
C GLU B 294 -27.86 5.81 -19.43
N LYS B 295 -26.74 5.08 -19.47
CA LYS B 295 -25.85 5.02 -18.32
C LYS B 295 -25.23 6.39 -18.06
N VAL B 296 -25.16 6.75 -16.78
CA VAL B 296 -24.56 8.01 -16.35
C VAL B 296 -23.81 7.77 -15.05
N LYS B 297 -22.56 8.21 -14.99
CA LYS B 297 -21.79 8.16 -13.75
C LYS B 297 -22.09 9.42 -12.95
N LEU B 298 -22.48 9.24 -11.69
CA LEU B 298 -22.81 10.39 -10.84
C LEU B 298 -21.51 11.04 -10.39
N LYS B 299 -21.14 12.14 -11.04
CA LYS B 299 -19.92 12.87 -10.71
C LYS B 299 -20.35 14.06 -9.88
N GLY B 300 -20.48 13.83 -8.58
CA GLY B 300 -21.16 14.74 -7.69
C GLY B 300 -20.25 15.37 -6.65
N VAL B 301 -20.77 16.44 -6.05
CA VAL B 301 -20.13 17.09 -4.91
C VAL B 301 -21.18 17.25 -3.82
N SER B 302 -20.71 17.23 -2.57
CA SER B 302 -21.49 17.70 -1.45
C SER B 302 -21.37 19.21 -1.36
N MET B 303 -22.47 19.89 -1.03
CA MET B 303 -22.48 21.34 -0.96
C MET B 303 -23.29 21.78 0.26
N HIS B 304 -22.63 22.48 1.19
CA HIS B 304 -23.35 23.19 2.22
C HIS B 304 -24.03 24.43 1.63
N HIS B 305 -24.93 25.04 2.42
CA HIS B 305 -25.83 26.05 1.91
C HIS B 305 -25.25 27.45 1.85
N ASP B 306 -24.20 27.77 2.62
CA ASP B 306 -23.84 29.18 2.68
C ASP B 306 -23.21 29.63 1.36
N GLN B 307 -23.15 30.95 1.19
CA GLN B 307 -22.63 31.56 -0.02
C GLN B 307 -21.41 32.42 0.30
N GLY B 308 -20.51 31.89 1.12
CA GLY B 308 -19.23 32.55 1.31
C GLY B 308 -19.36 33.83 2.11
N SER B 309 -18.82 34.91 1.57
CA SER B 309 -18.84 36.20 2.26
C SER B 309 -20.25 36.75 2.43
N LEU B 310 -21.23 36.22 1.71
CA LEU B 310 -22.63 36.59 1.93
C LEU B 310 -23.23 35.88 3.13
N GLY B 311 -22.51 34.95 3.75
CA GLY B 311 -23.12 34.18 4.82
C GLY B 311 -24.13 33.20 4.25
N ALA B 312 -25.21 32.99 5.01
CA ALA B 312 -26.22 32.01 4.65
C ALA B 312 -27.21 32.49 3.60
N VAL B 313 -27.11 33.76 3.18
CA VAL B 313 -28.12 34.36 2.30
C VAL B 313 -28.24 33.55 1.02
N ALA B 314 -29.45 33.07 0.73
CA ALA B 314 -29.70 32.22 -0.44
C ALA B 314 -30.01 33.07 -1.66
N ASN B 315 -29.00 33.87 -2.03
CA ASN B 315 -29.10 34.73 -3.21
C ASN B 315 -29.07 33.87 -4.46
N ARG B 316 -29.99 34.13 -5.39
CA ARG B 316 -30.13 33.25 -6.55
C ARG B 316 -28.90 33.29 -7.46
N ARG B 317 -28.35 34.48 -7.70
CA ARG B 317 -27.17 34.55 -8.57
C ARG B 317 -25.96 33.89 -7.92
N ALA B 318 -25.79 34.11 -6.61
CA ALA B 318 -24.71 33.43 -5.89
C ALA B 318 -24.83 31.92 -6.05
N ILE B 319 -26.04 31.39 -5.86
CA ILE B 319 -26.29 29.96 -5.97
C ILE B 319 -26.06 29.49 -7.40
N GLU B 320 -26.54 30.27 -8.37
CA GLU B 320 -26.37 29.91 -9.77
C GLU B 320 -24.90 29.90 -10.17
N ARG B 321 -24.13 30.89 -9.72
CA ARG B 321 -22.69 30.94 -10.01
C ARG B 321 -21.97 29.72 -9.47
N GLN B 322 -22.34 29.27 -8.26
CA GLN B 322 -21.77 28.04 -7.73
C GLN B 322 -22.00 26.87 -8.67
N VAL B 323 -23.24 26.69 -9.13
CA VAL B 323 -23.56 25.58 -10.03
C VAL B 323 -22.77 25.71 -11.34
N GLU B 324 -22.67 26.92 -11.88
CA GLU B 324 -21.93 27.12 -13.13
C GLU B 324 -20.47 26.76 -12.96
N ILE B 325 -19.86 27.17 -11.85
CA ILE B 325 -18.46 26.83 -11.60
C ILE B 325 -18.32 25.31 -11.44
N LEU B 326 -19.30 24.66 -10.81
CA LEU B 326 -19.25 23.21 -10.71
C LEU B 326 -19.43 22.54 -12.07
N GLN B 327 -20.39 23.01 -12.88
CA GLN B 327 -20.56 22.43 -14.21
C GLN B 327 -19.28 22.52 -15.03
N LYS B 328 -18.59 23.64 -14.94
CA LYS B 328 -17.33 23.80 -15.67
C LYS B 328 -16.31 22.74 -15.27
N MET B 329 -16.40 22.23 -14.04
CA MET B 329 -15.55 21.15 -13.56
C MET B 329 -15.98 19.79 -14.07
N GLY B 330 -17.14 19.67 -14.70
CA GLY B 330 -17.66 18.38 -15.08
C GLY B 330 -18.62 17.77 -14.09
N VAL B 331 -18.94 18.47 -13.00
CA VAL B 331 -19.92 18.00 -12.04
C VAL B 331 -21.28 17.89 -12.74
N ASN B 332 -21.97 16.77 -12.50
CA ASN B 332 -23.35 16.64 -12.99
C ASN B 332 -24.35 16.38 -11.87
N SER B 333 -23.92 16.42 -10.60
CA SER B 333 -24.83 16.11 -9.49
C SER B 333 -24.37 16.81 -8.21
N ILE B 334 -25.33 17.14 -7.36
CA ILE B 334 -25.11 17.84 -6.11
C ILE B 334 -25.88 17.14 -5.00
N ARG B 335 -25.21 16.87 -3.87
CA ARG B 335 -25.84 16.38 -2.66
C ARG B 335 -26.00 17.56 -1.68
N THR B 336 -27.25 17.84 -1.27
CA THR B 336 -27.53 19.02 -0.45
C THR B 336 -27.26 18.68 1.01
N THR B 337 -25.98 18.56 1.32
CA THR B 337 -25.53 18.21 2.66
C THR B 337 -25.69 19.37 3.63
N HIS B 338 -26.37 19.17 4.77
CA HIS B 338 -27.10 17.95 5.11
C HIS B 338 -28.53 18.36 5.47
N ASN B 339 -29.21 18.92 4.49
CA ASN B 339 -30.45 19.64 4.78
C ASN B 339 -31.08 20.08 3.46
N PRO B 340 -32.37 20.38 3.44
CA PRO B 340 -33.01 20.76 2.17
C PRO B 340 -32.36 22.00 1.57
N ALA B 341 -32.34 22.05 0.25
CA ALA B 341 -31.78 23.20 -0.43
C ALA B 341 -32.77 24.36 -0.42
N ALA B 342 -32.27 25.55 -0.68
CA ALA B 342 -33.16 26.64 -1.06
C ALA B 342 -33.87 26.26 -2.35
N LYS B 343 -35.16 26.62 -2.46
CA LYS B 343 -35.87 26.42 -3.72
C LYS B 343 -35.08 27.01 -4.88
N ALA B 344 -34.36 28.11 -4.65
CA ALA B 344 -33.54 28.71 -5.71
C ALA B 344 -32.53 27.71 -6.28
N LEU B 345 -31.93 26.87 -5.44
CA LEU B 345 -31.01 25.86 -5.96
C LEU B 345 -31.75 24.84 -6.81
N ILE B 346 -32.94 24.44 -6.37
CA ILE B 346 -33.74 23.50 -7.16
C ILE B 346 -34.14 24.14 -8.49
N ASP B 347 -34.50 25.43 -8.47
CA ASP B 347 -34.79 26.14 -9.72
C ASP B 347 -33.61 26.11 -10.66
N VAL B 348 -32.42 26.42 -10.14
CA VAL B 348 -31.21 26.45 -10.97
C VAL B 348 -30.91 25.07 -11.54
N CYS B 349 -31.03 24.03 -10.73
CA CYS B 349 -30.68 22.69 -11.21
C CYS B 349 -31.68 22.20 -12.24
N ASN B 350 -32.96 22.55 -12.07
CA ASN B 350 -33.96 22.27 -13.11
C ASN B 350 -33.58 22.91 -14.44
N GLU B 351 -33.11 24.16 -14.38
CA GLU B 351 -32.78 24.92 -15.59
C GLU B 351 -31.43 24.53 -16.16
N LYS B 352 -30.46 24.19 -15.32
CA LYS B 352 -29.09 23.92 -15.77
C LYS B 352 -28.84 22.46 -16.13
N GLY B 353 -29.70 21.54 -15.68
CA GLY B 353 -29.45 20.13 -15.91
C GLY B 353 -28.45 19.51 -14.94
N VAL B 354 -28.71 19.64 -13.64
CA VAL B 354 -27.86 19.06 -12.61
C VAL B 354 -28.74 18.19 -11.72
N LEU B 355 -28.29 16.96 -11.47
CA LEU B 355 -29.07 16.01 -10.69
C LEU B 355 -28.88 16.26 -9.20
N VAL B 356 -29.98 16.32 -8.45
CA VAL B 356 -29.95 16.69 -7.04
C VAL B 356 -30.32 15.49 -6.18
N VAL B 357 -29.43 15.13 -5.26
CA VAL B 357 -29.77 14.25 -4.15
C VAL B 357 -30.12 15.16 -2.98
N GLU B 358 -31.41 15.37 -2.75
CA GLU B 358 -31.84 16.32 -1.74
C GLU B 358 -31.85 15.62 -0.39
N GLU B 359 -30.93 16.01 0.48
CA GLU B 359 -30.84 15.48 1.82
C GLU B 359 -31.69 16.33 2.76
N VAL B 360 -32.37 15.68 3.69
CA VAL B 360 -33.33 16.40 4.52
C VAL B 360 -32.78 16.62 5.91
N PHE B 361 -32.01 15.66 6.42
CA PHE B 361 -31.54 15.70 7.79
C PHE B 361 -30.06 15.37 7.86
N ASP B 362 -29.42 15.93 8.89
CA ASP B 362 -28.11 15.49 9.38
C ASP B 362 -28.35 14.42 10.43
N MET B 363 -28.47 14.85 11.70
CA MET B 363 -28.81 13.96 12.80
C MET B 363 -30.30 13.64 12.80
N TRP B 364 -30.66 12.63 13.59
CA TRP B 364 -32.08 12.34 13.78
C TRP B 364 -32.50 12.76 15.19
N ASN B 365 -32.85 11.81 16.05
CA ASN B 365 -33.37 12.12 17.38
C ASN B 365 -32.29 12.27 18.43
N ARG B 366 -31.01 12.18 18.06
CA ARG B 366 -29.90 12.38 18.98
C ARG B 366 -29.00 13.49 18.46
N SER B 367 -28.75 14.48 19.29
CA SER B 367 -27.88 15.60 18.92
C SER B 367 -26.44 15.13 18.75
N LYS B 368 -25.70 15.87 17.93
CA LYS B 368 -24.32 15.56 17.60
C LYS B 368 -23.35 16.55 18.21
N ASN B 369 -22.14 16.07 18.54
CA ASN B 369 -21.00 16.93 18.84
C ASN B 369 -21.29 17.92 19.97
N GLY B 370 -22.14 17.55 20.92
CA GLY B 370 -22.50 18.46 21.98
C GLY B 370 -23.35 19.64 21.56
N ASN B 371 -23.96 19.58 20.37
CA ASN B 371 -24.78 20.68 19.87
C ASN B 371 -26.21 20.48 20.39
N THR B 372 -26.39 20.85 21.66
CA THR B 372 -27.63 20.53 22.37
C THR B 372 -28.83 21.26 21.80
N GLU B 373 -28.62 22.32 21.02
CA GLU B 373 -29.70 23.06 20.39
C GLU B 373 -29.89 22.69 18.92
N ASP B 374 -29.22 21.63 18.45
CA ASP B 374 -29.45 21.27 17.05
C ASP B 374 -30.81 20.58 16.92
N TYR B 375 -31.09 20.13 15.70
CA TYR B 375 -32.42 19.62 15.38
C TYR B 375 -32.72 18.32 16.11
N GLY B 376 -31.71 17.61 16.60
CA GLY B 376 -31.97 16.43 17.42
C GLY B 376 -32.83 16.72 18.63
N LYS B 377 -32.91 17.98 19.06
CA LYS B 377 -33.81 18.37 20.14
C LYS B 377 -35.27 18.33 19.69
N TRP B 378 -35.53 18.44 18.39
CA TRP B 378 -36.88 18.62 17.86
C TRP B 378 -37.40 17.47 17.02
N PHE B 379 -36.49 16.69 16.41
CA PHE B 379 -36.83 15.62 15.46
C PHE B 379 -38.00 14.76 15.91
N GLY B 380 -37.94 14.25 17.14
CA GLY B 380 -38.93 13.32 17.63
C GLY B 380 -40.06 13.91 18.44
N GLN B 381 -40.13 15.24 18.54
CA GLN B 381 -41.18 15.90 19.31
C GLN B 381 -42.43 16.08 18.46
N ALA B 382 -43.57 16.23 19.15
CA ALA B 382 -44.84 16.46 18.51
C ALA B 382 -45.05 17.94 18.24
N ILE B 383 -45.96 18.22 17.32
CA ILE B 383 -46.32 19.59 16.97
C ILE B 383 -47.52 20.00 17.81
N ALA B 384 -47.41 21.15 18.47
CA ALA B 384 -48.47 21.56 19.39
C ALA B 384 -49.78 21.74 18.66
N GLY B 385 -50.88 21.44 19.34
CA GLY B 385 -52.20 21.48 18.74
C GLY B 385 -52.65 22.87 18.34
N ASP B 386 -52.05 23.92 18.91
CA ASP B 386 -52.38 25.28 18.54
C ASP B 386 -51.33 25.91 17.64
N ASN B 387 -50.35 25.12 17.18
CA ASN B 387 -49.35 25.58 16.22
C ASN B 387 -49.94 25.43 14.82
N ALA B 388 -50.27 26.55 14.18
CA ALA B 388 -50.95 26.50 12.90
C ALA B 388 -50.00 26.47 11.71
N VAL B 389 -48.72 26.16 11.94
CA VAL B 389 -47.75 26.10 10.84
C VAL B 389 -48.20 25.09 9.78
N LEU B 390 -47.91 25.42 8.52
CA LEU B 390 -48.35 24.61 7.40
C LEU B 390 -47.15 24.24 6.54
N GLY B 391 -47.28 23.12 5.81
CA GLY B 391 -46.23 22.68 4.90
C GLY B 391 -46.15 21.19 4.73
N GLY B 392 -46.25 20.46 5.83
CA GLY B 392 -46.23 19.00 5.80
C GLY B 392 -47.22 18.40 6.77
N ASP B 393 -47.21 17.07 6.89
CA ASP B 393 -48.09 16.40 7.84
C ASP B 393 -47.74 16.80 9.27
N LYS B 394 -48.78 17.05 10.06
CA LYS B 394 -48.63 17.54 11.43
C LYS B 394 -49.06 16.51 12.48
N ASP B 395 -49.35 15.29 12.06
CA ASP B 395 -49.99 14.33 12.96
C ASP B 395 -49.01 13.46 13.72
N GLU B 396 -47.71 13.56 13.45
CA GLU B 396 -46.74 12.75 14.19
C GLU B 396 -45.65 13.62 14.79
N THR B 397 -44.46 13.65 14.18
CA THR B 397 -43.33 14.37 14.74
C THR B 397 -42.91 15.50 13.81
N TRP B 398 -42.00 16.33 14.32
CA TRP B 398 -41.40 17.38 13.48
C TRP B 398 -40.68 16.77 12.29
N ALA B 399 -40.03 15.61 12.48
CA ALA B 399 -39.32 14.97 11.37
C ALA B 399 -40.27 14.69 10.21
N LYS B 400 -41.46 14.16 10.51
CA LYS B 400 -42.43 13.92 9.45
C LYS B 400 -42.88 15.22 8.80
N PHE B 401 -43.11 16.25 9.61
CA PHE B 401 -43.52 17.54 9.04
C PHE B 401 -42.45 18.08 8.10
N ASP B 402 -41.20 18.10 8.56
CA ASP B 402 -40.14 18.72 7.78
C ASP B 402 -39.82 17.90 6.54
N LEU B 403 -39.89 16.57 6.64
CA LEU B 403 -39.63 15.71 5.50
C LEU B 403 -40.72 15.85 4.43
N THR B 404 -41.99 15.78 4.84
CA THR B 404 -43.07 15.91 3.86
C THR B 404 -43.15 17.34 3.32
N SER B 405 -42.83 18.34 4.12
CA SER B 405 -42.83 19.71 3.61
C SER B 405 -41.84 19.87 2.46
N THR B 406 -40.63 19.32 2.63
CA THR B 406 -39.63 19.38 1.58
C THR B 406 -40.07 18.62 0.33
N ILE B 407 -40.55 17.38 0.53
CA ILE B 407 -41.01 16.58 -0.59
C ILE B 407 -42.16 17.26 -1.31
N ASN B 408 -43.11 17.82 -0.55
CA ASN B 408 -44.24 18.52 -1.15
C ASN B 408 -43.75 19.67 -2.03
N ARG B 409 -42.71 20.37 -1.58
CA ARG B 409 -42.20 21.50 -2.35
C ARG B 409 -41.56 21.07 -3.65
N ASP B 410 -40.81 19.96 -3.64
CA ASP B 410 -39.94 19.62 -4.75
C ASP B 410 -40.38 18.37 -5.52
N ARG B 411 -41.58 17.84 -5.24
CA ARG B 411 -41.97 16.54 -5.79
C ARG B 411 -42.03 16.54 -7.32
N ASN B 412 -42.18 17.69 -7.95
CA ASN B 412 -42.27 17.74 -9.42
C ASN B 412 -40.99 18.22 -10.07
N ALA B 413 -39.93 18.50 -9.30
CA ALA B 413 -38.69 19.01 -9.86
C ALA B 413 -37.92 17.88 -10.54
N PRO B 414 -37.72 17.93 -11.85
CA PRO B 414 -37.02 16.82 -12.52
C PRO B 414 -35.58 16.65 -12.07
N SER B 415 -34.95 17.70 -11.54
CA SER B 415 -33.55 17.59 -11.12
C SER B 415 -33.37 16.67 -9.92
N VAL B 416 -34.36 16.61 -9.03
CA VAL B 416 -34.22 15.82 -7.81
C VAL B 416 -34.39 14.35 -8.18
N ILE B 417 -33.37 13.55 -7.90
CA ILE B 417 -33.40 12.13 -8.25
C ILE B 417 -33.56 11.23 -7.02
N MET B 418 -33.21 11.69 -5.83
CA MET B 418 -33.31 10.88 -4.62
C MET B 418 -33.58 11.76 -3.42
N TRP B 419 -34.28 11.19 -2.43
CA TRP B 419 -34.47 11.82 -1.14
C TRP B 419 -33.52 11.17 -0.14
N SER B 420 -32.60 11.96 0.42
CA SER B 420 -31.67 11.46 1.41
C SER B 420 -32.19 11.79 2.81
N LEU B 421 -32.29 10.77 3.65
CA LEU B 421 -33.02 10.87 4.90
C LEU B 421 -32.14 11.20 6.09
N GLY B 422 -30.82 11.18 5.93
CA GLY B 422 -29.96 11.46 7.05
C GLY B 422 -28.51 11.28 6.65
N ASN B 423 -27.64 11.76 7.53
CA ASN B 423 -26.20 11.69 7.33
C ASN B 423 -25.53 11.25 8.61
N GLU B 424 -24.84 10.10 8.57
CA GLU B 424 -24.09 9.60 9.71
C GLU B 424 -24.89 9.75 11.00
N MET B 425 -26.14 9.26 10.94
CA MET B 425 -27.10 9.50 12.02
C MET B 425 -26.60 8.99 13.36
N MET B 426 -25.67 8.03 13.36
CA MET B 426 -25.20 7.41 14.57
C MET B 426 -23.81 7.90 14.97
N GLU B 427 -23.29 8.92 14.30
CA GLU B 427 -21.94 9.43 14.51
C GLU B 427 -21.94 10.66 15.42
N GLY B 428 -21.13 10.62 16.47
CA GLY B 428 -20.99 11.78 17.33
C GLY B 428 -22.12 11.98 18.32
N ILE B 429 -22.85 10.92 18.63
CA ILE B 429 -24.00 10.99 19.53
C ILE B 429 -23.70 10.15 20.76
N SER B 430 -24.55 10.29 21.77
CA SER B 430 -24.45 9.48 22.98
C SER B 430 -25.66 8.58 23.11
N GLY B 431 -25.50 7.49 23.84
CA GLY B 431 -26.57 6.55 24.08
C GLY B 431 -26.52 5.36 23.12
N SER B 432 -27.50 4.48 23.30
CA SER B 432 -27.61 3.30 22.45
C SER B 432 -28.09 3.68 21.05
N VAL B 433 -27.69 2.88 20.05
CA VAL B 433 -28.16 3.04 18.69
C VAL B 433 -29.19 1.99 18.31
N SER B 434 -29.67 1.20 19.28
CA SER B 434 -30.56 0.09 18.96
C SER B 434 -31.90 0.55 18.40
N GLY B 435 -32.31 1.79 18.65
CA GLY B 435 -33.54 2.30 18.13
C GLY B 435 -33.46 2.91 16.74
N PHE B 436 -32.27 3.03 16.18
CA PHE B 436 -32.09 3.74 14.92
C PHE B 436 -32.68 2.98 13.73
N PRO B 437 -32.59 1.64 13.68
CA PRO B 437 -33.29 0.94 12.57
C PRO B 437 -34.78 1.18 12.53
N ALA B 438 -35.45 1.29 13.69
CA ALA B 438 -36.88 1.58 13.68
C ALA B 438 -37.14 3.02 13.22
N THR B 439 -36.30 3.96 13.63
CA THR B 439 -36.43 5.34 13.15
C THR B 439 -36.22 5.41 11.64
N SER B 440 -35.21 4.70 11.13
CA SER B 440 -34.97 4.69 9.69
C SER B 440 -36.17 4.13 8.94
N ALA B 441 -36.74 3.02 9.43
CA ALA B 441 -37.91 2.43 8.79
C ALA B 441 -39.09 3.40 8.77
N LYS B 442 -39.27 4.19 9.83
CA LYS B 442 -40.37 5.16 9.83
C LYS B 442 -40.15 6.23 8.77
N LEU B 443 -38.93 6.74 8.66
CA LEU B 443 -38.62 7.76 7.65
C LEU B 443 -38.79 7.20 6.24
N VAL B 444 -38.36 5.95 6.03
CA VAL B 444 -38.50 5.35 4.70
C VAL B 444 -39.97 5.20 4.33
N ALA B 445 -40.80 4.76 5.29
CA ALA B 445 -42.23 4.61 5.02
C ALA B 445 -42.90 5.95 4.73
N TRP B 446 -42.58 6.99 5.52
CA TRP B 446 -43.11 8.32 5.25
C TRP B 446 -42.75 8.77 3.84
N THR B 447 -41.48 8.59 3.45
CA THR B 447 -41.02 9.02 2.14
C THR B 447 -41.73 8.29 1.03
N LYS B 448 -41.82 6.96 1.14
CA LYS B 448 -42.48 6.20 0.07
C LYS B 448 -43.93 6.64 -0.08
N ALA B 449 -44.60 6.94 1.04
CA ALA B 449 -45.98 7.38 0.98
C ALA B 449 -46.10 8.80 0.43
N ALA B 450 -45.13 9.66 0.71
CA ALA B 450 -45.18 11.03 0.22
C ALA B 450 -44.81 11.12 -1.26
N ASP B 451 -43.86 10.32 -1.73
CA ASP B 451 -43.46 10.36 -3.14
C ASP B 451 -42.92 8.98 -3.53
N SER B 452 -43.75 8.21 -4.22
CA SER B 452 -43.33 6.88 -4.66
C SER B 452 -42.38 6.93 -5.85
N THR B 453 -42.21 8.08 -6.50
CA THR B 453 -41.55 8.14 -7.80
C THR B 453 -40.03 8.22 -7.71
N ARG B 454 -39.46 8.38 -6.51
CA ARG B 454 -38.02 8.51 -6.38
C ARG B 454 -37.50 7.57 -5.30
N PRO B 455 -36.30 7.03 -5.48
CA PRO B 455 -35.68 6.25 -4.40
C PRO B 455 -35.39 7.15 -3.20
N MET B 456 -35.48 6.58 -2.01
CA MET B 456 -34.96 7.23 -0.83
C MET B 456 -33.57 6.65 -0.52
N THR B 457 -32.80 7.40 0.27
CA THR B 457 -31.42 7.03 0.53
C THR B 457 -30.99 7.66 1.85
N TYR B 458 -29.72 7.43 2.22
CA TYR B 458 -29.08 8.17 3.29
C TYR B 458 -27.58 8.01 3.09
N GLY B 459 -26.79 8.71 3.90
CA GLY B 459 -25.36 8.53 3.89
C GLY B 459 -24.88 7.96 5.21
N ASP B 460 -24.43 6.70 5.21
CA ASP B 460 -24.09 5.99 6.44
C ASP B 460 -22.59 5.69 6.47
N ASN B 461 -21.94 6.06 7.56
CA ASN B 461 -20.51 5.80 7.73
C ASN B 461 -20.23 4.56 8.57
N LYS B 462 -21.26 3.81 8.97
CA LYS B 462 -21.09 2.62 9.78
C LYS B 462 -21.17 1.33 8.96
N ILE B 463 -21.49 1.42 7.67
CA ILE B 463 -21.54 0.23 6.83
C ILE B 463 -20.17 -0.43 6.77
N LYS B 464 -19.11 0.38 6.65
CA LYS B 464 -17.76 -0.17 6.61
C LYS B 464 -17.35 -0.84 7.92
N ALA B 465 -18.05 -0.55 9.02
CA ALA B 465 -17.81 -1.20 10.30
C ALA B 465 -18.70 -2.43 10.52
N ASN B 466 -19.50 -2.79 9.53
CA ASN B 466 -20.45 -3.92 9.62
C ASN B 466 -21.28 -3.88 10.89
N TRP B 467 -21.81 -2.69 11.21
CA TRP B 467 -22.78 -2.60 12.30
C TRP B 467 -24.05 -3.34 11.94
N ASN B 468 -24.59 -4.10 12.90
CA ASN B 468 -25.86 -4.80 12.66
C ASN B 468 -26.96 -3.82 12.30
N GLU B 469 -26.98 -2.66 12.95
CA GLU B 469 -27.99 -1.65 12.65
C GLU B 469 -27.91 -1.21 11.20
N SER B 470 -26.69 -0.99 10.69
CA SER B 470 -26.52 -0.56 9.31
C SER B 470 -26.93 -1.63 8.30
N ASN B 471 -26.72 -2.90 8.64
CA ASN B 471 -27.18 -3.98 7.76
C ASN B 471 -28.70 -3.99 7.69
N THR B 472 -29.37 -3.91 8.83
CA THR B 472 -30.82 -3.88 8.86
C THR B 472 -31.36 -2.67 8.12
N MET B 473 -30.77 -1.49 8.35
CA MET B 473 -31.27 -0.28 7.72
C MET B 473 -31.06 -0.29 6.21
N GLY B 474 -29.93 -0.81 5.74
CA GLY B 474 -29.69 -0.89 4.31
C GLY B 474 -30.60 -1.89 3.62
N ASP B 475 -30.87 -3.00 4.29
CA ASP B 475 -31.85 -3.97 3.79
C ASP B 475 -33.23 -3.33 3.67
N ASN B 476 -33.63 -2.53 4.66
CA ASN B 476 -34.94 -1.89 4.61
C ASN B 476 -34.99 -0.83 3.53
N LEU B 477 -33.91 -0.08 3.33
CA LEU B 477 -33.82 0.80 2.16
C LEU B 477 -34.10 0.01 0.89
N THR B 478 -33.37 -1.10 0.70
CA THR B 478 -33.47 -1.87 -0.52
C THR B 478 -34.87 -2.43 -0.72
N ALA B 479 -35.51 -2.87 0.36
CA ALA B 479 -36.85 -3.45 0.26
C ALA B 479 -37.90 -2.43 -0.16
N ASN B 480 -37.60 -1.14 -0.07
CA ASN B 480 -38.56 -0.09 -0.38
C ASN B 480 -38.12 0.74 -1.58
N GLY B 481 -37.35 0.13 -2.49
CA GLY B 481 -36.90 0.83 -3.67
C GLY B 481 -35.80 1.84 -3.43
N GLY B 482 -35.13 1.76 -2.28
CA GLY B 482 -34.11 2.73 -1.94
C GLY B 482 -32.72 2.33 -2.39
N VAL B 483 -31.78 3.27 -2.19
CA VAL B 483 -30.40 3.17 -2.62
C VAL B 483 -29.52 3.50 -1.42
N VAL B 484 -28.45 2.74 -1.23
CA VAL B 484 -27.65 2.80 -0.01
C VAL B 484 -26.40 3.65 -0.28
N GLY B 485 -26.25 4.75 0.46
CA GLY B 485 -25.05 5.55 0.38
C GLY B 485 -24.08 5.18 1.49
N THR B 486 -22.84 4.88 1.08
CA THR B 486 -21.77 4.63 2.04
C THR B 486 -20.85 5.83 2.08
N ASN B 487 -20.57 6.34 3.28
CA ASN B 487 -19.70 7.48 3.47
C ASN B 487 -18.27 6.98 3.69
N TYR B 488 -17.35 7.40 2.80
CA TYR B 488 -15.90 7.23 2.94
C TYR B 488 -15.47 5.76 2.92
N SER B 489 -16.08 4.97 2.04
CA SER B 489 -15.55 3.66 1.74
C SER B 489 -14.37 3.78 0.79
N ASP B 490 -13.38 2.90 0.97
CA ASP B 490 -12.32 2.78 -0.01
C ASP B 490 -12.66 1.62 -0.95
N GLY B 491 -11.78 1.39 -1.92
CA GLY B 491 -12.05 0.36 -2.93
C GLY B 491 -12.34 -0.99 -2.33
N ALA B 492 -11.51 -1.42 -1.37
CA ALA B 492 -11.71 -2.71 -0.73
C ALA B 492 -13.07 -2.78 -0.04
N ASN B 493 -13.51 -1.68 0.59
CA ASN B 493 -14.80 -1.75 1.26
C ASN B 493 -15.97 -1.69 0.29
N TYR B 494 -15.85 -0.93 -0.81
CA TYR B 494 -16.84 -1.01 -1.88
C TYR B 494 -17.04 -2.45 -2.31
N ASP B 495 -15.92 -3.15 -2.57
CA ASP B 495 -16.00 -4.56 -2.94
C ASP B 495 -16.61 -5.40 -1.84
N LYS B 496 -16.29 -5.08 -0.58
CA LYS B 496 -16.84 -5.84 0.55
C LYS B 496 -18.35 -5.69 0.65
N ILE B 497 -18.86 -4.46 0.47
CA ILE B 497 -20.30 -4.23 0.49
C ILE B 497 -20.99 -5.01 -0.62
N ARG B 498 -20.46 -4.91 -1.84
CA ARG B 498 -21.05 -5.61 -2.98
C ARG B 498 -21.14 -7.11 -2.74
N THR B 499 -20.16 -7.67 -2.03
CA THR B 499 -20.11 -9.11 -1.82
C THR B 499 -21.04 -9.54 -0.68
N THR B 500 -21.00 -8.82 0.43
CA THR B 500 -21.80 -9.19 1.60
C THR B 500 -23.27 -8.78 1.45
N HIS B 501 -23.54 -7.73 0.67
CA HIS B 501 -24.91 -7.24 0.45
C HIS B 501 -25.18 -7.17 -1.05
N PRO B 502 -25.25 -8.32 -1.72
CA PRO B 502 -25.41 -8.31 -3.19
C PRO B 502 -26.70 -7.69 -3.69
N SER B 503 -27.69 -7.47 -2.82
CA SER B 503 -28.95 -6.88 -3.25
C SER B 503 -28.95 -5.36 -3.23
N TRP B 504 -27.99 -4.75 -2.54
CA TRP B 504 -27.95 -3.29 -2.42
C TRP B 504 -27.47 -2.64 -3.70
N ALA B 505 -28.14 -1.56 -4.09
CA ALA B 505 -27.58 -0.62 -5.05
C ALA B 505 -26.91 0.48 -4.25
N ILE B 506 -25.61 0.68 -4.47
CA ILE B 506 -24.82 1.53 -3.60
C ILE B 506 -24.15 2.64 -4.41
N TYR B 507 -23.70 3.66 -3.68
CA TYR B 507 -22.92 4.76 -4.24
C TYR B 507 -22.12 5.38 -3.10
N GLY B 508 -21.12 6.18 -3.48
CA GLY B 508 -20.36 6.91 -2.50
C GLY B 508 -21.05 8.20 -2.10
N SER B 509 -21.86 8.15 -1.03
CA SER B 509 -22.64 9.32 -0.62
C SER B 509 -21.76 10.43 -0.06
N GLU B 510 -20.55 10.12 0.40
CA GLU B 510 -19.60 11.15 0.79
C GLU B 510 -18.19 10.62 0.66
N THR B 511 -17.32 11.38 -0.01
CA THR B 511 -16.01 10.87 -0.40
C THR B 511 -14.96 11.97 -0.27
N ALA B 512 -13.70 11.52 -0.27
CA ALA B 512 -12.50 12.36 -0.28
C ALA B 512 -12.28 13.09 1.04
N SER B 513 -12.84 14.29 1.16
CA SER B 513 -12.48 15.21 2.24
C SER B 513 -10.97 15.47 2.25
N ALA B 514 -10.42 15.67 1.05
CA ALA B 514 -9.09 16.26 0.96
C ALA B 514 -9.15 17.67 1.53
N ILE B 515 -8.05 18.11 2.16
CA ILE B 515 -7.99 19.42 2.79
C ILE B 515 -6.81 20.19 2.20
N ASN B 516 -7.12 21.28 1.52
CA ASN B 516 -6.11 22.07 0.82
C ASN B 516 -6.46 23.55 0.93
N SER B 517 -5.45 24.39 0.85
CA SER B 517 -5.66 25.80 0.57
C SER B 517 -5.43 26.06 -0.91
N ARG B 518 -5.80 27.26 -1.34
CA ARG B 518 -5.55 27.69 -2.71
C ARG B 518 -4.16 28.35 -2.79
N GLY B 519 -3.31 27.81 -3.66
CA GLY B 519 -2.07 28.47 -4.03
C GLY B 519 -0.87 28.25 -3.13
N ILE B 520 -0.83 27.15 -2.38
CA ILE B 520 0.26 26.88 -1.42
C ILE B 520 1.13 25.77 -1.98
N TYR B 521 2.41 26.07 -2.21
CA TYR B 521 3.28 25.11 -2.88
C TYR B 521 4.59 24.80 -2.18
N ASN B 522 4.93 25.45 -1.05
CA ASN B 522 6.25 25.24 -0.46
C ASN B 522 6.35 23.96 0.36
N ARG B 523 5.30 23.15 0.40
CA ARG B 523 5.37 21.78 0.88
C ARG B 523 4.27 20.99 0.16
N THR B 524 4.51 19.70 -0.04
CA THR B 524 3.58 18.83 -0.73
C THR B 524 2.81 17.92 0.22
N THR B 525 2.99 18.10 1.53
CA THR B 525 2.35 17.29 2.54
C THR B 525 1.36 18.14 3.34
N GLY B 526 0.40 17.47 3.96
CA GLY B 526 -0.60 18.14 4.78
C GLY B 526 -1.28 17.23 5.78
N GLY B 527 -2.61 17.20 5.75
CA GLY B 527 -3.38 16.32 6.62
C GLY B 527 -3.35 16.67 8.09
N ALA B 528 -2.79 17.81 8.46
CA ALA B 528 -2.62 18.19 9.86
C ALA B 528 -2.39 19.69 9.95
N GLN B 529 -2.46 20.21 11.16
CA GLN B 529 -2.20 21.63 11.38
C GLN B 529 -0.79 21.98 10.95
N SER B 530 -0.65 23.13 10.30
CA SER B 530 0.62 23.63 9.81
C SER B 530 1.05 24.82 10.66
N SER B 531 2.14 25.47 10.26
CA SER B 531 2.64 26.63 10.97
C SER B 531 2.13 27.94 10.40
N ASP B 532 1.48 27.93 9.23
CA ASP B 532 1.03 29.16 8.58
C ASP B 532 -0.48 29.21 8.42
N LYS B 533 -1.22 28.34 9.10
CA LYS B 533 -2.68 28.30 9.07
C LYS B 533 -3.21 27.99 7.67
N GLN B 534 -2.38 27.39 6.81
CA GLN B 534 -2.76 27.01 5.47
C GLN B 534 -2.36 25.55 5.24
N LEU B 535 -2.77 25.02 4.07
CA LEU B 535 -2.53 23.63 3.71
C LEU B 535 -2.06 23.57 2.26
N THR B 536 -1.23 22.57 1.97
CA THR B 536 -0.69 22.39 0.62
C THR B 536 -1.82 22.30 -0.40
N SER B 537 -1.55 22.81 -1.61
CA SER B 537 -2.48 22.66 -2.72
C SER B 537 -2.27 21.38 -3.51
N TYR B 538 -1.15 20.69 -3.31
CA TYR B 538 -0.97 19.36 -3.89
C TYR B 538 -2.00 18.39 -3.31
N ASP B 539 -2.38 17.41 -4.12
CA ASP B 539 -3.40 16.44 -3.72
C ASP B 539 -2.77 15.28 -2.93
N ASN B 540 -2.09 15.65 -1.84
CA ASN B 540 -1.49 14.68 -0.93
C ASN B 540 -1.93 14.93 0.50
N SER B 541 -3.10 15.55 0.71
CA SER B 541 -3.50 16.02 2.03
C SER B 541 -4.98 15.73 2.24
N ALA B 542 -5.30 14.89 3.25
CA ALA B 542 -6.69 14.56 3.54
C ALA B 542 -6.84 14.23 5.02
N VAL B 543 -8.09 14.25 5.48
CA VAL B 543 -8.37 13.88 6.87
C VAL B 543 -8.21 12.37 7.04
N GLY B 544 -8.10 11.95 8.29
CA GLY B 544 -7.79 10.55 8.59
C GLY B 544 -8.83 9.57 8.06
N TRP B 545 -10.10 9.95 8.09
CA TRP B 545 -11.17 9.09 7.62
C TRP B 545 -11.43 9.22 6.13
N GLY B 546 -10.80 10.18 5.47
CA GLY B 546 -11.01 10.45 4.06
C GLY B 546 -9.90 9.92 3.20
N ALA B 547 -9.73 10.54 2.04
CA ALA B 547 -8.76 10.12 1.03
C ALA B 547 -8.51 11.28 0.08
N VAL B 548 -7.31 11.32 -0.50
CA VAL B 548 -7.02 12.38 -1.45
C VAL B 548 -7.89 12.21 -2.70
N ALA B 549 -8.06 13.31 -3.43
CA ALA B 549 -8.99 13.36 -4.55
C ALA B 549 -8.76 12.23 -5.55
N SER B 550 -7.50 11.99 -5.93
CA SER B 550 -7.23 10.96 -6.93
C SER B 550 -7.58 9.58 -6.41
N SER B 551 -7.46 9.35 -5.11
CA SER B 551 -7.76 8.04 -4.54
C SER B 551 -9.26 7.79 -4.49
N ALA B 552 -10.02 8.78 -4.00
CA ALA B 552 -11.47 8.63 -3.91
C ALA B 552 -12.11 8.50 -5.28
N TRP B 553 -11.52 9.09 -6.31
CA TRP B 553 -12.08 8.94 -7.64
C TRP B 553 -11.63 7.63 -8.29
N TYR B 554 -10.36 7.27 -8.13
CA TYR B 554 -9.86 6.00 -8.66
C TYR B 554 -10.70 4.83 -8.18
N ASP B 555 -11.11 4.85 -6.90
CA ASP B 555 -11.89 3.73 -6.38
C ASP B 555 -13.30 3.72 -6.95
N VAL B 556 -13.82 4.87 -7.36
CA VAL B 556 -15.18 4.94 -7.90
C VAL B 556 -15.21 4.66 -9.39
N VAL B 557 -14.28 5.23 -10.16
CA VAL B 557 -14.37 5.13 -11.62
C VAL B 557 -14.20 3.69 -12.09
N GLN B 558 -13.47 2.86 -11.33
CA GLN B 558 -13.21 1.48 -11.72
C GLN B 558 -14.42 0.56 -11.56
N ARG B 559 -15.40 0.94 -10.73
CA ARG B 559 -16.46 0.03 -10.29
C ARG B 559 -17.82 0.52 -10.78
N ASP B 560 -18.38 -0.20 -11.76
CA ASP B 560 -19.70 0.17 -12.26
C ASP B 560 -20.78 0.05 -11.19
N PHE B 561 -20.55 -0.74 -10.14
CA PHE B 561 -21.57 -0.91 -9.12
C PHE B 561 -21.60 0.24 -8.12
N VAL B 562 -20.60 1.09 -8.11
CA VAL B 562 -20.62 2.32 -7.31
C VAL B 562 -21.15 3.42 -8.22
N ALA B 563 -22.44 3.73 -8.09
CA ALA B 563 -23.14 4.54 -9.10
C ALA B 563 -22.50 5.92 -9.25
N GLY B 564 -21.85 6.41 -8.21
CA GLY B 564 -21.15 7.68 -8.32
C GLY B 564 -20.55 8.08 -7.01
N THR B 565 -20.23 9.37 -6.90
CA THR B 565 -19.47 9.92 -5.79
C THR B 565 -19.99 11.31 -5.49
N TYR B 566 -19.97 11.67 -4.21
CA TYR B 566 -20.35 13.02 -3.78
C TYR B 566 -19.20 13.58 -2.94
N VAL B 567 -18.26 14.22 -3.63
CA VAL B 567 -17.01 14.68 -3.02
C VAL B 567 -17.30 15.74 -1.97
N TRP B 568 -16.71 15.58 -0.80
CA TRP B 568 -16.76 16.59 0.26
C TRP B 568 -15.54 17.51 0.15
N THR B 569 -15.69 18.77 -0.29
CA THR B 569 -16.91 19.41 -0.79
C THR B 569 -16.63 20.11 -2.12
N GLY B 570 -17.68 20.55 -2.79
CA GLY B 570 -17.49 21.29 -4.03
C GLY B 570 -16.93 22.68 -3.76
N PHE B 571 -17.50 23.37 -2.78
CA PHE B 571 -17.06 24.69 -2.35
C PHE B 571 -16.69 24.64 -0.88
N ASP B 572 -15.69 25.42 -0.49
CA ASP B 572 -15.47 25.67 0.92
C ASP B 572 -16.70 26.36 1.51
N TYR B 573 -16.89 26.17 2.80
CA TYR B 573 -18.04 26.70 3.52
C TYR B 573 -17.54 27.24 4.85
N LEU B 574 -18.33 28.12 5.46
CA LEU B 574 -17.95 28.68 6.74
C LEU B 574 -18.08 27.62 7.83
N GLY B 575 -17.19 27.70 8.82
CA GLY B 575 -17.13 26.69 9.87
C GLY B 575 -16.24 25.51 9.53
N GLU B 576 -16.41 24.43 10.32
CA GLU B 576 -15.66 23.18 10.34
C GLU B 576 -14.26 23.32 9.74
N PRO B 577 -13.38 24.08 10.38
CA PRO B 577 -12.06 24.36 9.78
C PRO B 577 -11.02 23.29 10.05
N THR B 578 -11.45 22.02 10.08
CA THR B 578 -10.55 20.88 10.13
C THR B 578 -9.36 21.09 9.18
N PRO B 579 -8.12 20.89 9.66
CA PRO B 579 -7.68 20.29 10.94
C PRO B 579 -7.59 21.23 12.13
N TRP B 580 -8.18 22.42 12.01
CA TRP B 580 -8.34 23.33 13.14
C TRP B 580 -9.78 23.35 13.67
N ASN B 581 -10.46 22.21 13.62
CA ASN B 581 -11.85 22.18 14.05
C ASN B 581 -11.93 22.21 15.57
N GLY B 582 -13.10 22.60 16.07
CA GLY B 582 -13.35 22.63 17.49
C GLY B 582 -14.84 22.56 17.74
N THR B 583 -15.28 21.46 18.33
CA THR B 583 -16.70 21.30 18.63
C THR B 583 -17.10 21.96 19.95
N GLY B 584 -16.13 22.46 20.72
CA GLY B 584 -16.40 23.27 21.88
C GLY B 584 -15.95 24.71 21.66
N SER B 585 -15.83 25.44 22.78
CA SER B 585 -15.42 26.83 22.71
C SER B 585 -13.90 26.95 22.72
N GLY B 586 -13.42 28.16 22.40
CA GLY B 586 -12.00 28.43 22.47
C GLY B 586 -11.34 28.45 21.10
N ALA B 587 -10.34 29.32 20.95
CA ALA B 587 -9.57 29.37 19.73
C ALA B 587 -8.79 28.07 19.53
N VAL B 588 -8.73 27.60 18.28
CA VAL B 588 -7.95 26.43 17.92
C VAL B 588 -6.68 26.95 17.23
N GLY B 589 -5.55 26.82 17.93
CA GLY B 589 -4.33 27.47 17.50
C GLY B 589 -4.41 28.97 17.79
N SER B 590 -3.33 29.67 17.48
CA SER B 590 -3.26 31.09 17.78
C SER B 590 -4.34 31.87 17.03
N TRP B 591 -4.95 32.82 17.73
CA TRP B 591 -5.98 33.68 17.18
C TRP B 591 -5.32 34.75 16.30
N PRO B 592 -5.90 35.07 15.13
CA PRO B 592 -7.13 34.57 14.53
C PRO B 592 -7.03 33.13 14.03
N SER B 593 -7.97 32.32 14.41
CA SER B 593 -8.01 30.92 14.06
C SER B 593 -8.75 30.71 12.74
N PRO B 594 -8.40 29.66 12.00
CA PRO B 594 -9.14 29.32 10.79
C PRO B 594 -10.62 29.19 11.10
N LYS B 595 -11.44 29.86 10.30
CA LYS B 595 -12.89 29.89 10.54
C LYS B 595 -13.72 29.36 9.38
N ASN B 596 -13.13 28.99 8.24
CA ASN B 596 -13.88 28.27 7.22
C ASN B 596 -13.13 27.00 6.81
N SER B 597 -13.80 26.20 5.99
CA SER B 597 -13.32 24.86 5.70
C SER B 597 -12.12 24.89 4.75
N TYR B 598 -11.45 23.74 4.66
CA TYR B 598 -10.42 23.50 3.66
C TYR B 598 -10.81 22.36 2.72
N PHE B 599 -12.03 21.81 2.85
CA PHE B 599 -12.46 20.65 2.08
C PHE B 599 -12.79 20.98 0.63
N GLY B 600 -13.07 22.24 0.32
CA GLY B 600 -13.65 22.57 -0.97
C GLY B 600 -12.64 22.47 -2.10
N ILE B 601 -13.10 21.90 -3.21
CA ILE B 601 -12.34 21.99 -4.46
C ILE B 601 -12.20 23.44 -4.89
N VAL B 602 -13.23 24.24 -4.62
CA VAL B 602 -13.25 25.68 -4.87
C VAL B 602 -13.29 26.39 -3.53
N ASP B 603 -12.63 27.55 -3.44
CA ASP B 603 -12.68 28.27 -2.17
C ASP B 603 -13.99 29.04 -2.06
N THR B 604 -14.20 29.71 -0.93
CA THR B 604 -15.48 30.38 -0.67
C THR B 604 -15.77 31.48 -1.67
N ALA B 605 -14.73 32.07 -2.26
CA ALA B 605 -14.86 33.18 -3.19
C ALA B 605 -15.13 32.72 -4.63
N GLY B 606 -15.23 31.43 -4.87
CA GLY B 606 -15.39 30.95 -6.22
C GLY B 606 -14.09 30.72 -6.97
N PHE B 607 -12.95 30.82 -6.30
CA PHE B 607 -11.66 30.64 -6.95
C PHE B 607 -11.23 29.18 -6.84
N PRO B 608 -11.04 28.48 -7.95
CA PRO B 608 -10.70 27.05 -7.87
C PRO B 608 -9.31 26.83 -7.28
N LYS B 609 -9.18 25.75 -6.50
CA LYS B 609 -7.87 25.24 -6.12
C LYS B 609 -7.33 24.35 -7.24
N ASP B 610 -6.05 23.99 -7.16
CA ASP B 610 -5.42 23.24 -8.24
C ASP B 610 -6.13 21.94 -8.54
N THR B 611 -6.65 21.26 -7.50
CA THR B 611 -7.31 19.98 -7.72
C THR B 611 -8.57 20.12 -8.57
N TYR B 612 -9.09 21.34 -8.72
CA TYR B 612 -10.22 21.56 -9.63
C TYR B 612 -9.93 21.03 -11.03
N TYR B 613 -8.70 21.22 -11.50
CA TYR B 613 -8.36 20.78 -12.84
C TYR B 613 -8.06 19.31 -12.93
N PHE B 614 -7.68 18.66 -11.82
CA PHE B 614 -7.69 17.21 -11.82
C PHE B 614 -9.12 16.68 -12.03
N TYR B 615 -10.07 17.20 -11.25
CA TYR B 615 -11.46 16.76 -11.44
C TYR B 615 -11.95 17.09 -12.83
N GLN B 616 -11.64 18.28 -13.33
CA GLN B 616 -12.05 18.64 -14.68
C GLN B 616 -11.48 17.67 -15.70
N SER B 617 -10.22 17.26 -15.52
CA SER B 617 -9.59 16.31 -16.43
C SER B 617 -10.28 14.95 -16.36
N GLN B 618 -10.91 14.63 -15.23
CA GLN B 618 -11.58 13.35 -15.02
C GLN B 618 -13.04 13.37 -15.44
N TRP B 619 -13.71 14.51 -15.34
CA TRP B 619 -15.16 14.55 -15.35
C TRP B 619 -15.75 15.28 -16.54
N ASN B 620 -15.12 16.34 -17.03
CA ASN B 620 -15.72 17.18 -18.07
C ASN B 620 -15.33 16.65 -19.45
N ASP B 621 -16.26 15.97 -20.12
CA ASP B 621 -16.03 15.45 -21.45
C ASP B 621 -16.29 16.46 -22.54
N ASP B 622 -16.67 17.69 -22.20
CA ASP B 622 -16.94 18.74 -23.18
C ASP B 622 -15.85 19.79 -23.23
N VAL B 623 -14.75 19.60 -22.50
CA VAL B 623 -13.63 20.54 -22.50
C VAL B 623 -12.35 19.74 -22.35
N HIS B 624 -11.23 20.32 -22.76
CA HIS B 624 -9.94 19.70 -22.53
C HIS B 624 -9.22 20.42 -21.40
N THR B 625 -8.37 19.68 -20.69
CA THR B 625 -7.67 20.20 -19.53
C THR B 625 -6.17 19.99 -19.69
N LEU B 626 -5.39 21.01 -19.33
CA LEU B 626 -3.93 20.90 -19.29
C LEU B 626 -3.45 21.90 -18.25
N HIS B 627 -3.10 21.41 -17.06
CA HIS B 627 -2.84 22.29 -15.92
C HIS B 627 -1.57 21.86 -15.19
N ILE B 628 -0.71 22.82 -14.91
CA ILE B 628 0.56 22.58 -14.22
C ILE B 628 0.49 23.25 -12.85
N LEU B 629 0.93 22.53 -11.82
CA LEU B 629 1.31 23.15 -10.57
C LEU B 629 2.72 22.66 -10.28
N PRO B 630 3.53 23.43 -9.52
CA PRO B 630 3.25 24.67 -8.79
C PRO B 630 3.48 25.94 -9.60
N ALA B 631 3.12 27.08 -9.03
CA ALA B 631 3.65 28.34 -9.54
C ALA B 631 5.17 28.35 -9.41
N TRP B 632 5.83 28.99 -10.37
CA TRP B 632 7.27 28.80 -10.54
C TRP B 632 8.06 30.01 -10.06
N ASN B 633 7.83 30.46 -8.83
CA ASN B 633 8.66 31.44 -8.16
C ASN B 633 9.45 30.74 -7.07
N GLU B 634 10.73 31.13 -6.90
CA GLU B 634 11.60 30.42 -5.97
C GLU B 634 11.06 30.43 -4.55
N ASN B 635 10.48 31.55 -4.13
CA ASN B 635 10.06 31.68 -2.74
C ASN B 635 8.73 31.00 -2.45
N VAL B 636 8.12 30.30 -3.41
CA VAL B 636 6.89 29.55 -3.14
C VAL B 636 7.02 28.06 -3.39
N VAL B 637 8.08 27.61 -4.07
CA VAL B 637 8.17 26.20 -4.41
C VAL B 637 8.74 25.40 -3.23
N ALA B 638 8.58 24.08 -3.30
CA ALA B 638 9.14 23.16 -2.33
C ALA B 638 10.36 22.48 -2.94
N LYS B 639 11.52 22.67 -2.32
CA LYS B 639 12.75 22.02 -2.77
C LYS B 639 12.96 20.75 -1.94
N GLY B 640 12.76 19.60 -2.58
CA GLY B 640 12.97 18.32 -1.94
C GLY B 640 14.36 17.76 -2.18
N SER B 641 14.46 16.45 -2.39
CA SER B 641 15.75 15.82 -2.63
C SER B 641 16.38 16.35 -3.91
N GLY B 642 17.69 16.57 -3.87
CA GLY B 642 18.42 17.08 -5.01
C GLY B 642 18.01 18.47 -5.43
N ASN B 643 17.33 19.22 -4.56
CA ASN B 643 16.77 20.52 -4.90
C ASN B 643 15.86 20.47 -6.12
N ASN B 644 15.16 19.35 -6.27
CA ASN B 644 14.15 19.23 -7.31
C ASN B 644 12.79 19.65 -6.77
N VAL B 645 11.96 20.20 -7.64
CA VAL B 645 10.61 20.62 -7.31
C VAL B 645 9.65 19.63 -7.96
N PRO B 646 8.70 19.06 -7.21
CA PRO B 646 7.71 18.16 -7.82
C PRO B 646 6.71 18.95 -8.66
N VAL B 647 6.64 18.61 -9.94
CA VAL B 647 5.76 19.28 -10.89
C VAL B 647 4.66 18.31 -11.28
N VAL B 648 3.41 18.75 -11.16
CA VAL B 648 2.24 17.91 -11.41
C VAL B 648 1.47 18.45 -12.59
N VAL B 649 1.04 17.56 -13.48
CA VAL B 649 0.23 17.93 -14.63
C VAL B 649 -1.10 17.21 -14.52
N TYR B 650 -2.20 17.97 -14.53
CA TYR B 650 -3.54 17.42 -14.68
C TYR B 650 -3.98 17.64 -16.12
N THR B 651 -4.39 16.56 -16.79
CA THR B 651 -4.78 16.65 -18.18
C THR B 651 -5.68 15.47 -18.54
N ASP B 652 -6.57 15.69 -19.50
CA ASP B 652 -7.31 14.61 -20.13
C ASP B 652 -6.67 14.16 -21.43
N ALA B 653 -5.51 14.70 -21.77
CA ALA B 653 -4.83 14.30 -23.00
C ALA B 653 -4.25 12.89 -22.87
N ALA B 654 -4.02 12.26 -24.02
CA ALA B 654 -3.43 10.93 -24.02
C ALA B 654 -1.92 10.97 -23.73
N LYS B 655 -1.27 12.08 -24.07
CA LYS B 655 0.18 12.18 -23.95
C LYS B 655 0.55 13.63 -23.66
N VAL B 656 1.57 13.82 -22.83
CA VAL B 656 2.06 15.14 -22.49
C VAL B 656 3.56 15.18 -22.74
N LYS B 657 4.02 16.25 -23.39
CA LYS B 657 5.44 16.58 -23.45
C LYS B 657 5.68 17.79 -22.57
N LEU B 658 6.64 17.68 -21.66
CA LEU B 658 6.99 18.78 -20.77
C LEU B 658 8.27 19.46 -21.24
N TYR B 659 8.30 20.79 -21.15
CA TYR B 659 9.43 21.57 -21.64
C TYR B 659 9.88 22.55 -20.58
N PHE B 660 11.14 22.99 -20.70
CA PHE B 660 11.66 24.06 -19.87
C PHE B 660 12.35 25.11 -20.73
N THR B 661 12.05 26.37 -20.46
CA THR B 661 12.72 27.49 -21.12
C THR B 661 13.41 28.34 -20.07
N PRO B 662 14.75 28.34 -19.99
CA PRO B 662 15.43 29.19 -19.02
C PRO B 662 15.16 30.66 -19.29
N LYS B 663 15.19 31.47 -18.23
CA LYS B 663 14.88 32.88 -18.37
C LYS B 663 15.81 33.55 -19.37
N GLY B 664 15.25 34.45 -20.17
CA GLY B 664 16.00 35.15 -21.20
C GLY B 664 16.18 34.39 -22.50
N SER B 665 15.67 33.17 -22.59
CA SER B 665 15.75 32.37 -23.80
C SER B 665 14.36 32.20 -24.41
N THR B 666 14.33 32.03 -25.73
CA THR B 666 13.08 31.75 -26.44
C THR B 666 13.00 30.31 -26.93
N GLU B 667 13.97 29.47 -26.56
CA GLU B 667 14.05 28.10 -27.06
C GLU B 667 13.75 27.14 -25.91
N LYS B 668 12.72 26.33 -26.09
CA LYS B 668 12.31 25.40 -25.05
C LYS B 668 13.00 24.06 -25.24
N ARG B 669 13.29 23.41 -24.13
CA ARG B 669 14.02 22.15 -24.09
C ARG B 669 13.11 21.04 -23.57
N LEU B 670 13.05 19.93 -24.32
CA LEU B 670 12.24 18.79 -23.90
C LEU B 670 12.84 18.16 -22.65
N ILE B 671 12.01 18.02 -21.61
CA ILE B 671 12.47 17.43 -20.35
C ILE B 671 11.70 16.18 -19.97
N GLY B 672 10.61 15.84 -20.64
CA GLY B 672 9.87 14.64 -20.29
C GLY B 672 8.72 14.40 -21.25
N GLU B 673 8.28 13.15 -21.29
CA GLU B 673 7.20 12.72 -22.17
C GLU B 673 6.55 11.50 -21.54
N LYS B 674 5.24 11.57 -21.28
CA LYS B 674 4.53 10.48 -20.64
C LYS B 674 3.19 10.27 -21.31
N SER B 675 2.80 9.01 -21.48
CA SER B 675 1.56 8.65 -22.17
C SER B 675 0.66 7.87 -21.21
N PHE B 676 -0.62 8.25 -21.20
CA PHE B 676 -1.62 7.56 -20.41
C PHE B 676 -2.09 6.29 -21.12
N THR B 677 -2.53 5.32 -20.33
CA THR B 677 -3.22 4.13 -20.82
C THR B 677 -4.70 4.28 -20.55
N LYS B 678 -5.52 3.96 -21.54
CA LYS B 678 -6.97 4.11 -21.40
C LYS B 678 -7.59 2.78 -20.97
N LYS B 679 -8.40 2.83 -19.91
CA LYS B 679 -9.10 1.67 -19.37
C LYS B 679 -10.59 1.78 -19.66
N THR B 680 -11.26 0.64 -19.81
CA THR B 680 -12.69 0.59 -20.11
C THR B 680 -13.37 -0.40 -19.18
N THR B 681 -14.42 0.05 -18.50
CA THR B 681 -15.16 -0.84 -17.62
C THR B 681 -16.17 -1.64 -18.44
N ALA B 682 -16.78 -2.64 -17.79
CA ALA B 682 -17.74 -3.49 -18.49
C ALA B 682 -18.91 -2.66 -19.00
N ALA B 683 -19.34 -1.67 -18.22
CA ALA B 683 -20.44 -0.81 -18.63
C ALA B 683 -20.04 0.19 -19.70
N GLY B 684 -18.75 0.32 -20.02
CA GLY B 684 -18.30 1.21 -21.06
C GLY B 684 -17.68 2.51 -20.59
N TYR B 685 -17.64 2.76 -19.28
CA TYR B 685 -16.94 3.94 -18.79
C TYR B 685 -15.44 3.80 -19.06
N THR B 686 -14.79 4.93 -19.33
CA THR B 686 -13.38 4.94 -19.61
C THR B 686 -12.67 5.94 -18.71
N TYR B 687 -11.39 5.70 -18.47
CA TYR B 687 -10.56 6.57 -17.65
C TYR B 687 -9.11 6.29 -18.01
N GLN B 688 -8.21 7.18 -17.56
CA GLN B 688 -6.80 7.11 -17.91
C GLN B 688 -5.91 6.97 -16.69
N VAL B 689 -4.91 6.10 -16.80
CA VAL B 689 -3.90 5.91 -15.78
C VAL B 689 -2.53 5.81 -16.46
N TYR B 690 -1.51 6.34 -15.78
CA TYR B 690 -0.15 6.23 -16.27
C TYR B 690 0.45 4.89 -15.84
N GLU B 691 1.06 4.18 -16.79
CA GLU B 691 1.63 2.88 -16.50
C GLU B 691 3.08 2.77 -16.97
N GLY B 692 3.77 3.89 -17.10
CA GLY B 692 5.16 3.85 -17.51
C GLY B 692 6.08 3.27 -16.45
N SER B 693 7.34 3.10 -16.84
CA SER B 693 8.31 2.45 -15.95
C SER B 693 8.54 3.26 -14.67
N ASP B 694 8.45 4.58 -14.75
CA ASP B 694 8.62 5.45 -13.59
C ASP B 694 7.28 5.85 -12.95
N LYS B 695 6.24 5.04 -13.15
CA LYS B 695 4.95 5.36 -12.54
C LYS B 695 5.06 5.34 -11.02
N ASP B 696 4.10 5.97 -10.37
CA ASP B 696 4.06 5.95 -8.92
C ASP B 696 3.70 4.54 -8.44
N SER B 697 4.28 4.15 -7.30
CA SER B 697 3.93 2.85 -6.72
C SER B 697 2.54 2.85 -6.12
N THR B 698 1.99 4.02 -5.80
CA THR B 698 0.61 4.13 -5.35
C THR B 698 -0.27 4.33 -6.59
N ALA B 699 -1.13 3.35 -6.86
CA ALA B 699 -1.82 3.28 -8.15
C ALA B 699 -2.62 4.55 -8.45
N HIS B 700 -3.40 5.02 -7.47
CA HIS B 700 -4.30 6.13 -7.75
C HIS B 700 -3.57 7.42 -8.10
N LYS B 701 -2.33 7.57 -7.65
CA LYS B 701 -1.56 8.76 -8.02
C LYS B 701 -1.24 8.80 -9.51
N ASN B 702 -1.39 7.68 -10.21
CA ASN B 702 -1.12 7.63 -11.64
C ASN B 702 -2.30 8.08 -12.49
N MET B 703 -3.36 8.58 -11.87
CA MET B 703 -4.35 9.31 -12.64
C MET B 703 -3.85 10.70 -13.04
N TYR B 704 -2.66 11.09 -12.60
CA TYR B 704 -2.03 12.31 -13.09
C TYR B 704 -0.55 12.02 -13.31
N LEU B 705 0.18 13.05 -13.74
CA LEU B 705 1.59 12.94 -14.08
C LEU B 705 2.41 13.84 -13.16
N THR B 706 3.59 13.34 -12.78
CA THR B 706 4.50 14.09 -11.93
C THR B 706 5.91 14.00 -12.50
N TRP B 707 6.59 15.15 -12.59
CA TRP B 707 8.02 15.22 -12.88
C TRP B 707 8.73 15.88 -11.70
N ASN B 708 10.02 15.60 -11.58
CA ASN B 708 10.85 16.29 -10.59
C ASN B 708 11.83 17.17 -11.36
N VAL B 709 11.65 18.47 -11.24
CA VAL B 709 12.35 19.45 -12.06
C VAL B 709 13.26 20.28 -11.15
N PRO B 710 14.54 20.45 -11.48
CA PRO B 710 15.39 21.33 -10.68
C PRO B 710 14.92 22.77 -10.80
N TRP B 711 15.00 23.49 -9.67
CA TRP B 711 14.58 24.88 -9.69
C TRP B 711 15.55 25.72 -10.51
N ALA B 712 15.00 26.54 -11.41
CA ALA B 712 15.77 27.60 -12.06
C ALA B 712 14.76 28.56 -12.67
N GLU B 713 15.10 29.85 -12.65
CA GLU B 713 14.21 30.87 -13.20
C GLU B 713 13.89 30.57 -14.67
N GLY B 714 12.62 30.64 -15.01
CA GLY B 714 12.21 30.39 -16.38
C GLY B 714 10.76 29.96 -16.46
N THR B 715 10.47 29.10 -17.43
CA THR B 715 9.11 28.74 -17.79
C THR B 715 9.03 27.23 -18.00
N ILE B 716 8.16 26.58 -17.24
CA ILE B 716 7.76 25.20 -17.50
C ILE B 716 6.50 25.23 -18.35
N SER B 717 6.52 24.55 -19.49
CA SER B 717 5.35 24.52 -20.36
C SER B 717 5.06 23.07 -20.76
N ALA B 718 3.80 22.83 -21.11
CA ALA B 718 3.32 21.49 -21.45
C ALA B 718 2.58 21.52 -22.78
N GLU B 719 2.75 20.45 -23.56
CA GLU B 719 2.02 20.23 -24.81
C GLU B 719 1.17 18.98 -24.67
N ALA B 720 -0.08 19.06 -25.14
CA ALA B 720 -1.00 17.92 -25.10
C ALA B 720 -1.06 17.23 -26.45
N TYR B 721 -1.02 15.90 -26.43
CA TYR B 721 -1.06 15.07 -27.61
C TYR B 721 -2.16 14.03 -27.48
N ASP B 722 -2.72 13.62 -28.61
CA ASP B 722 -3.83 12.68 -28.61
C ASP B 722 -3.31 11.25 -28.77
N GLU B 723 -4.23 10.31 -28.98
CA GLU B 723 -3.89 8.90 -29.11
C GLU B 723 -3.07 8.60 -30.36
N ASN B 724 -3.09 9.50 -31.34
CA ASN B 724 -2.34 9.34 -32.59
C ASN B 724 -1.00 10.07 -32.57
N ASN B 725 -0.52 10.45 -31.38
CA ASN B 725 0.76 11.16 -31.22
C ASN B 725 0.76 12.49 -31.96
N ARG B 726 -0.42 13.10 -32.13
CA ARG B 726 -0.55 14.40 -32.78
C ARG B 726 -0.93 15.46 -31.77
N LEU B 727 -0.42 16.67 -32.02
CA LEU B 727 -0.68 17.80 -31.13
C LEU B 727 -2.18 18.08 -31.06
N ILE B 728 -2.65 18.31 -29.84
CA ILE B 728 -4.05 18.67 -29.62
C ILE B 728 -4.16 20.17 -29.84
N PRO B 729 -5.03 20.63 -30.74
CA PRO B 729 -5.14 22.07 -30.98
C PRO B 729 -5.54 22.81 -29.72
N GLU B 730 -5.04 24.04 -29.59
CA GLU B 730 -5.22 24.82 -28.37
C GLU B 730 -6.69 24.94 -28.01
N GLY B 731 -7.50 25.46 -28.93
CA GLY B 731 -8.94 25.48 -28.76
C GLY B 731 -9.37 26.21 -27.51
N SER B 732 -10.10 25.52 -26.65
CA SER B 732 -10.56 26.08 -25.38
C SER B 732 -10.04 25.26 -24.20
N THR B 733 -8.84 24.70 -24.34
CA THR B 733 -8.22 23.95 -23.25
C THR B 733 -8.04 24.83 -22.02
N GLU B 734 -8.36 24.28 -20.86
CA GLU B 734 -8.38 25.05 -19.62
C GLU B 734 -7.29 24.56 -18.66
N GLY B 735 -6.91 25.46 -17.75
CA GLY B 735 -5.81 25.23 -16.84
C GLY B 735 -4.58 26.01 -17.25
N ASN B 736 -3.56 25.95 -16.40
CA ASN B 736 -2.28 26.61 -16.65
C ASN B 736 -1.40 25.67 -17.46
N ALA B 737 -1.32 25.90 -18.77
CA ALA B 737 -0.44 25.11 -19.63
C ALA B 737 1.03 25.51 -19.52
N SER B 738 1.33 26.59 -18.82
CA SER B 738 2.71 26.95 -18.52
C SER B 738 2.73 27.70 -17.20
N VAL B 739 3.87 27.61 -16.51
CA VAL B 739 4.12 28.36 -15.29
C VAL B 739 5.47 29.05 -15.44
N THR B 740 5.58 30.27 -14.93
CA THR B 740 6.79 31.04 -15.19
C THR B 740 7.08 31.98 -14.03
N THR B 741 8.37 32.22 -13.81
CA THR B 741 8.83 33.10 -12.75
C THR B 741 8.37 34.52 -13.03
N THR B 742 7.65 35.12 -12.07
CA THR B 742 7.09 36.45 -12.25
C THR B 742 8.06 37.50 -11.73
N GLY B 743 7.76 38.75 -12.08
CA GLY B 743 8.35 39.90 -11.41
C GLY B 743 7.58 40.22 -10.15
N LYS B 744 7.82 41.42 -9.63
CA LYS B 744 7.11 41.87 -8.45
C LYS B 744 5.74 42.43 -8.83
N ALA B 745 4.87 42.54 -7.83
CA ALA B 745 3.53 43.08 -8.03
C ALA B 745 3.61 44.48 -8.63
N ALA B 746 2.82 44.72 -9.67
CA ALA B 746 2.88 45.99 -10.37
C ALA B 746 1.50 46.62 -10.52
N LYS B 747 0.47 45.80 -10.70
CA LYS B 747 -0.84 46.32 -11.04
C LYS B 747 -1.90 45.31 -10.64
N LEU B 748 -3.13 45.79 -10.56
CA LEU B 748 -4.32 44.97 -10.35
C LEU B 748 -5.03 44.75 -11.68
N LYS B 749 -5.69 43.60 -11.81
CA LYS B 749 -6.55 43.32 -12.95
C LYS B 749 -7.91 42.87 -12.41
N ALA B 750 -8.92 43.72 -12.58
CA ALA B 750 -10.28 43.45 -12.13
C ALA B 750 -11.17 43.09 -13.31
N ASP B 751 -12.07 42.13 -13.09
CA ASP B 751 -12.99 41.72 -14.14
CA ASP B 751 -12.99 41.70 -14.14
C ASP B 751 -14.31 41.31 -13.51
N ALA B 752 -15.40 41.94 -13.99
CA ALA B 752 -16.74 41.58 -13.55
C ALA B 752 -17.21 40.37 -14.36
N ASP B 753 -17.75 39.35 -13.68
CA ASP B 753 -18.17 38.15 -14.40
C ASP B 753 -19.32 38.45 -15.35
N ARG B 754 -20.23 39.33 -14.95
CA ARG B 754 -21.31 39.79 -15.83
C ARG B 754 -21.29 41.30 -15.87
N LYS B 755 -21.23 41.86 -17.09
CA LYS B 755 -21.13 43.30 -17.27
C LYS B 755 -22.47 44.01 -17.21
N THR B 756 -23.58 43.27 -17.19
CA THR B 756 -24.90 43.85 -17.03
C THR B 756 -25.72 42.96 -16.12
N ILE B 757 -26.44 43.57 -15.19
CA ILE B 757 -27.22 42.84 -14.19
C ILE B 757 -28.58 43.51 -14.04
N THR B 758 -29.50 42.81 -13.38
CA THR B 758 -30.85 43.31 -13.21
C THR B 758 -30.92 44.30 -12.04
N ALA B 759 -31.62 45.41 -12.25
CA ALA B 759 -31.77 46.44 -11.23
C ALA B 759 -32.98 46.11 -10.34
N ASP B 760 -32.82 45.02 -9.58
CA ASP B 760 -33.88 44.57 -8.68
C ASP B 760 -33.45 44.55 -7.22
N GLY B 761 -32.24 45.00 -6.89
CA GLY B 761 -31.77 44.87 -5.53
C GLY B 761 -31.47 43.45 -5.11
N LYS B 762 -31.36 42.54 -6.08
CA LYS B 762 -31.02 41.15 -5.84
C LYS B 762 -29.81 40.70 -6.64
N ASP B 763 -29.79 41.01 -7.93
CA ASP B 763 -28.77 40.50 -8.83
C ASP B 763 -27.38 40.96 -8.39
N LEU B 764 -26.39 40.13 -8.66
CA LEU B 764 -25.02 40.34 -8.22
C LEU B 764 -24.09 40.35 -9.41
N SER B 765 -22.96 41.06 -9.24
CA SER B 765 -21.83 40.96 -10.15
C SER B 765 -20.60 40.61 -9.34
N TYR B 766 -19.89 39.56 -9.76
CA TYR B 766 -18.70 39.08 -9.07
C TYR B 766 -17.47 39.62 -9.77
N ILE B 767 -16.61 40.31 -9.00
CA ILE B 767 -15.46 41.01 -9.55
C ILE B 767 -14.20 40.35 -8.98
N GLU B 768 -13.54 39.53 -9.79
CA GLU B 768 -12.24 38.96 -9.41
C GLU B 768 -11.13 39.97 -9.70
N VAL B 769 -10.23 40.13 -8.74
CA VAL B 769 -9.08 41.01 -8.89
C VAL B 769 -7.82 40.18 -8.70
N ASP B 770 -6.95 40.19 -9.71
CA ASP B 770 -5.65 39.53 -9.64
C ASP B 770 -4.56 40.57 -9.37
N VAL B 771 -3.60 40.20 -8.53
CA VAL B 771 -2.37 40.96 -8.37
C VAL B 771 -1.35 40.36 -9.34
N THR B 772 -0.89 41.16 -10.30
CA THR B 772 -0.01 40.66 -11.35
C THR B 772 1.25 41.52 -11.43
N ASP B 773 2.27 40.98 -12.12
CA ASP B 773 3.47 41.76 -12.37
C ASP B 773 3.22 42.67 -13.58
N ALA B 774 4.28 43.31 -14.07
CA ALA B 774 4.12 44.24 -15.18
C ALA B 774 3.74 43.55 -16.48
N ASN B 775 3.93 42.24 -16.58
CA ASN B 775 3.61 41.50 -17.80
C ASN B 775 2.39 40.60 -17.64
N GLY B 776 1.58 40.84 -16.61
CA GLY B 776 0.30 40.18 -16.47
C GLY B 776 0.32 38.84 -15.76
N HIS B 777 1.47 38.41 -15.24
CA HIS B 777 1.55 37.16 -14.51
C HIS B 777 1.11 37.38 -13.07
N ILE B 778 0.17 36.54 -12.60
CA ILE B 778 -0.27 36.63 -11.20
C ILE B 778 0.91 36.35 -10.29
N VAL B 779 1.13 37.23 -9.32
CA VAL B 779 2.15 37.02 -8.29
C VAL B 779 1.58 35.99 -7.34
N PRO B 780 2.16 34.78 -7.28
CA PRO B 780 1.44 33.65 -6.67
C PRO B 780 1.19 33.81 -5.18
N ASP B 781 2.04 34.54 -4.46
CA ASP B 781 1.91 34.69 -3.01
C ASP B 781 1.49 36.09 -2.61
N ALA B 782 1.05 36.91 -3.57
CA ALA B 782 0.68 38.29 -3.28
C ALA B 782 -0.47 38.36 -2.28
N ALA B 783 -0.31 39.20 -1.25
CA ALA B 783 -1.34 39.42 -0.24
C ALA B 783 -1.66 40.89 -0.07
N ASN B 784 -1.45 41.68 -1.11
CA ASN B 784 -1.68 43.12 -1.02
C ASN B 784 -3.12 43.42 -0.64
N ARG B 785 -3.29 44.42 0.23
CA ARG B 785 -4.63 44.85 0.64
C ARG B 785 -5.25 45.68 -0.48
N VAL B 786 -6.40 45.22 -0.98
CA VAL B 786 -7.10 45.87 -2.07
C VAL B 786 -8.32 46.58 -1.51
N THR B 787 -8.48 47.85 -1.85
CA THR B 787 -9.67 48.60 -1.46
C THR B 787 -10.57 48.79 -2.67
N PHE B 788 -11.86 48.58 -2.47
CA PHE B 788 -12.86 48.69 -3.54
C PHE B 788 -13.68 49.94 -3.30
N ASP B 789 -13.71 50.81 -4.30
CA ASP B 789 -14.56 51.99 -4.31
C ASP B 789 -15.73 51.74 -5.27
N VAL B 790 -16.93 51.59 -4.71
CA VAL B 790 -18.13 51.30 -5.50
C VAL B 790 -18.94 52.58 -5.60
N LYS B 791 -19.24 53.01 -6.83
CA LYS B 791 -20.03 54.20 -7.06
C LYS B 791 -21.18 53.89 -8.02
N GLY B 792 -22.25 54.65 -7.91
CA GLY B 792 -23.36 54.49 -8.83
C GLY B 792 -24.48 53.60 -8.33
N ALA B 793 -25.18 52.96 -9.25
CA ALA B 793 -26.42 52.24 -8.95
C ALA B 793 -26.14 50.81 -8.45
N GLY B 794 -25.33 50.72 -7.41
CA GLY B 794 -25.03 49.44 -6.81
C GLY B 794 -24.35 49.62 -5.47
N LYS B 795 -24.20 48.51 -4.75
CA LYS B 795 -23.58 48.52 -3.43
C LYS B 795 -22.66 47.31 -3.28
N LEU B 796 -21.53 47.54 -2.61
CA LEU B 796 -20.68 46.42 -2.22
C LEU B 796 -21.36 45.62 -1.12
N VAL B 797 -21.52 44.32 -1.33
CA VAL B 797 -22.17 43.46 -0.35
C VAL B 797 -21.24 42.38 0.20
N GLY B 798 -20.06 42.20 -0.39
CA GLY B 798 -19.08 41.27 0.16
C GLY B 798 -17.70 41.43 -0.45
N VAL B 799 -16.68 41.13 0.35
CA VAL B 799 -15.30 40.99 -0.12
C VAL B 799 -14.78 39.67 0.42
N ASP B 800 -13.89 39.03 -0.34
CA ASP B 800 -13.52 37.68 0.03
C ASP B 800 -12.20 37.31 -0.64
N ASN B 801 -11.42 36.49 0.06
CA ASN B 801 -10.22 35.90 -0.50
C ASN B 801 -10.12 34.40 -0.27
N GLY B 802 -11.14 33.79 0.35
CA GLY B 802 -11.15 32.38 0.65
C GLY B 802 -10.21 31.93 1.76
N SER B 803 -9.43 32.82 2.35
CA SER B 803 -8.42 32.42 3.32
C SER B 803 -9.08 32.13 4.67
N SER B 804 -9.00 30.88 5.11
CA SER B 804 -9.67 30.45 6.34
C SER B 804 -9.34 31.29 7.57
N PRO B 805 -8.08 31.63 7.86
CA PRO B 805 -7.80 32.40 9.10
C PRO B 805 -7.98 33.89 8.98
N ASP B 806 -8.47 34.41 7.85
CA ASP B 806 -8.64 35.85 7.69
C ASP B 806 -9.96 36.25 8.35
N HIS B 807 -9.88 37.01 9.44
CA HIS B 807 -11.05 37.47 10.18
C HIS B 807 -11.49 38.87 9.78
N ASP B 808 -10.87 39.49 8.78
CA ASP B 808 -11.33 40.81 8.32
C ASP B 808 -12.79 40.73 7.90
N SER B 809 -13.51 41.82 8.10
CA SER B 809 -14.95 41.82 7.92
C SER B 809 -15.31 41.57 6.46
N TYR B 810 -16.24 40.63 6.25
CA TYR B 810 -16.80 40.44 4.91
C TYR B 810 -17.51 41.68 4.41
N GLN B 811 -17.85 42.61 5.30
CA GLN B 811 -18.57 43.83 4.93
C GLN B 811 -17.67 45.04 4.84
N ALA B 812 -16.36 44.90 5.03
CA ALA B 812 -15.47 46.02 4.80
C ALA B 812 -15.30 46.26 3.30
N ASP B 813 -14.78 47.45 2.95
CA ASP B 813 -14.51 47.76 1.55
C ASP B 813 -13.10 47.37 1.12
N ASN B 814 -12.40 46.58 1.94
CA ASN B 814 -11.02 46.23 1.63
C ASN B 814 -10.71 44.85 2.22
N ARG B 815 -9.74 44.17 1.61
CA ARG B 815 -9.31 42.87 2.08
C ARG B 815 -7.99 42.53 1.42
N LYS B 816 -7.13 41.81 2.14
CA LYS B 816 -5.90 41.34 1.55
C LYS B 816 -6.20 40.32 0.46
N ALA B 817 -5.46 40.40 -0.64
CA ALA B 817 -5.47 39.26 -1.54
C ALA B 817 -4.92 38.04 -0.80
N PHE B 818 -5.28 36.86 -1.28
CA PHE B 818 -4.65 35.64 -0.84
C PHE B 818 -4.23 34.85 -2.08
N SER B 819 -2.96 34.44 -2.10
CA SER B 819 -2.39 33.74 -3.25
C SER B 819 -2.73 34.47 -4.55
N GLY B 820 -2.59 35.79 -4.52
CA GLY B 820 -2.70 36.60 -5.71
C GLY B 820 -4.09 37.08 -6.10
N LYS B 821 -5.14 36.71 -5.35
CA LYS B 821 -6.50 36.98 -5.80
C LYS B 821 -7.36 37.50 -4.65
N VAL B 822 -8.32 38.38 -4.99
CA VAL B 822 -9.32 38.85 -4.05
C VAL B 822 -10.62 39.09 -4.84
N LEU B 823 -11.75 39.04 -4.12
CA LEU B 823 -13.08 39.11 -4.73
C LEU B 823 -13.90 40.24 -4.12
N ALA B 824 -14.64 40.93 -4.96
CA ALA B 824 -15.67 41.88 -4.52
C ALA B 824 -17.01 41.45 -5.12
N ILE B 825 -18.06 41.56 -4.31
CA ILE B 825 -19.42 41.24 -4.75
C ILE B 825 -20.25 42.51 -4.64
N VAL B 826 -20.79 42.97 -5.77
CA VAL B 826 -21.63 44.17 -5.80
C VAL B 826 -23.04 43.75 -6.15
N GLN B 827 -24.01 44.43 -5.55
CA GLN B 827 -25.42 44.17 -5.77
C GLN B 827 -26.07 45.41 -6.37
N SER B 828 -27.06 45.20 -7.23
CA SER B 828 -27.74 46.32 -7.83
C SER B 828 -28.67 46.99 -6.82
N THR B 829 -29.17 48.16 -7.21
CA THR B 829 -30.29 48.79 -6.53
C THR B 829 -31.56 48.44 -7.30
N LYS B 830 -32.67 49.06 -6.91
CA LYS B 830 -33.92 48.90 -7.64
C LYS B 830 -34.12 50.00 -8.66
N GLU B 831 -33.06 50.72 -9.01
CA GLU B 831 -33.06 51.78 -10.01
C GLU B 831 -32.00 51.47 -11.06
N ALA B 832 -32.41 51.45 -12.33
CA ALA B 832 -31.47 51.19 -13.42
C ALA B 832 -30.39 52.28 -13.47
N GLY B 833 -29.18 51.87 -13.83
CA GLY B 833 -28.08 52.81 -13.83
C GLY B 833 -26.77 52.13 -14.14
N GLU B 834 -25.69 52.70 -13.63
CA GLU B 834 -24.34 52.21 -13.87
C GLU B 834 -23.57 52.11 -12.57
N ILE B 835 -22.83 51.02 -12.41
CA ILE B 835 -21.94 50.79 -11.27
C ILE B 835 -20.51 50.92 -11.75
N THR B 836 -19.73 51.76 -11.08
CA THR B 836 -18.31 51.87 -11.32
C THR B 836 -17.57 51.36 -10.09
N VAL B 837 -16.68 50.39 -10.27
CA VAL B 837 -15.89 49.81 -9.20
C VAL B 837 -14.42 50.02 -9.53
N THR B 838 -13.70 50.66 -8.62
CA THR B 838 -12.26 50.87 -8.74
C THR B 838 -11.57 50.08 -7.64
N ALA B 839 -10.65 49.19 -8.02
CA ALA B 839 -9.83 48.45 -7.07
C ALA B 839 -8.45 49.11 -6.97
N LYS B 840 -8.02 49.39 -5.75
CA LYS B 840 -6.76 50.07 -5.48
C LYS B 840 -5.90 49.25 -4.54
N ALA B 841 -4.58 49.47 -4.62
CA ALA B 841 -3.61 48.88 -3.72
C ALA B 841 -2.37 49.76 -3.71
N ASP B 842 -1.77 49.95 -2.53
CA ASP B 842 -0.61 50.82 -2.41
C ASP B 842 0.51 50.40 -3.36
N GLY B 843 1.01 51.36 -4.12
CA GLY B 843 2.12 51.12 -5.01
C GLY B 843 1.79 50.42 -6.32
N LEU B 844 0.55 49.97 -6.51
CA LEU B 844 0.19 49.26 -7.72
C LEU B 844 -0.78 50.09 -8.55
N GLN B 845 -0.79 49.84 -9.86
CA GLN B 845 -1.77 50.46 -10.74
C GLN B 845 -3.16 49.92 -10.44
N SER B 846 -4.14 50.82 -10.37
CA SER B 846 -5.51 50.46 -10.07
C SER B 846 -6.20 49.85 -11.29
N SER B 847 -7.39 49.27 -11.04
CA SER B 847 -8.21 48.66 -12.09
C SER B 847 -9.66 49.02 -11.84
N THR B 848 -10.34 49.45 -12.91
CA THR B 848 -11.73 49.88 -12.83
C THR B 848 -12.58 49.02 -13.76
N VAL B 849 -13.76 48.62 -13.29
CA VAL B 849 -14.72 47.94 -14.14
C VAL B 849 -16.07 48.66 -14.06
N LYS B 850 -16.85 48.53 -15.12
CA LYS B 850 -18.17 49.14 -15.20
C LYS B 850 -19.22 48.06 -15.38
N ILE B 851 -20.35 48.22 -14.70
CA ILE B 851 -21.43 47.24 -14.70
C ILE B 851 -22.74 47.99 -14.91
N ALA B 852 -23.42 47.68 -16.01
CA ALA B 852 -24.74 48.24 -16.24
C ALA B 852 -25.79 47.49 -15.44
N THR B 853 -26.83 48.20 -15.03
CA THR B 853 -28.01 47.59 -14.43
C THR B 853 -29.22 47.96 -15.28
N THR B 854 -30.14 47.01 -15.44
CA THR B 854 -31.27 47.16 -16.34
C THR B 854 -32.57 46.99 -15.57
N ALA B 855 -33.55 47.83 -15.91
CA ALA B 855 -34.82 47.84 -15.20
C ALA B 855 -35.55 46.52 -15.35
N VAL B 856 -36.41 46.22 -14.38
CA VAL B 856 -37.27 45.04 -14.45
C VAL B 856 -38.43 45.33 -15.38
N PRO B 857 -38.66 44.50 -16.42
CA PRO B 857 -39.76 44.66 -17.37
C PRO B 857 -41.14 44.60 -16.69
C1 GAL C . 32.65 -34.44 13.25
C2 GAL C . 31.40 -33.61 13.61
C3 GAL C . 31.47 -32.20 12.98
C4 GAL C . 32.78 -31.54 13.38
C5 GAL C . 33.93 -32.44 12.93
C6 GAL C . 35.30 -31.95 13.28
O1 GAL C . 32.66 -35.69 13.86
O2 GAL C . 30.21 -34.20 13.12
O3 GAL C . 30.38 -31.37 13.39
O4 GAL C . 32.83 -31.35 14.80
O5 GAL C . 33.84 -33.75 13.54
O6 GAL C . 36.30 -32.80 12.73
CA CA D . 39.10 -31.78 -14.91
CA CA E . 30.68 -25.98 25.37
C1 GAL F . -18.22 13.55 7.18
C2 GAL F . -19.55 14.28 7.54
C3 GAL F . -19.57 15.70 6.96
C4 GAL F . -18.29 16.43 7.34
C5 GAL F . -17.11 15.64 6.82
C6 GAL F . -15.75 16.27 7.15
O1 GAL F . -18.09 12.30 7.78
O2 GAL F . -20.66 13.61 6.99
O3 GAL F . -20.67 16.46 7.46
O4 GAL F . -18.21 16.54 8.74
O5 GAL F . -17.08 14.34 7.43
O6 GAL F . -14.65 15.47 6.71
CA CA G . -12.20 16.41 -21.06
CA CA H . -20.51 21.86 19.34
#